data_1N6K
# 
_entry.id   1N6K 
# 
_audit_conform.dict_name       mmcif_pdbx.dic 
_audit_conform.dict_version    5.351 
_audit_conform.dict_location   http://mmcif.pdb.org/dictionaries/ascii/mmcif_pdbx.dic 
# 
loop_
_database_2.database_id 
_database_2.database_code 
_database_2.pdbx_database_accession 
_database_2.pdbx_DOI 
PDB   1N6K         pdb_00001n6k 10.2210/pdb1n6k/pdb 
RCSB  RCSB017581   ?            ?                   
WWPDB D_1000017581 ?            ?                   
# 
loop_
_pdbx_database_related.db_name 
_pdbx_database_related.db_id 
_pdbx_database_related.details 
_pdbx_database_related.content_type 
PDB 1N6H 'rab5a wild type'                       unspecified 
PDB 1N6I 'rab5a A30P mutant complex with GDP'    unspecified 
PDB 1N6L 'Rab5a A30P mutant complex with GTP'    unspecified 
PDB 1N6N 'Rab5a A30R mutant complex with GppNHp' unspecified 
PDB 1N6O 'Rab5a A30K mutant complex with GppNHp' unspecified 
PDB 1N6P 'Rab5a A30E mutant complex with GppNHp' unspecified 
PDB 1N6R 'Rab5a A30L mutant complex with GppNHp' unspecified 
# 
_pdbx_database_status.status_code                     REL 
_pdbx_database_status.entry_id                        1N6K 
_pdbx_database_status.recvd_initial_deposition_date   2002-11-11 
_pdbx_database_status.deposit_site                    RCSB 
_pdbx_database_status.process_site                    RCSB 
_pdbx_database_status.status_code_sf                  REL 
_pdbx_database_status.SG_entry                        . 
_pdbx_database_status.pdb_format_compatible           Y 
_pdbx_database_status.status_code_mr                  ? 
_pdbx_database_status.status_code_cs                  ? 
_pdbx_database_status.status_code_nmr_data            ? 
_pdbx_database_status.methods_development_category    ? 
# 
loop_
_audit_author.name 
_audit_author.pdbx_ordinal 
'Zhu, G.'     1 
'Liu, J.'     2 
'Terzyan, S.' 3 
'Zhai, P.'    4 
'Li, G.'      5 
'Zhang, X.C.' 6 
# 
_citation.id                        primary 
_citation.title                     
;High Resolution Crystal Structures of Human Rab5a and Five Mutants with Substitutions in the Catalytically Important Phosphate-Binding Loop
;
_citation.journal_abbrev            J.Biol.Chem. 
_citation.journal_volume            278 
_citation.page_first                2452 
_citation.page_last                 2460 
_citation.year                      2003 
_citation.journal_id_ASTM           JBCHA3 
_citation.country                   US 
_citation.journal_id_ISSN           0021-9258 
_citation.journal_id_CSD            0071 
_citation.book_publisher            ? 
_citation.pdbx_database_id_PubMed   12433916 
_citation.pdbx_database_id_DOI      10.1074/jbc.M211042200 
# 
loop_
_citation_author.citation_id 
_citation_author.name 
_citation_author.ordinal 
_citation_author.identifier_ORCID 
primary 'Zhu, G.'     1 ? 
primary 'Liu, J.'     2 ? 
primary 'Terzyan, S.' 3 ? 
primary 'Zhai, P.'    4 ? 
primary 'Li, G.'      5 ? 
primary 'Zhang, X.C.' 6 ? 
# 
_cell.entry_id           1N6K 
_cell.length_a           35.840 
_cell.length_b           64.040 
_cell.length_c           65.880 
_cell.angle_alpha        90.00 
_cell.angle_beta         90.00 
_cell.angle_gamma        90.00 
_cell.Z_PDB              4 
_cell.pdbx_unique_axis   ? 
# 
_symmetry.entry_id                         1N6K 
_symmetry.space_group_name_H-M             'P 21 21 21' 
_symmetry.pdbx_full_space_group_name_H-M   ? 
_symmetry.cell_setting                     ? 
_symmetry.Int_Tables_number                19 
# 
loop_
_entity.id 
_entity.type 
_entity.src_method 
_entity.pdbx_description 
_entity.formula_weight 
_entity.pdbx_number_of_molecules 
_entity.pdbx_ec 
_entity.pdbx_mutation 
_entity.pdbx_fragment 
_entity.details 
1 polymer     man 'Ras-related protein Rab-5A' 19013.609 1   ? A30P 'GTPASE DOMAIN' ? 
2 non-polymer syn 'MAGNESIUM ION'              24.305    1   ? ?    ?               ? 
3 non-polymer syn "GUANOSINE-5'-DIPHOSPHATE"   443.201   1   ? ?    ?               ? 
4 non-polymer syn 'ALUMINUM FLUORIDE'          83.977    1   ? ?    ?               ? 
5 non-polymer syn BETA-MERCAPTOETHANOL         78.133    1   ? ?    ?               ? 
6 water       nat water                        18.015    250 ? ?    ?               ? 
# 
_entity_name_com.entity_id   1 
_entity_name_com.name        Rab5A 
# 
_entity_poly.entity_id                      1 
_entity_poly.type                           'polypeptide(L)' 
_entity_poly.nstd_linkage                   no 
_entity_poly.nstd_monomer                   no 
_entity_poly.pdbx_seq_one_letter_code       
;GNKICQFKLVLLGESPVGKSSLVLRFVKGQFHEFQESTIGAAFLTQTVCLDDTTVKFEIWDTAGQERYHSLAPMYYRGAQ
AAIVVYDITNEESFARAKNWVKELQRQASPNIVIALSGNKADLANKRAVDFQEAQSYADDNSLLFMETSAKTSMNVNEIF
MAIAKKLPKN
;
_entity_poly.pdbx_seq_one_letter_code_can   
;GNKICQFKLVLLGESPVGKSSLVLRFVKGQFHEFQESTIGAAFLTQTVCLDDTTVKFEIWDTAGQERYHSLAPMYYRGAQ
AAIVVYDITNEESFARAKNWVKELQRQASPNIVIALSGNKADLANKRAVDFQEAQSYADDNSLLFMETSAKTSMNVNEIF
MAIAKKLPKN
;
_entity_poly.pdbx_strand_id                 A 
_entity_poly.pdbx_target_identifier         ? 
# 
loop_
_entity_poly_seq.entity_id 
_entity_poly_seq.num 
_entity_poly_seq.mon_id 
_entity_poly_seq.hetero 
1 1   GLY n 
1 2   ASN n 
1 3   LYS n 
1 4   ILE n 
1 5   CYS n 
1 6   GLN n 
1 7   PHE n 
1 8   LYS n 
1 9   LEU n 
1 10  VAL n 
1 11  LEU n 
1 12  LEU n 
1 13  GLY n 
1 14  GLU n 
1 15  SER n 
1 16  PRO n 
1 17  VAL n 
1 18  GLY n 
1 19  LYS n 
1 20  SER n 
1 21  SER n 
1 22  LEU n 
1 23  VAL n 
1 24  LEU n 
1 25  ARG n 
1 26  PHE n 
1 27  VAL n 
1 28  LYS n 
1 29  GLY n 
1 30  GLN n 
1 31  PHE n 
1 32  HIS n 
1 33  GLU n 
1 34  PHE n 
1 35  GLN n 
1 36  GLU n 
1 37  SER n 
1 38  THR n 
1 39  ILE n 
1 40  GLY n 
1 41  ALA n 
1 42  ALA n 
1 43  PHE n 
1 44  LEU n 
1 45  THR n 
1 46  GLN n 
1 47  THR n 
1 48  VAL n 
1 49  CYS n 
1 50  LEU n 
1 51  ASP n 
1 52  ASP n 
1 53  THR n 
1 54  THR n 
1 55  VAL n 
1 56  LYS n 
1 57  PHE n 
1 58  GLU n 
1 59  ILE n 
1 60  TRP n 
1 61  ASP n 
1 62  THR n 
1 63  ALA n 
1 64  GLY n 
1 65  GLN n 
1 66  GLU n 
1 67  ARG n 
1 68  TYR n 
1 69  HIS n 
1 70  SER n 
1 71  LEU n 
1 72  ALA n 
1 73  PRO n 
1 74  MET n 
1 75  TYR n 
1 76  TYR n 
1 77  ARG n 
1 78  GLY n 
1 79  ALA n 
1 80  GLN n 
1 81  ALA n 
1 82  ALA n 
1 83  ILE n 
1 84  VAL n 
1 85  VAL n 
1 86  TYR n 
1 87  ASP n 
1 88  ILE n 
1 89  THR n 
1 90  ASN n 
1 91  GLU n 
1 92  GLU n 
1 93  SER n 
1 94  PHE n 
1 95  ALA n 
1 96  ARG n 
1 97  ALA n 
1 98  LYS n 
1 99  ASN n 
1 100 TRP n 
1 101 VAL n 
1 102 LYS n 
1 103 GLU n 
1 104 LEU n 
1 105 GLN n 
1 106 ARG n 
1 107 GLN n 
1 108 ALA n 
1 109 SER n 
1 110 PRO n 
1 111 ASN n 
1 112 ILE n 
1 113 VAL n 
1 114 ILE n 
1 115 ALA n 
1 116 LEU n 
1 117 SER n 
1 118 GLY n 
1 119 ASN n 
1 120 LYS n 
1 121 ALA n 
1 122 ASP n 
1 123 LEU n 
1 124 ALA n 
1 125 ASN n 
1 126 LYS n 
1 127 ARG n 
1 128 ALA n 
1 129 VAL n 
1 130 ASP n 
1 131 PHE n 
1 132 GLN n 
1 133 GLU n 
1 134 ALA n 
1 135 GLN n 
1 136 SER n 
1 137 TYR n 
1 138 ALA n 
1 139 ASP n 
1 140 ASP n 
1 141 ASN n 
1 142 SER n 
1 143 LEU n 
1 144 LEU n 
1 145 PHE n 
1 146 MET n 
1 147 GLU n 
1 148 THR n 
1 149 SER n 
1 150 ALA n 
1 151 LYS n 
1 152 THR n 
1 153 SER n 
1 154 MET n 
1 155 ASN n 
1 156 VAL n 
1 157 ASN n 
1 158 GLU n 
1 159 ILE n 
1 160 PHE n 
1 161 MET n 
1 162 ALA n 
1 163 ILE n 
1 164 ALA n 
1 165 LYS n 
1 166 LYS n 
1 167 LEU n 
1 168 PRO n 
1 169 LYS n 
1 170 ASN n 
# 
_entity_src_gen.entity_id                          1 
_entity_src_gen.pdbx_src_id                        1 
_entity_src_gen.pdbx_alt_source_flag               sample 
_entity_src_gen.pdbx_seq_type                      ? 
_entity_src_gen.pdbx_beg_seq_num                   ? 
_entity_src_gen.pdbx_end_seq_num                   ? 
_entity_src_gen.gene_src_common_name               human 
_entity_src_gen.gene_src_genus                     Homo 
_entity_src_gen.pdbx_gene_src_gene                 ? 
_entity_src_gen.gene_src_species                   ? 
_entity_src_gen.gene_src_strain                    ? 
_entity_src_gen.gene_src_tissue                    ? 
_entity_src_gen.gene_src_tissue_fraction           ? 
_entity_src_gen.gene_src_details                   ? 
_entity_src_gen.pdbx_gene_src_fragment             ? 
_entity_src_gen.pdbx_gene_src_scientific_name      'Homo sapiens' 
_entity_src_gen.pdbx_gene_src_ncbi_taxonomy_id     9606 
_entity_src_gen.pdbx_gene_src_variant              ? 
_entity_src_gen.pdbx_gene_src_cell_line            ? 
_entity_src_gen.pdbx_gene_src_atcc                 ? 
_entity_src_gen.pdbx_gene_src_organ                ? 
_entity_src_gen.pdbx_gene_src_organelle            ? 
_entity_src_gen.pdbx_gene_src_cell                 ? 
_entity_src_gen.pdbx_gene_src_cellular_location    ? 
_entity_src_gen.host_org_common_name               ? 
_entity_src_gen.pdbx_host_org_scientific_name      'Escherichia coli BL21(DE3)' 
_entity_src_gen.pdbx_host_org_ncbi_taxonomy_id     469008 
_entity_src_gen.host_org_genus                     Escherichia 
_entity_src_gen.pdbx_host_org_gene                 ? 
_entity_src_gen.pdbx_host_org_organ                ? 
_entity_src_gen.host_org_species                   'Escherichia coli' 
_entity_src_gen.pdbx_host_org_tissue               ? 
_entity_src_gen.pdbx_host_org_tissue_fraction      ? 
_entity_src_gen.pdbx_host_org_strain               'BL21(DE3)' 
_entity_src_gen.pdbx_host_org_variant              ? 
_entity_src_gen.pdbx_host_org_cell_line            ? 
_entity_src_gen.pdbx_host_org_atcc                 ? 
_entity_src_gen.pdbx_host_org_culture_collection   ? 
_entity_src_gen.pdbx_host_org_cell                 ? 
_entity_src_gen.pdbx_host_org_organelle            ? 
_entity_src_gen.pdbx_host_org_cellular_location    ? 
_entity_src_gen.pdbx_host_org_vector_type          PLASMID 
_entity_src_gen.pdbx_host_org_vector               ? 
_entity_src_gen.host_org_details                   ? 
_entity_src_gen.expression_system_id               ? 
_entity_src_gen.plasmid_name                       pET11a 
_entity_src_gen.plasmid_details                    ? 
_entity_src_gen.pdbx_description                   ? 
# 
_struct_ref.id                         1 
_struct_ref.db_name                    UNP 
_struct_ref.db_code                    RAB5A_HUMAN 
_struct_ref.entity_id                  1 
_struct_ref.pdbx_seq_one_letter_code   
;GNKICQFKLVLLGESAVGKSSLVLRFVKGQFHEFQESTIGAAFLTQTVCLDDTTVKFEIWDTAGQERYHSLAPMYYRGAQ
AAIVVYDITNEESFARAKNWVKELQRQASPNIVIALSGNKADLANKRAVDFQEAQSYADDNSLLFMETSAKTSMNVNEIF
MAIAKKLPKN
;
_struct_ref.pdbx_align_begin           15 
_struct_ref.pdbx_db_accession          P20339 
_struct_ref.pdbx_db_isoform            ? 
# 
_struct_ref_seq.align_id                      1 
_struct_ref_seq.ref_id                        1 
_struct_ref_seq.pdbx_PDB_id_code              1N6K 
_struct_ref_seq.pdbx_strand_id                A 
_struct_ref_seq.seq_align_beg                 1 
_struct_ref_seq.pdbx_seq_align_beg_ins_code   ? 
_struct_ref_seq.seq_align_end                 170 
_struct_ref_seq.pdbx_seq_align_end_ins_code   ? 
_struct_ref_seq.pdbx_db_accession             P20339 
_struct_ref_seq.db_align_beg                  15 
_struct_ref_seq.pdbx_db_align_beg_ins_code    ? 
_struct_ref_seq.db_align_end                  184 
_struct_ref_seq.pdbx_db_align_end_ins_code    ? 
_struct_ref_seq.pdbx_auth_seq_align_beg       15 
_struct_ref_seq.pdbx_auth_seq_align_end       184 
# 
_struct_ref_seq_dif.align_id                     1 
_struct_ref_seq_dif.pdbx_pdb_id_code             1N6K 
_struct_ref_seq_dif.mon_id                       PRO 
_struct_ref_seq_dif.pdbx_pdb_strand_id           A 
_struct_ref_seq_dif.seq_num                      16 
_struct_ref_seq_dif.pdbx_pdb_ins_code            ? 
_struct_ref_seq_dif.pdbx_seq_db_name             UNP 
_struct_ref_seq_dif.pdbx_seq_db_accession_code   P20339 
_struct_ref_seq_dif.db_mon_id                    ALA 
_struct_ref_seq_dif.pdbx_seq_db_seq_num          30 
_struct_ref_seq_dif.details                      'engineered mutation' 
_struct_ref_seq_dif.pdbx_auth_seq_num            30 
_struct_ref_seq_dif.pdbx_ordinal                 1 
# 
loop_
_chem_comp.id 
_chem_comp.type 
_chem_comp.mon_nstd_flag 
_chem_comp.name 
_chem_comp.pdbx_synonyms 
_chem_comp.formula 
_chem_comp.formula_weight 
AF3 non-polymer         . 'ALUMINUM FLUORIDE'        ? 'Al F3'             83.977  
ALA 'L-peptide linking' y ALANINE                    ? 'C3 H7 N O2'        89.093  
ARG 'L-peptide linking' y ARGININE                   ? 'C6 H15 N4 O2 1'    175.209 
ASN 'L-peptide linking' y ASPARAGINE                 ? 'C4 H8 N2 O3'       132.118 
ASP 'L-peptide linking' y 'ASPARTIC ACID'            ? 'C4 H7 N O4'        133.103 
BME non-polymer         . BETA-MERCAPTOETHANOL       ? 'C2 H6 O S'         78.133  
CYS 'L-peptide linking' y CYSTEINE                   ? 'C3 H7 N O2 S'      121.158 
GDP 'RNA linking'       n "GUANOSINE-5'-DIPHOSPHATE" ? 'C10 H15 N5 O11 P2' 443.201 
GLN 'L-peptide linking' y GLUTAMINE                  ? 'C5 H10 N2 O3'      146.144 
GLU 'L-peptide linking' y 'GLUTAMIC ACID'            ? 'C5 H9 N O4'        147.129 
GLY 'peptide linking'   y GLYCINE                    ? 'C2 H5 N O2'        75.067  
HIS 'L-peptide linking' y HISTIDINE                  ? 'C6 H10 N3 O2 1'    156.162 
HOH non-polymer         . WATER                      ? 'H2 O'              18.015  
ILE 'L-peptide linking' y ISOLEUCINE                 ? 'C6 H13 N O2'       131.173 
LEU 'L-peptide linking' y LEUCINE                    ? 'C6 H13 N O2'       131.173 
LYS 'L-peptide linking' y LYSINE                     ? 'C6 H15 N2 O2 1'    147.195 
MET 'L-peptide linking' y METHIONINE                 ? 'C5 H11 N O2 S'     149.211 
MG  non-polymer         . 'MAGNESIUM ION'            ? 'Mg 2'              24.305  
PHE 'L-peptide linking' y PHENYLALANINE              ? 'C9 H11 N O2'       165.189 
PRO 'L-peptide linking' y PROLINE                    ? 'C5 H9 N O2'        115.130 
SER 'L-peptide linking' y SERINE                     ? 'C3 H7 N O3'        105.093 
THR 'L-peptide linking' y THREONINE                  ? 'C4 H9 N O3'        119.119 
TRP 'L-peptide linking' y TRYPTOPHAN                 ? 'C11 H12 N2 O2'     204.225 
TYR 'L-peptide linking' y TYROSINE                   ? 'C9 H11 N O3'       181.189 
VAL 'L-peptide linking' y VALINE                     ? 'C5 H11 N O2'       117.146 
# 
_exptl.entry_id          1N6K 
_exptl.method            'X-RAY DIFFRACTION' 
_exptl.crystals_number   1 
# 
_exptl_crystal.id                    1 
_exptl_crystal.density_meas          ? 
_exptl_crystal.density_Matthews      2 
_exptl_crystal.density_percent_sol   37.5 
_exptl_crystal.description           ? 
# 
_exptl_crystal_grow.crystal_id      1 
_exptl_crystal_grow.method          'VAPOR DIFFUSION, HANGING DROP' 
_exptl_crystal_grow.temp            298 
_exptl_crystal_grow.temp_details    ? 
_exptl_crystal_grow.pH              6.0 
_exptl_crystal_grow.pdbx_details    'PEG 6000, sodium chloride, MES, pH 6.0, VAPOR DIFFUSION, HANGING DROP, temperature 298K' 
_exptl_crystal_grow.pdbx_pH_range   . 
# 
_diffrn.id                     1 
_diffrn.ambient_temp           100 
_diffrn.ambient_temp_details   ? 
_diffrn.crystal_id             1 
# 
_diffrn_detector.diffrn_id              1 
_diffrn_detector.detector               'IMAGE PLATE' 
_diffrn_detector.type                   MARRESEARCH 
_diffrn_detector.pdbx_collection_date   2002-09-03 
_diffrn_detector.details                ? 
# 
_diffrn_radiation.diffrn_id                        1 
_diffrn_radiation.wavelength_id                    1 
_diffrn_radiation.pdbx_monochromatic_or_laue_m_l   M 
_diffrn_radiation.monochromator                    'OSMIC OPTICS' 
_diffrn_radiation.pdbx_diffrn_protocol             'SINGLE WAVELENGTH' 
_diffrn_radiation.pdbx_scattering_type             x-ray 
# 
_diffrn_radiation_wavelength.id           1 
_diffrn_radiation_wavelength.wavelength   1.5418 
_diffrn_radiation_wavelength.wt           1.0 
# 
_diffrn_source.diffrn_id                   1 
_diffrn_source.source                      'ROTATING ANODE' 
_diffrn_source.type                        RIGAKU 
_diffrn_source.pdbx_synchrotron_site       ? 
_diffrn_source.pdbx_synchrotron_beamline   ? 
_diffrn_source.pdbx_wavelength             ? 
_diffrn_source.pdbx_wavelength_list        1.5418 
# 
_reflns.entry_id                     1N6K 
_reflns.observed_criterion_sigma_F   0.0 
_reflns.observed_criterion_sigma_I   0.0 
_reflns.d_resolution_high            1.55 
_reflns.d_resolution_low             20 
_reflns.number_all                   22654 
_reflns.number_obs                   22063 
_reflns.percent_possible_obs         97.3 
_reflns.pdbx_Rmerge_I_obs            0.049 
_reflns.pdbx_Rsym_value              ? 
_reflns.pdbx_netI_over_sigmaI        31.0 
_reflns.B_iso_Wilson_estimate        19.6 
_reflns.pdbx_redundancy              5.1 
_reflns.R_free_details               ? 
_reflns.limit_h_max                  ? 
_reflns.limit_h_min                  ? 
_reflns.limit_k_max                  ? 
_reflns.limit_k_min                  ? 
_reflns.limit_l_max                  ? 
_reflns.limit_l_min                  ? 
_reflns.observed_criterion_F_max     ? 
_reflns.observed_criterion_F_min     ? 
_reflns.pdbx_diffrn_id               1 
_reflns.pdbx_ordinal                 1 
_reflns.pdbx_CC_half                 ? 
_reflns.pdbx_CC_star                 ? 
_reflns.pdbx_Rpim_I_all              ? 
_reflns.pdbx_Rrim_I_all              ? 
# 
_reflns_shell.d_res_high             1.55 
_reflns_shell.d_res_low              1.61 
_reflns_shell.percent_possible_all   91.9 
_reflns_shell.Rmerge_I_obs           0.35 
_reflns_shell.pdbx_Rsym_value        ? 
_reflns_shell.meanI_over_sigI_obs    3.7 
_reflns_shell.pdbx_redundancy        ? 
_reflns_shell.percent_possible_obs   ? 
_reflns_shell.number_unique_all      ? 
_reflns_shell.pdbx_diffrn_id         ? 
_reflns_shell.pdbx_ordinal           1 
_reflns_shell.number_measured_obs    ? 
_reflns_shell.number_unique_obs      ? 
_reflns_shell.pdbx_CC_half           ? 
_reflns_shell.pdbx_CC_star           ? 
_reflns_shell.pdbx_Rpim_I_all        ? 
_reflns_shell.pdbx_Rrim_I_all        ? 
# 
_refine.entry_id                                 1N6K 
_refine.ls_d_res_high                            1.55 
_refine.ls_d_res_low                             20 
_refine.pdbx_ls_sigma_F                          0.0 
_refine.pdbx_ls_sigma_I                          ? 
_refine.ls_number_reflns_all                     22654 
_refine.ls_number_reflns_obs                     22062 
_refine.ls_number_reflns_R_free                  1072 
_refine.ls_percent_reflns_obs                    97.3 
_refine.ls_R_factor_all                          0.18 
_refine.ls_R_factor_obs                          0.18 
_refine.ls_R_factor_R_work                       0.177 
_refine.ls_R_factor_R_free                       0.2 
_refine.ls_redundancy_reflns_obs                 ? 
_refine.pdbx_data_cutoff_high_absF               ? 
_refine.pdbx_data_cutoff_low_absF                ? 
_refine.ls_number_parameters                     ? 
_refine.ls_number_restraints                     ? 
_refine.ls_percent_reflns_R_free                 ? 
_refine.ls_R_factor_R_free_error                 ? 
_refine.ls_R_factor_R_free_error_details         ? 
_refine.pdbx_method_to_determine_struct          'FOURIER SYNTHESIS' 
_refine.pdbx_starting_model                      ? 
_refine.pdbx_ls_cross_valid_method               THROUGHOUT 
_refine.pdbx_R_Free_selection_details            RANDOM 
_refine.pdbx_stereochem_target_val_spec_case     ? 
_refine.pdbx_stereochemistry_target_values       'Engh & Huber' 
_refine.solvent_model_details                    ? 
_refine.solvent_model_param_bsol                 ? 
_refine.solvent_model_param_ksol                 ? 
_refine.occupancy_max                            ? 
_refine.occupancy_min                            ? 
_refine.pdbx_isotropic_thermal_model             ? 
_refine.B_iso_mean                               ? 
_refine.aniso_B[1][1]                            1.388 
_refine.aniso_B[1][2]                            0 
_refine.aniso_B[1][3]                            0 
_refine.aniso_B[2][2]                            -1.390 
_refine.aniso_B[2][3]                            0 
_refine.aniso_B[3][3]                            0.002 
_refine.details                                  ? 
_refine.B_iso_min                                ? 
_refine.B_iso_max                                ? 
_refine.correlation_coeff_Fo_to_Fc               ? 
_refine.correlation_coeff_Fo_to_Fc_free          ? 
_refine.pdbx_solvent_vdw_probe_radii             ? 
_refine.pdbx_solvent_ion_probe_radii             ? 
_refine.pdbx_solvent_shrinkage_radii             ? 
_refine.overall_SU_R_Cruickshank_DPI             ? 
_refine.overall_SU_R_free                        ? 
_refine.overall_SU_B                             ? 
_refine.overall_SU_ML                            ? 
_refine.pdbx_overall_ESU_R                       ? 
_refine.pdbx_overall_ESU_R_Free                  ? 
_refine.pdbx_data_cutoff_high_rms_absF           ? 
_refine.pdbx_refine_id                           'X-RAY DIFFRACTION' 
_refine.pdbx_diffrn_id                           1 
_refine.pdbx_TLS_residual_ADP_flag               ? 
_refine.pdbx_overall_phase_error                 ? 
_refine.pdbx_overall_SU_R_free_Cruickshank_DPI   ? 
_refine.pdbx_overall_SU_R_Blow_DPI               ? 
_refine.pdbx_overall_SU_R_free_Blow_DPI          ? 
# 
_refine_analyze.entry_id                        1N6K 
_refine_analyze.Luzzati_coordinate_error_obs    0.16 
_refine_analyze.Luzzati_sigma_a_obs             0.09 
_refine_analyze.Luzzati_d_res_low_obs           5 
_refine_analyze.Luzzati_coordinate_error_free   0.20 
_refine_analyze.Luzzati_sigma_a_free            0.09 
_refine_analyze.Luzzati_d_res_low_free          ? 
_refine_analyze.number_disordered_residues      ? 
_refine_analyze.occupancy_sum_non_hydrogen      ? 
_refine_analyze.occupancy_sum_hydrogen          ? 
_refine_analyze.pdbx_Luzzati_d_res_high_obs     ? 
_refine_analyze.pdbx_refine_id                  'X-RAY DIFFRACTION' 
# 
_refine_hist.pdbx_refine_id                   'X-RAY DIFFRACTION' 
_refine_hist.cycle_id                         LAST 
_refine_hist.pdbx_number_atoms_protein        1340 
_refine_hist.pdbx_number_atoms_nucleic_acid   0 
_refine_hist.pdbx_number_atoms_ligand         37 
_refine_hist.number_atoms_solvent             250 
_refine_hist.number_atoms_total               1627 
_refine_hist.d_res_high                       1.55 
_refine_hist.d_res_low                        20 
# 
loop_
_refine_ls_restr.type 
_refine_ls_restr.dev_ideal 
_refine_ls_restr.dev_ideal_target 
_refine_ls_restr.weight 
_refine_ls_restr.number 
_refine_ls_restr.pdbx_refine_id 
_refine_ls_restr.pdbx_restraint_function 
c_bond_d     0.011 ?   ? ? 'X-RAY DIFFRACTION' ? 
c_angle_deg  1.56  ?   ? ? 'X-RAY DIFFRACTION' ? 
c_mcbond_it  1.923 1.5 ? ? 'X-RAY DIFFRACTION' ? 
c_mcangle_it 2.600 2   ? ? 'X-RAY DIFFRACTION' ? 
c_scangle_it 3.567 2   ? ? 'X-RAY DIFFRACTION' ? 
c_scbond_it  4.825 2.5 ? ? 'X-RAY DIFFRACTION' ? 
# 
loop_
_pdbx_xplor_file.serial_no 
_pdbx_xplor_file.param_file 
_pdbx_xplor_file.topol_file 
_pdbx_xplor_file.pdbx_refine_id 
1 protein_rep.param protein.top 'X-RAY DIFFRACTION' 
2 gdp.param         gdp.top     'X-RAY DIFFRACTION' 
3 water_rep.param   water.top   'X-RAY DIFFRACTION' 
4 ion.param         ion.top     'X-RAY DIFFRACTION' 
5 bme1.param        bme1.top    'X-RAY DIFFRACTION' 
# 
_struct.entry_id                  1N6K 
_struct.title                     'Crystal Structure of Human Rab5a A30P mutant complex with GDP and aluminum fluoride' 
_struct.pdbx_model_details        ? 
_struct.pdbx_CASP_flag            ? 
_struct.pdbx_model_type_details   ? 
# 
_struct_keywords.entry_id        1N6K 
_struct_keywords.pdbx_keywords   'PROTEIN TRANSPORT' 
_struct_keywords.text            'Rab, GTPase, protein transport' 
# 
loop_
_struct_asym.id 
_struct_asym.pdbx_blank_PDB_chainid_flag 
_struct_asym.pdbx_modified 
_struct_asym.entity_id 
_struct_asym.details 
A N N 1 ? 
B N N 2 ? 
C N N 3 ? 
D N N 4 ? 
E N N 5 ? 
F N N 6 ? 
# 
loop_
_struct_conf.conf_type_id 
_struct_conf.id 
_struct_conf.pdbx_PDB_helix_id 
_struct_conf.beg_label_comp_id 
_struct_conf.beg_label_asym_id 
_struct_conf.beg_label_seq_id 
_struct_conf.pdbx_beg_PDB_ins_code 
_struct_conf.end_label_comp_id 
_struct_conf.end_label_asym_id 
_struct_conf.end_label_seq_id 
_struct_conf.pdbx_end_PDB_ins_code 
_struct_conf.beg_auth_comp_id 
_struct_conf.beg_auth_asym_id 
_struct_conf.beg_auth_seq_id 
_struct_conf.end_auth_comp_id 
_struct_conf.end_auth_asym_id 
_struct_conf.end_auth_seq_id 
_struct_conf.pdbx_PDB_helix_class 
_struct_conf.details 
_struct_conf.pdbx_PDB_helix_length 
HELX_P HELX_P1 1 GLY A 18  ? GLY A 29  ? GLY A 32  GLY A 43  1 ? 12 
HELX_P HELX_P2 2 GLN A 65  ? SER A 70  ? GLN A 79  SER A 84  5 ? 6  
HELX_P HELX_P3 3 LEU A 71  ? ARG A 77  ? LEU A 85  ARG A 91  1 ? 7  
HELX_P HELX_P4 4 ASN A 90  ? ALA A 108 ? ASN A 104 ALA A 122 1 ? 19 
HELX_P HELX_P5 5 LYS A 120 ? ARG A 127 ? LYS A 134 ARG A 141 5 ? 8  
HELX_P HELX_P6 6 ASP A 130 ? ASN A 141 ? ASP A 144 ASN A 155 1 ? 12 
HELX_P HELX_P7 7 ASN A 155 ? LYS A 166 ? ASN A 169 LYS A 180 1 ? 12 
# 
_struct_conf_type.id          HELX_P 
_struct_conf_type.criteria    ? 
_struct_conf_type.reference   ? 
# 
loop_
_struct_conn.id 
_struct_conn.conn_type_id 
_struct_conn.pdbx_leaving_atom_flag 
_struct_conn.pdbx_PDB_id 
_struct_conn.ptnr1_label_asym_id 
_struct_conn.ptnr1_label_comp_id 
_struct_conn.ptnr1_label_seq_id 
_struct_conn.ptnr1_label_atom_id 
_struct_conn.pdbx_ptnr1_label_alt_id 
_struct_conn.pdbx_ptnr1_PDB_ins_code 
_struct_conn.pdbx_ptnr1_standard_comp_id 
_struct_conn.ptnr1_symmetry 
_struct_conn.ptnr2_label_asym_id 
_struct_conn.ptnr2_label_comp_id 
_struct_conn.ptnr2_label_seq_id 
_struct_conn.ptnr2_label_atom_id 
_struct_conn.pdbx_ptnr2_label_alt_id 
_struct_conn.pdbx_ptnr2_PDB_ins_code 
_struct_conn.ptnr1_auth_asym_id 
_struct_conn.ptnr1_auth_comp_id 
_struct_conn.ptnr1_auth_seq_id 
_struct_conn.ptnr2_auth_asym_id 
_struct_conn.ptnr2_auth_comp_id 
_struct_conn.ptnr2_auth_seq_id 
_struct_conn.ptnr2_symmetry 
_struct_conn.pdbx_ptnr3_label_atom_id 
_struct_conn.pdbx_ptnr3_label_seq_id 
_struct_conn.pdbx_ptnr3_label_comp_id 
_struct_conn.pdbx_ptnr3_label_asym_id 
_struct_conn.pdbx_ptnr3_label_alt_id 
_struct_conn.pdbx_ptnr3_PDB_ins_code 
_struct_conn.details 
_struct_conn.pdbx_dist_value 
_struct_conn.pdbx_value_order 
_struct_conn.pdbx_role 
covale1  covale none ? A CYS 49 SG  ? ? ? 1_555 E BME . S2 ? ? A CYS 63  A BME 210 1_555 ? ? ? ? ? ? ? 2.039 ? ? 
metalc1  metalc ?    ? A SER 15 OG  ? ? ? 1_555 D AF3 . AL ? ? A SER 29  A AF3 202 1_555 ? ? ? ? ? ? ? 2.428 ? ? 
metalc2  metalc ?    ? A SER 20 OG  ? ? ? 1_555 B MG  . MG ? ? A SER 34  A MG  201 1_555 ? ? ? ? ? ? ? 2.136 ? ? 
metalc3  metalc ?    ? A THR 38 OG1 ? ? ? 1_555 B MG  . MG ? ? A THR 52  A MG  201 1_555 ? ? ? ? ? ? ? 2.152 ? ? 
metalc4  metalc ?    ? C GDP .  O3B ? ? ? 1_555 B MG  . MG ? ? A GDP 200 A MG  201 1_555 ? ? ? ? ? ? ? 2.037 ? ? 
metalc5  metalc ?    ? C GDP .  O2B ? ? ? 1_555 D AF3 . AL ? ? A GDP 200 A AF3 202 1_555 ? ? ? ? ? ? ? 1.963 ? ? 
metalc6  metalc ?    ? C GDP .  O3B ? ? ? 1_555 D AF3 . AL ? ? A GDP 200 A AF3 202 1_555 ? ? ? ? ? ? ? 3.599 ? ? 
metalc7  metalc ?    ? B MG  .  MG  ? ? ? 1_555 D AF3 . F2 ? ? A MG  201 A AF3 202 1_555 ? ? ? ? ? ? ? 1.964 ? ? 
metalc8  metalc ?    ? B MG  .  MG  ? ? ? 1_555 D AF3 . AL ? ? A MG  201 A AF3 202 1_555 ? ? ? ? ? ? ? 3.445 ? ? 
metalc9  metalc ?    ? B MG  .  MG  ? ? ? 1_555 F HOH . O  ? ? A MG  201 A HOH 301 1_555 ? ? ? ? ? ? ? 2.088 ? ? 
metalc10 metalc ?    ? B MG  .  MG  ? ? ? 1_555 F HOH . O  ? ? A MG  201 A HOH 302 1_555 ? ? ? ? ? ? ? 2.148 ? ? 
metalc11 metalc ?    ? D AF3 .  AL  ? ? ? 1_555 F HOH . O  ? ? A AF3 202 A HOH 303 1_555 ? ? ? ? ? ? ? 2.142 ? ? 
# 
loop_
_struct_conn_type.id 
_struct_conn_type.criteria 
_struct_conn_type.reference 
covale ? ? 
metalc ? ? 
# 
loop_
_struct_mon_prot_cis.pdbx_id 
_struct_mon_prot_cis.label_comp_id 
_struct_mon_prot_cis.label_seq_id 
_struct_mon_prot_cis.label_asym_id 
_struct_mon_prot_cis.label_alt_id 
_struct_mon_prot_cis.pdbx_PDB_ins_code 
_struct_mon_prot_cis.auth_comp_id 
_struct_mon_prot_cis.auth_seq_id 
_struct_mon_prot_cis.auth_asym_id 
_struct_mon_prot_cis.pdbx_label_comp_id_2 
_struct_mon_prot_cis.pdbx_label_seq_id_2 
_struct_mon_prot_cis.pdbx_label_asym_id_2 
_struct_mon_prot_cis.pdbx_PDB_ins_code_2 
_struct_mon_prot_cis.pdbx_auth_comp_id_2 
_struct_mon_prot_cis.pdbx_auth_seq_id_2 
_struct_mon_prot_cis.pdbx_auth_asym_id_2 
_struct_mon_prot_cis.pdbx_PDB_model_num 
_struct_mon_prot_cis.pdbx_omega_angle 
1 SER 15 A . ? SER 29 A PRO 16 A ? PRO 30 A 1 -1.21 
2 SER 15 A . ? SER 29 A PRO 16 A ? PRO 30 A 1 -0.94 
# 
_struct_sheet.id               A 
_struct_sheet.type             ? 
_struct_sheet.number_strands   6 
_struct_sheet.details          ? 
# 
loop_
_struct_sheet_order.sheet_id 
_struct_sheet_order.range_id_1 
_struct_sheet_order.range_id_2 
_struct_sheet_order.offset 
_struct_sheet_order.sense 
A 1 2 ? anti-parallel 
A 2 3 ? parallel      
A 3 4 ? parallel      
A 4 5 ? parallel      
A 5 6 ? parallel      
# 
loop_
_struct_sheet_range.sheet_id 
_struct_sheet_range.id 
_struct_sheet_range.beg_label_comp_id 
_struct_sheet_range.beg_label_asym_id 
_struct_sheet_range.beg_label_seq_id 
_struct_sheet_range.pdbx_beg_PDB_ins_code 
_struct_sheet_range.end_label_comp_id 
_struct_sheet_range.end_label_asym_id 
_struct_sheet_range.end_label_seq_id 
_struct_sheet_range.pdbx_end_PDB_ins_code 
_struct_sheet_range.beg_auth_comp_id 
_struct_sheet_range.beg_auth_asym_id 
_struct_sheet_range.beg_auth_seq_id 
_struct_sheet_range.end_auth_comp_id 
_struct_sheet_range.end_auth_asym_id 
_struct_sheet_range.end_auth_seq_id 
A 1 ALA A 41  ? LEU A 50  ? ALA A 55  LEU A 64  
A 2 THR A 53  ? THR A 62  ? THR A 67  THR A 76  
A 3 LYS A 3   ? LEU A 12  ? LYS A 17  LEU A 26  
A 4 ALA A 81  ? ASP A 87  ? ALA A 95  ASP A 101 
A 5 VAL A 113 ? ASN A 119 ? VAL A 127 ASN A 133 
A 6 LEU A 144 ? GLU A 147 ? LEU A 158 GLU A 161 
# 
loop_
_pdbx_struct_sheet_hbond.sheet_id 
_pdbx_struct_sheet_hbond.range_id_1 
_pdbx_struct_sheet_hbond.range_id_2 
_pdbx_struct_sheet_hbond.range_1_label_atom_id 
_pdbx_struct_sheet_hbond.range_1_label_comp_id 
_pdbx_struct_sheet_hbond.range_1_label_asym_id 
_pdbx_struct_sheet_hbond.range_1_label_seq_id 
_pdbx_struct_sheet_hbond.range_1_PDB_ins_code 
_pdbx_struct_sheet_hbond.range_1_auth_atom_id 
_pdbx_struct_sheet_hbond.range_1_auth_comp_id 
_pdbx_struct_sheet_hbond.range_1_auth_asym_id 
_pdbx_struct_sheet_hbond.range_1_auth_seq_id 
_pdbx_struct_sheet_hbond.range_2_label_atom_id 
_pdbx_struct_sheet_hbond.range_2_label_comp_id 
_pdbx_struct_sheet_hbond.range_2_label_asym_id 
_pdbx_struct_sheet_hbond.range_2_label_seq_id 
_pdbx_struct_sheet_hbond.range_2_PDB_ins_code 
_pdbx_struct_sheet_hbond.range_2_auth_atom_id 
_pdbx_struct_sheet_hbond.range_2_auth_comp_id 
_pdbx_struct_sheet_hbond.range_2_auth_asym_id 
_pdbx_struct_sheet_hbond.range_2_auth_seq_id 
A 1 2 N GLN A 46  ? N GLN A 60  O PHE A 57  ? O PHE A 71  
A 2 3 O THR A 54  ? O THR A 68  N LYS A 3   ? N LYS A 17  
A 3 4 N LEU A 12  ? N LEU A 26  O VAL A 85  ? O VAL A 99  
A 4 5 N ALA A 82  ? N ALA A 96  O ALA A 115 ? O ALA A 129 
A 5 6 N LEU A 116 ? N LEU A 130 O LEU A 144 ? O LEU A 158 
# 
loop_
_struct_site.id 
_struct_site.pdbx_evidence_code 
_struct_site.pdbx_auth_asym_id 
_struct_site.pdbx_auth_comp_id 
_struct_site.pdbx_auth_seq_id 
_struct_site.pdbx_auth_ins_code 
_struct_site.pdbx_num_residues 
_struct_site.details 
AC1 Software A MG  201 ? 6  'BINDING SITE FOR RESIDUE MG A 201'  
AC2 Software A GDP 200 ? 27 'BINDING SITE FOR RESIDUE GDP A 200' 
AC3 Software A AF3 202 ? 12 'BINDING SITE FOR RESIDUE AF3 A 202' 
AC4 Software A BME 210 ? 7  'BINDING SITE FOR RESIDUE BME A 210' 
# 
loop_
_struct_site_gen.id 
_struct_site_gen.site_id 
_struct_site_gen.pdbx_num_res 
_struct_site_gen.label_comp_id 
_struct_site_gen.label_asym_id 
_struct_site_gen.label_seq_id 
_struct_site_gen.pdbx_auth_ins_code 
_struct_site_gen.auth_comp_id 
_struct_site_gen.auth_asym_id 
_struct_site_gen.auth_seq_id 
_struct_site_gen.label_atom_id 
_struct_site_gen.label_alt_id 
_struct_site_gen.symmetry 
_struct_site_gen.details 
1  AC1 6  SER A 20  ? SER A 34  . ? 1_555 ? 
2  AC1 6  THR A 38  ? THR A 52  . ? 1_555 ? 
3  AC1 6  GDP C .   ? GDP A 200 . ? 1_555 ? 
4  AC1 6  AF3 D .   ? AF3 A 202 . ? 1_555 ? 
5  AC1 6  HOH F .   ? HOH A 301 . ? 1_555 ? 
6  AC1 6  HOH F .   ? HOH A 302 . ? 1_555 ? 
7  AC2 27 SER A 15  ? SER A 29  . ? 1_555 ? 
8  AC2 27 PRO A 16  ? PRO A 30  . ? 1_555 ? 
9  AC2 27 VAL A 17  ? VAL A 31  . ? 1_555 ? 
10 AC2 27 GLY A 18  ? GLY A 32  . ? 1_555 ? 
11 AC2 27 LYS A 19  ? LYS A 33  . ? 1_555 ? 
12 AC2 27 SER A 20  ? SER A 34  . ? 1_555 ? 
13 AC2 27 SER A 21  ? SER A 35  . ? 1_555 ? 
14 AC2 27 PHE A 31  ? PHE A 45  . ? 1_555 ? 
15 AC2 27 HIS A 32  ? HIS A 46  . ? 1_555 ? 
16 AC2 27 GLU A 33  ? GLU A 47  . ? 1_555 ? 
17 AC2 27 GLN A 35  ? GLN A 49  . ? 1_555 ? 
18 AC2 27 ASN A 119 ? ASN A 133 . ? 1_555 ? 
19 AC2 27 LYS A 120 ? LYS A 134 . ? 1_555 ? 
20 AC2 27 ASP A 122 ? ASP A 136 . ? 1_555 ? 
21 AC2 27 LEU A 123 ? LEU A 137 . ? 1_555 ? 
22 AC2 27 SER A 149 ? SER A 163 . ? 1_555 ? 
23 AC2 27 ALA A 150 ? ALA A 164 . ? 1_555 ? 
24 AC2 27 LYS A 151 ? LYS A 165 . ? 1_555 ? 
25 AC2 27 LYS A 166 ? LYS A 180 . ? 2_555 ? 
26 AC2 27 MG  B .   ? MG  A 201 . ? 1_555 ? 
27 AC2 27 AF3 D .   ? AF3 A 202 . ? 1_555 ? 
28 AC2 27 HOH F .   ? HOH A 301 . ? 1_555 ? 
29 AC2 27 HOH F .   ? HOH A 302 . ? 1_555 ? 
30 AC2 27 HOH F .   ? HOH A 304 . ? 1_555 ? 
31 AC2 27 HOH F .   ? HOH A 333 . ? 1_555 ? 
32 AC2 27 HOH F .   ? HOH A 341 . ? 1_555 ? 
33 AC2 27 HOH F .   ? HOH A 400 . ? 1_555 ? 
34 AC3 12 SER A 15  ? SER A 29  . ? 1_555 ? 
35 AC3 12 LYS A 19  ? LYS A 33  . ? 1_555 ? 
36 AC3 12 SER A 37  ? SER A 51  . ? 1_555 ? 
37 AC3 12 THR A 38  ? THR A 52  . ? 1_555 ? 
38 AC3 12 ALA A 63  ? ALA A 77  . ? 1_555 ? 
39 AC3 12 GLY A 64  ? GLY A 78  . ? 1_555 ? 
40 AC3 12 GDP C .   ? GDP A 200 . ? 1_555 ? 
41 AC3 12 MG  B .   ? MG  A 201 . ? 1_555 ? 
42 AC3 12 HOH F .   ? HOH A 301 . ? 1_555 ? 
43 AC3 12 HOH F .   ? HOH A 302 . ? 1_555 ? 
44 AC3 12 HOH F .   ? HOH A 303 . ? 1_555 ? 
45 AC3 12 HOH F .   ? HOH A 304 . ? 1_555 ? 
46 AC4 7  GLY A 1   ? GLY A 15  . ? 1_555 ? 
47 AC4 7  ALA A 41  ? ALA A 55  . ? 4_556 ? 
48 AC4 7  CYS A 49  ? CYS A 63  . ? 1_555 ? 
49 AC4 7  ASP A 51  ? ASP A 65  . ? 1_555 ? 
50 AC4 7  ASP A 52  ? ASP A 66  . ? 1_555 ? 
51 AC4 7  THR A 53  ? THR A 67  . ? 1_555 ? 
52 AC4 7  THR A 54  ? THR A 68  . ? 1_555 ? 
# 
_atom_sites.entry_id                    1N6K 
_atom_sites.fract_transf_matrix[1][1]   0.01983609 
_atom_sites.fract_transf_matrix[1][2]   -0.01961258 
_atom_sites.fract_transf_matrix[1][3]   -0.00063079 
_atom_sites.fract_transf_matrix[2][1]   -0.00966117 
_atom_sites.fract_transf_matrix[2][2]   -0.00952253 
_atom_sites.fract_transf_matrix[2][3]   -0.00773379 
_atom_sites.fract_transf_matrix[3][1]   0.00507510 
_atom_sites.fract_transf_matrix[3][2]   0.00555690 
_atom_sites.fract_transf_matrix[3][3]   -0.01318204 
_atom_sites.fract_transf_vector[1]      0.101859 
_atom_sites.fract_transf_vector[2]      0.022444 
_atom_sites.fract_transf_vector[3]      0.477516 
# 
loop_
_atom_type.symbol 
AL 
C  
F  
MG 
N  
O  
P  
S  
# 
loop_
_atom_site.group_PDB 
_atom_site.id 
_atom_site.type_symbol 
_atom_site.label_atom_id 
_atom_site.label_alt_id 
_atom_site.label_comp_id 
_atom_site.label_asym_id 
_atom_site.label_entity_id 
_atom_site.label_seq_id 
_atom_site.pdbx_PDB_ins_code 
_atom_site.Cartn_x 
_atom_site.Cartn_y 
_atom_site.Cartn_z 
_atom_site.occupancy 
_atom_site.B_iso_or_equiv 
_atom_site.pdbx_formal_charge 
_atom_site.auth_seq_id 
_atom_site.auth_comp_id 
_atom_site.auth_asym_id 
_atom_site.auth_atom_id 
_atom_site.pdbx_PDB_model_num 
ATOM   1    N  N     . GLY A 1 1   ? -11.505 -24.782 -0.704  1.00 23.23 ? 15  GLY A N     1 
ATOM   2    C  CA    . GLY A 1 1   ? -12.835 -24.266 -0.287  1.00 24.29 ? 15  GLY A CA    1 
ATOM   3    C  C     . GLY A 1 1   ? -13.598 -23.706 -1.472  1.00 21.14 ? 15  GLY A C     1 
ATOM   4    O  O     . GLY A 1 1   ? -13.015 -23.386 -2.505  1.00 23.12 ? 15  GLY A O     1 
ATOM   5    N  N     . ASN A 1 2   ? -14.907 -23.558 -1.306  1.00 23.73 ? 16  ASN A N     1 
ATOM   6    C  CA    . ASN A 1 2   ? -15.749 -23.061 -2.378  1.00 24.19 ? 16  ASN A CA    1 
ATOM   7    C  C     . ASN A 1 2   ? -16.239 -21.636 -2.142  1.00 24.08 ? 16  ASN A C     1 
ATOM   8    O  O     . ASN A 1 2   ? -17.081 -21.141 -2.892  1.00 24.41 ? 16  ASN A O     1 
ATOM   9    C  CB    . ASN A 1 2   ? -16.949 -24.004 -2.564  1.00 25.39 ? 16  ASN A CB    1 
ATOM   10   C  CG    . ASN A 1 2   ? -18.020 -23.809 -1.502  1.00 31.81 ? 16  ASN A CG    1 
ATOM   11   O  OD1   . ASN A 1 2   ? -17.738 -23.386 -0.381  1.00 27.98 ? 16  ASN A OD1   1 
ATOM   12   N  ND2   . ASN A 1 2   ? -19.265 -24.132 -1.851  1.00 34.04 ? 16  ASN A ND2   1 
ATOM   13   N  N     . LYS A 1 3   ? -15.706 -20.970 -1.123  1.00 23.93 ? 17  LYS A N     1 
ATOM   14   C  CA    . LYS A 1 3   ? -16.138 -19.602 -0.830  1.00 28.66 ? 17  LYS A CA    1 
ATOM   15   C  C     . LYS A 1 3   ? -15.371 -18.589 -1.669  1.00 29.32 ? 17  LYS A C     1 
ATOM   16   O  O     . LYS A 1 3   ? -14.199 -18.790 -1.985  1.00 30.74 ? 17  LYS A O     1 
ATOM   17   C  CB    . LYS A 1 3   ? -15.964 -19.289 0.662   1.00 30.38 ? 17  LYS A CB    1 
ATOM   18   C  CG    . LYS A 1 3   ? -17.044 -19.904 1.550   1.00 32.70 ? 17  LYS A CG    1 
ATOM   19   C  CD    . LYS A 1 3   ? -16.815 -19.660 3.038   1.00 34.82 ? 17  LYS A CD    1 
ATOM   20   C  CE    . LYS A 1 3   ? -17.006 -18.209 3.428   1.00 40.31 ? 17  LYS A CE    1 
ATOM   21   N  NZ    . LYS A 1 3   ? -16.962 -18.025 4.923   1.00 42.44 ? 17  LYS A NZ    1 
ATOM   22   N  N     . ILE A 1 4   ? -16.049 -17.508 -2.042  1.00 29.36 ? 18  ILE A N     1 
ATOM   23   C  CA    . ILE A 1 4   ? -15.421 -16.459 -2.825  1.00 31.79 ? 18  ILE A CA    1 
ATOM   24   C  C     . ILE A 1 4   ? -15.716 -15.096 -2.204  1.00 32.05 ? 18  ILE A C     1 
ATOM   25   O  O     . ILE A 1 4   ? -16.859 -14.783 -1.873  1.00 33.38 ? 18  ILE A O     1 
ATOM   26   C  CB    . ILE A 1 4   ? -15.916 -16.475 -4.291  1.00 35.97 ? 18  ILE A CB    1 
ATOM   27   C  CG1   . ILE A 1 4   ? -17.442 -16.424 -4.325  1.00 41.77 ? 18  ILE A CG1   1 
ATOM   28   C  CG2   . ILE A 1 4   ? -15.385 -17.724 -5.012  1.00 37.28 ? 18  ILE A CG2   1 
ATOM   29   C  CD1   . ILE A 1 4   ? -18.020 -16.275 -5.720  1.00 40.79 ? 18  ILE A CD1   1 
ATOM   30   N  N     . CYS A 1 5   ? -14.669 -14.293 -2.032  1.00 29.55 ? 19  CYS A N     1 
ATOM   31   C  CA    . CYS A 1 5   ? -14.806 -12.958 -1.456  1.00 26.99 ? 19  CYS A CA    1 
ATOM   32   C  C     . CYS A 1 5   ? -14.099 -11.935 -2.337  1.00 28.21 ? 19  CYS A C     1 
ATOM   33   O  O     . CYS A 1 5   ? -13.112 -12.245 -3.000  1.00 25.62 ? 19  CYS A O     1 
ATOM   34   C  CB    . CYS A 1 5   ? -14.193 -12.906 -0.057  1.00 29.99 ? 19  CYS A CB    1 
ATOM   35   S  SG    . CYS A 1 5   ? -15.087 -13.835 1.218   1.00 44.78 ? 19  CYS A SG    1 
ATOM   36   N  N     . GLN A 1 6   ? -14.604 -10.707 -2.339  1.00 24.59 ? 20  GLN A N     1 
ATOM   37   C  CA    . GLN A 1 6   ? -13.982 -9.649  -3.129  1.00 20.85 ? 20  GLN A CA    1 
ATOM   38   C  C     . GLN A 1 6   ? -13.911 -8.368  -2.326  1.00 20.20 ? 20  GLN A C     1 
ATOM   39   O  O     . GLN A 1 6   ? -14.820 -8.047  -1.573  1.00 19.79 ? 20  GLN A O     1 
ATOM   40   C  CB    . GLN A 1 6   ? -14.785 -9.391  -4.408  1.00 22.09 ? 20  GLN A CB    1 
ATOM   41   C  CG    . GLN A 1 6   ? -14.281 -8.220  -5.238  1.00 21.15 ? 20  GLN A CG    1 
ATOM   42   C  CD    . GLN A 1 6   ? -14.953 -8.129  -6.594  1.00 20.18 ? 20  GLN A CD    1 
ATOM   43   O  OE1   . GLN A 1 6   ? -14.840 -9.032  -7.416  1.00 28.92 ? 20  GLN A OE1   1 
ATOM   44   N  NE2   . GLN A 1 6   ? -15.660 -7.033  -6.832  1.00 22.19 ? 20  GLN A NE2   1 
ATOM   45   N  N     . PHE A 1 7   ? -12.829 -7.619  -2.467  1.00 17.64 ? 21  PHE A N     1 
ATOM   46   C  CA    . PHE A 1 7   ? -12.780 -6.351  -1.743  1.00 19.29 ? 21  PHE A CA    1 
ATOM   47   C  C     . PHE A 1 7   ? -11.961 -5.327  -2.515  1.00 15.61 ? 21  PHE A C     1 
ATOM   48   O  O     . PHE A 1 7   ? -11.135 -5.684  -3.366  1.00 15.39 ? 21  PHE A O     1 
ATOM   49   C  CB    . PHE A 1 7   ? -12.234 -6.548  -0.339  1.00 21.36 ? 21  PHE A CB    1 
ATOM   50   C  CG    . PHE A 1 7   ? -10.766 -6.686  -0.292  1.00 25.51 ? 21  PHE A CG    1 
ATOM   51   C  CD1   . PHE A 1 7   ? -9.975  -5.634  0.167   1.00 25.00 ? 21  PHE A CD1   1 
ATOM   52   C  CD2   . PHE A 1 7   ? -10.157 -7.858  -0.710  1.00 27.48 ? 21  PHE A CD2   1 
ATOM   53   C  CE1   . PHE A 1 7   ? -8.604  -5.747  0.211   1.00 28.82 ? 21  PHE A CE1   1 
ATOM   54   C  CE2   . PHE A 1 7   ? -8.774  -7.984  -0.672  1.00 28.66 ? 21  PHE A CE2   1 
ATOM   55   C  CZ    . PHE A 1 7   ? -7.997  -6.924  -0.208  1.00 28.12 ? 21  PHE A CZ    1 
ATOM   56   N  N     . LYS A 1 8   ? -12.209 -4.051  -2.228  1.00 15.00 ? 22  LYS A N     1 
ATOM   57   C  CA    . LYS A 1 8   ? -11.532 -2.952  -2.900  1.00 15.24 ? 22  LYS A CA    1 
ATOM   58   C  C     . LYS A 1 8   ? -10.378 -2.436  -2.057  1.00 11.32 ? 22  LYS A C     1 
ATOM   59   O  O     . LYS A 1 8   ? -10.545 -2.131  -0.878  1.00 13.65 ? 22  LYS A O     1 
ATOM   60   C  CB    . LYS A 1 8   ? -12.507 -1.802  -3.155  1.00 20.15 ? 22  LYS A CB    1 
ATOM   61   C  CG    . LYS A 1 8   ? -11.858 -0.614  -3.870  1.00 25.16 ? 22  LYS A CG    1 
ATOM   62   C  CD    . LYS A 1 8   ? -12.804 0.582   -3.933  1.00 28.88 ? 22  LYS A CD    1 
ATOM   63   C  CE    . LYS A 1 8   ? -12.116 1.816   -4.474  1.00 27.69 ? 22  LYS A CE    1 
ATOM   64   N  NZ    . LYS A 1 8   ? -13.122 2.833   -4.946  1.00 36.14 ? 22  LYS A NZ    1 
ATOM   65   N  N     . LEU A 1 9   ? -9.218  -2.315  -2.683  1.00 11.24 ? 23  LEU A N     1 
ATOM   66   C  CA    . LEU A 1 9   ? -8.023  -1.843  -1.986  1.00 9.74  ? 23  LEU A CA    1 
ATOM   67   C  C     . LEU A 1 9   ? -7.437  -0.653  -2.724  1.00 11.27 ? 23  LEU A C     1 
ATOM   68   O  O     . LEU A 1 9   ? -7.377  -0.652  -3.964  1.00 12.80 ? 23  LEU A O     1 
ATOM   69   C  CB    . LEU A 1 9   ? -7.006  -2.995  -1.951  1.00 10.32 ? 23  LEU A CB    1 
ATOM   70   C  CG    . LEU A 1 9   ? -5.732  -2.800  -1.111  1.00 12.53 ? 23  LEU A CG    1 
ATOM   71   C  CD1   . LEU A 1 9   ? -5.252  -4.163  -0.552  1.00 18.64 ? 23  LEU A CD1   1 
ATOM   72   C  CD2   . LEU A 1 9   ? -4.672  -2.215  -2.012  1.00 17.16 ? 23  LEU A CD2   1 
ATOM   73   N  N     . VAL A 1 10  ? -6.986  0.347   -1.980  1.00 7.97  ? 24  VAL A N     1 
ATOM   74   C  CA    . VAL A 1 10  ? -6.380  1.519   -2.615  1.00 9.98  ? 24  VAL A CA    1 
ATOM   75   C  C     . VAL A 1 10  ? -4.968  1.733   -2.062  1.00 8.26  ? 24  VAL A C     1 
ATOM   76   O  O     . VAL A 1 10  ? -4.736  1.520   -0.861  1.00 9.63  ? 24  VAL A O     1 
ATOM   77   C  CB    . VAL A 1 10  ? -7.281  2.816   -2.379  1.00 11.30 ? 24  VAL A CB    1 
ATOM   78   C  CG1   . VAL A 1 10  ? -7.334  3.186   -0.918  1.00 11.52 ? 24  VAL A CG1   1 
ATOM   79   C  CG2   . VAL A 1 10  ? -6.761  3.984   -3.193  1.00 12.83 ? 24  VAL A CG2   1 
ATOM   80   N  N     . LEU A 1 11  ? -4.031  2.095   -2.928  1.00 8.47  ? 25  LEU A N     1 
ATOM   81   C  CA    . LEU A 1 11  ? -2.663  2.419   -2.480  1.00 7.77  ? 25  LEU A CA    1 
ATOM   82   C  C     . LEU A 1 11  ? -2.494  3.932   -2.596  1.00 10.75 ? 25  LEU A C     1 
ATOM   83   O  O     . LEU A 1 11  ? -2.855  4.534   -3.617  1.00 11.32 ? 25  LEU A O     1 
ATOM   84   C  CB    . LEU A 1 11  ? -1.571  1.776   -3.352  1.00 10.07 ? 25  LEU A CB    1 
ATOM   85   C  CG    . LEU A 1 11  ? -1.449  0.276   -3.118  1.00 13.94 ? 25  LEU A CG    1 
ATOM   86   C  CD1   . LEU A 1 11  ? -2.344  -0.451  -4.107  1.00 17.47 ? 25  LEU A CD1   1 
ATOM   87   C  CD2   . LEU A 1 11  ? 0.021   -0.139  -3.289  1.00 11.95 ? 25  LEU A CD2   1 
ATOM   88   N  N     . LEU A 1 12  ? -1.940  4.537   -1.549  1.00 7.41  ? 26  LEU A N     1 
ATOM   89   C  CA    . LEU A 1 12  ? -1.719  5.975   -1.454  1.00 9.17  ? 26  LEU A CA    1 
ATOM   90   C  C     . LEU A 1 12  ? -0.313  6.227   -0.959  1.00 8.77  ? 26  LEU A C     1 
ATOM   91   O  O     . LEU A 1 12  ? 0.246   5.406   -0.247  1.00 8.65  ? 26  LEU A O     1 
ATOM   92   C  CB    . LEU A 1 12  ? -2.701  6.588   -0.437  1.00 9.85  ? 26  LEU A CB    1 
ATOM   93   C  CG    . LEU A 1 12  ? -4.169  6.458   -0.815  1.00 9.03  ? 26  LEU A CG    1 
ATOM   94   C  CD1   . LEU A 1 12  ? -5.023  6.604   0.448   1.00 12.18 ? 26  LEU A CD1   1 
ATOM   95   C  CD2   . LEU A 1 12  ? -4.557  7.542   -1.831  1.00 8.95  ? 26  LEU A CD2   1 
ATOM   96   N  N     . GLY A 1 13  ? 0.255   7.372   -1.323  1.00 9.24  ? 27  GLY A N     1 
ATOM   97   C  CA    . GLY A 1 13  ? 1.589   7.667   -0.841  1.00 9.79  ? 27  GLY A CA    1 
ATOM   98   C  C     . GLY A 1 13  ? 2.307   8.619   -1.757  1.00 10.49 ? 27  GLY A C     1 
ATOM   99   O  O     . GLY A 1 13  ? 1.958   8.781   -2.936  1.00 10.81 ? 27  GLY A O     1 
ATOM   100  N  N     . GLU A 1 14  ? 3.341   9.252   -1.225  1.00 10.29 ? 28  GLU A N     1 
ATOM   101  C  CA    . GLU A 1 14  ? 4.121   10.194  -2.018  1.00 10.48 ? 28  GLU A CA    1 
ATOM   102  C  C     . GLU A 1 14  ? 4.644   9.567   -3.306  1.00 10.64 ? 28  GLU A C     1 
ATOM   103  O  O     . GLU A 1 14  ? 4.873   8.348   -3.373  1.00 10.98 ? 28  GLU A O     1 
ATOM   104  C  CB    . GLU A 1 14  ? 5.306   10.675  -1.176  1.00 11.41 ? 28  GLU A CB    1 
ATOM   105  C  CG    . GLU A 1 14  ? 6.307   11.533  -1.913  1.00 16.61 ? 28  GLU A CG    1 
ATOM   106  C  CD    . GLU A 1 14  ? 7.284   12.191  -0.975  1.00 23.78 ? 28  GLU A CD    1 
ATOM   107  O  OE1   . GLU A 1 14  ? 6.817   12.846  -0.037  1.00 26.32 ? 28  GLU A OE1   1 
ATOM   108  O  OE2   . GLU A 1 14  ? 8.511   12.071  -1.180  1.00 30.34 ? 28  GLU A OE2   1 
ATOM   109  N  N     . SER A 1 15  ? 4.813   10.384  -4.347  1.00 10.32 ? 29  SER A N     1 
ATOM   110  C  CA    . SER A 1 15  ? 5.413   9.883   -5.571  1.00 10.84 ? 29  SER A CA    1 
ATOM   111  C  C     . SER A 1 15  ? 6.873   10.342  -5.565  1.00 13.40 ? 29  SER A C     1 
ATOM   112  O  O     . SER A 1 15  ? 7.164   11.521  -5.310  1.00 14.91 ? 29  SER A O     1 
ATOM   113  C  CB    . SER A 1 15  ? 4.697   10.457  -6.787  1.00 13.37 ? 29  SER A CB    1 
ATOM   114  O  OG    . SER A 1 15  ? 5.194   9.871   -7.978  1.00 17.11 ? 29  SER A OG    1 
ATOM   115  N  N     A PRO A 1 16  ? 7.823   9.449   -5.847  0.60 12.31 ? 30  PRO A N     1 
ATOM   116  N  N     B PRO A 1 16  ? 7.807   9.424   -5.893  0.40 13.23 ? 30  PRO A N     1 
ATOM   117  C  CA    A PRO A 1 16  ? 7.679   8.036   -6.152  0.60 11.54 ? 30  PRO A CA    1 
ATOM   118  C  CA    B PRO A 1 16  ? 7.586   8.012   -6.242  0.40 12.60 ? 30  PRO A CA    1 
ATOM   119  C  C     A PRO A 1 16  ? 8.267   7.315   -4.958  0.60 12.77 ? 30  PRO A C     1 
ATOM   120  C  C     B PRO A 1 16  ? 8.157   7.017   -5.213  0.40 13.78 ? 30  PRO A C     1 
ATOM   121  O  O     A PRO A 1 16  ? 9.326   7.723   -4.443  0.60 10.42 ? 30  PRO A O     1 
ATOM   122  O  O     B PRO A 1 16  ? 9.357   6.728   -5.215  0.40 18.25 ? 30  PRO A O     1 
ATOM   123  C  CB    A PRO A 1 16  ? 8.537   7.878   -7.398  0.60 14.23 ? 30  PRO A CB    1 
ATOM   124  C  CB    B PRO A 1 16  ? 8.286   7.900   -7.586  0.40 15.36 ? 30  PRO A CB    1 
ATOM   125  C  CG    A PRO A 1 16  ? 9.715   8.755   -7.076  0.60 14.73 ? 30  PRO A CG    1 
ATOM   126  C  CG    B PRO A 1 16  ? 9.527   8.727   -7.358  0.40 14.20 ? 30  PRO A CG    1 
ATOM   127  C  CD    A PRO A 1 16  ? 9.125   9.950   -6.337  0.60 15.69 ? 30  PRO A CD    1 
ATOM   128  C  CD    B PRO A 1 16  ? 9.076   9.899   -6.480  0.40 15.22 ? 30  PRO A CD    1 
ATOM   129  N  N     A VAL A 1 17  ? 7.573   6.274   -4.511  0.60 10.35 ? 31  VAL A N     1 
ATOM   130  N  N     B VAL A 1 17  ? 7.302   6.467   -4.354  0.40 8.80  ? 31  VAL A N     1 
ATOM   131  C  CA    A VAL A 1 17  ? 8.036   5.473   -3.391  0.60 9.38  ? 31  VAL A CA    1 
ATOM   132  C  CA    B VAL A 1 17  ? 7.781   5.529   -3.329  0.40 10.37 ? 31  VAL A CA    1 
ATOM   133  C  C     A VAL A 1 17  ? 7.915   3.995   -3.723  0.60 10.94 ? 31  VAL A C     1 
ATOM   134  C  C     B VAL A 1 17  ? 7.723   4.031   -3.642  0.40 9.76  ? 31  VAL A C     1 
ATOM   135  O  O     A VAL A 1 17  ? 8.405   3.157   -2.971  0.60 10.31 ? 31  VAL A O     1 
ATOM   136  O  O     B VAL A 1 17  ? 8.136   3.219   -2.817  0.40 9.02  ? 31  VAL A O     1 
ATOM   137  C  CB    A VAL A 1 17  ? 7.215   5.740   -2.100  0.60 8.15  ? 31  VAL A CB    1 
ATOM   138  C  CB    B VAL A 1 17  ? 7.016   5.739   -1.998  0.40 8.43  ? 31  VAL A CB    1 
ATOM   139  C  CG1   A VAL A 1 17  ? 7.368   7.196   -1.664  0.60 12.00 ? 31  VAL A CG1   1 
ATOM   140  C  CG1   B VAL A 1 17  ? 7.252   7.147   -1.468  0.40 10.99 ? 31  VAL A CG1   1 
ATOM   141  C  CG2   A VAL A 1 17  ? 5.744   5.393   -2.332  0.60 12.46 ? 31  VAL A CG2   1 
ATOM   142  C  CG2   B VAL A 1 17  ? 5.528   5.490   -2.215  0.40 10.32 ? 31  VAL A CG2   1 
ATOM   143  N  N     . GLY A 1 18  ? 7.246   3.680   -4.834  1.00 10.42 ? 32  GLY A N     1 
ATOM   144  C  CA    . GLY A 1 18  ? 7.110   2.278   -5.241  1.00 8.99  ? 32  GLY A CA    1 
ATOM   145  C  C     . GLY A 1 18  ? 5.717   1.681   -5.183  1.00 7.82  ? 32  GLY A C     1 
ATOM   146  O  O     . GLY A 1 18  ? 5.564   0.453   -5.172  1.00 10.76 ? 32  GLY A O     1 
ATOM   147  N  N     . LYS A 1 19  ? 4.693   2.527   -5.162  1.00 8.81  ? 33  LYS A N     1 
ATOM   148  C  CA    . LYS A 1 19  ? 3.324   2.016   -5.141  1.00 9.58  ? 33  LYS A CA    1 
ATOM   149  C  C     . LYS A 1 19  ? 3.008   1.121   -6.353  1.00 9.29  ? 33  LYS A C     1 
ATOM   150  O  O     . LYS A 1 19  ? 2.506   -0.007  -6.205  1.00 9.82  ? 33  LYS A O     1 
ATOM   151  C  CB    . LYS A 1 19  ? 2.331   3.178   -5.127  1.00 10.01 ? 33  LYS A CB    1 
ATOM   152  C  CG    . LYS A 1 19  ? 2.426   4.055   -3.895  1.00 7.73  ? 33  LYS A CG    1 
ATOM   153  C  CD    . LYS A 1 19  ? 1.377   5.187   -3.870  1.00 10.07 ? 33  LYS A CD    1 
ATOM   154  C  CE    . LYS A 1 19  ? 1.554   6.172   -5.068  1.00 10.82 ? 33  LYS A CE    1 
ATOM   155  N  NZ    . LYS A 1 19  ? 2.897   6.833   -5.074  1.00 7.97  ? 33  LYS A NZ    1 
ATOM   156  N  N     . SER A 1 20  ? 3.269   1.621   -7.558  1.00 9.86  ? 34  SER A N     1 
ATOM   157  C  CA    . SER A 1 20  ? 2.966   0.822   -8.742  1.00 9.36  ? 34  SER A CA    1 
ATOM   158  C  C     . SER A 1 20  ? 3.818   -0.428  -8.770  1.00 8.63  ? 34  SER A C     1 
ATOM   159  O  O     . SER A 1 20  ? 3.373   -1.478  -9.221  1.00 9.96  ? 34  SER A O     1 
ATOM   160  C  CB    . SER A 1 20  ? 3.204   1.652   -10.004 1.00 8.90  ? 34  SER A CB    1 
ATOM   161  O  OG    . SER A 1 20  ? 2.325   2.754   -9.966  1.00 10.18 ? 34  SER A OG    1 
ATOM   162  N  N     . SER A 1 21  ? 5.045   -0.310  -8.269  1.00 9.68  ? 35  SER A N     1 
ATOM   163  C  CA    . SER A 1 21  ? 5.930   -1.472  -8.250  1.00 9.53  ? 35  SER A CA    1 
ATOM   164  C  C     . SER A 1 21  ? 5.405   -2.542  -7.296  1.00 9.93  ? 35  SER A C     1 
ATOM   165  O  O     . SER A 1 21  ? 5.471   -3.740  -7.602  1.00 9.02  ? 35  SER A O     1 
ATOM   166  C  CB    . SER A 1 21  ? 7.346   -1.041  -7.866  1.00 8.56  ? 35  SER A CB    1 
ATOM   167  O  OG    . SER A 1 21  ? 7.882   -0.174  -8.854  1.00 9.24  ? 35  SER A OG    1 
ATOM   168  N  N     . LEU A 1 22  ? 4.887   -2.123  -6.149  1.00 10.21 ? 36  LEU A N     1 
ATOM   169  C  CA    . LEU A 1 22  ? 4.315   -3.090  -5.207  1.00 9.66  ? 36  LEU A CA    1 
ATOM   170  C  C     . LEU A 1 22  ? 3.126   -3.819  -5.845  1.00 10.38 ? 36  LEU A C     1 
ATOM   171  O  O     . LEU A 1 22  ? 2.992   -5.025  -5.708  1.00 11.99 ? 36  LEU A O     1 
ATOM   172  C  CB    . LEU A 1 22  ? 3.836   -2.389  -3.947  1.00 11.69 ? 36  LEU A CB    1 
ATOM   173  C  CG    . LEU A 1 22  ? 4.949   -2.074  -2.966  1.00 15.77 ? 36  LEU A CG    1 
ATOM   174  C  CD1   . LEU A 1 22  ? 4.469   -1.044  -1.968  1.00 16.08 ? 36  LEU A CD1   1 
ATOM   175  C  CD2   . LEU A 1 22  ? 5.385   -3.390  -2.255  1.00 13.05 ? 36  LEU A CD2   1 
ATOM   176  N  N     . VAL A 1 23  ? 2.268   -3.076  -6.537  1.00 10.90 ? 37  VAL A N     1 
ATOM   177  C  CA    . VAL A 1 23  ? 1.116   -3.689  -7.183  1.00 12.32 ? 37  VAL A CA    1 
ATOM   178  C  C     . VAL A 1 23  ? 1.563   -4.621  -8.302  1.00 12.32 ? 37  VAL A C     1 
ATOM   179  O  O     . VAL A 1 23  ? 1.053   -5.732  -8.426  1.00 11.39 ? 37  VAL A O     1 
ATOM   180  C  CB    . VAL A 1 23  ? 0.190   -2.617  -7.772  1.00 14.42 ? 37  VAL A CB    1 
ATOM   181  C  CG1   . VAL A 1 23  ? -0.948  -3.283  -8.583  1.00 17.58 ? 37  VAL A CG1   1 
ATOM   182  C  CG2   . VAL A 1 23  ? -0.411  -1.807  -6.642  1.00 15.44 ? 37  VAL A CG2   1 
ATOM   183  N  N     . LEU A 1 24  ? 2.529   -4.178  -9.106  1.00 9.96  ? 38  LEU A N     1 
ATOM   184  C  CA    . LEU A 1 24  ? 3.008   -5.020  -10.207 1.00 12.26 ? 38  LEU A CA    1 
ATOM   185  C  C     . LEU A 1 24  ? 3.595   -6.308  -9.656  1.00 11.57 ? 38  LEU A C     1 
ATOM   186  O  O     . LEU A 1 24  ? 3.400   -7.385  -10.227 1.00 13.75 ? 38  LEU A O     1 
ATOM   187  C  CB    . LEU A 1 24  ? 4.082   -4.276  -11.004 1.00 11.47 ? 38  LEU A CB    1 
ATOM   188  C  CG    . LEU A 1 24  ? 4.688   -4.990  -12.208 1.00 17.66 ? 38  LEU A CG    1 
ATOM   189  C  CD1   . LEU A 1 24  ? 3.652   -5.073  -13.318 1.00 18.11 ? 38  LEU A CD1   1 
ATOM   190  C  CD2   . LEU A 1 24  ? 5.901   -4.228  -12.693 1.00 18.68 ? 38  LEU A CD2   1 
ATOM   191  N  N     . ARG A 1 25  ? 4.331   -6.207  -8.553  1.00 10.19 ? 39  ARG A N     1 
ATOM   192  C  CA    . ARG A 1 25  ? 4.939   -7.412  -7.979  1.00 10.61 ? 39  ARG A CA    1 
ATOM   193  C  C     . ARG A 1 25  ? 3.886   -8.403  -7.504  1.00 11.94 ? 39  ARG A C     1 
ATOM   194  O  O     . ARG A 1 25  ? 4.002   -9.616  -7.752  1.00 13.60 ? 39  ARG A O     1 
ATOM   195  C  CB    . ARG A 1 25  ? 5.895   -7.033  -6.827  1.00 13.88 ? 39  ARG A CB    1 
ATOM   196  C  CG    . ARG A 1 25  ? 6.447   -8.238  -6.081  1.00 18.77 ? 39  ARG A CG    1 
ATOM   197  C  CD    . ARG A 1 25  ? 7.257   -9.130  -6.992  1.00 26.58 ? 39  ARG A CD    1 
ATOM   198  N  NE    . ARG A 1 25  ? 8.594   -8.589  -7.147  1.00 22.94 ? 39  ARG A NE    1 
ATOM   199  C  CZ    . ARG A 1 25  ? 9.637   -9.258  -7.627  1.00 15.40 ? 39  ARG A CZ    1 
ATOM   200  N  NH1   . ARG A 1 25  ? 9.523   -10.508 -8.015  1.00 21.81 ? 39  ARG A NH1   1 
ATOM   201  N  NH2   . ARG A 1 25  ? 10.804  -8.658  -7.698  1.00 11.68 ? 39  ARG A NH2   1 
ATOM   202  N  N     . PHE A 1 26  ? 2.851   -7.906  -6.838  1.00 10.93 ? 40  PHE A N     1 
ATOM   203  C  CA    . PHE A 1 26  ? 1.784   -8.751  -6.315  1.00 10.09 ? 40  PHE A CA    1 
ATOM   204  C  C     . PHE A 1 26  ? 0.916   -9.331  -7.422  1.00 13.81 ? 40  PHE A C     1 
ATOM   205  O  O     . PHE A 1 26  ? 0.568   -10.521 -7.405  1.00 14.91 ? 40  PHE A O     1 
ATOM   206  C  CB    . PHE A 1 26  ? 0.895   -7.923  -5.360  1.00 10.00 ? 40  PHE A CB    1 
ATOM   207  C  CG    . PHE A 1 26  ? -0.273  -8.698  -4.794  1.00 13.30 ? 40  PHE A CG    1 
ATOM   208  C  CD1   . PHE A 1 26  ? -0.052  -9.840  -4.044  1.00 12.47 ? 40  PHE A CD1   1 
ATOM   209  C  CD2   . PHE A 1 26  ? -1.583  -8.273  -5.009  1.00 11.87 ? 40  PHE A CD2   1 
ATOM   210  C  CE1   . PHE A 1 26  ? -1.122  -10.559 -3.512  1.00 15.84 ? 40  PHE A CE1   1 
ATOM   211  C  CE2   . PHE A 1 26  ? -2.655  -8.982  -4.478  1.00 11.83 ? 40  PHE A CE2   1 
ATOM   212  C  CZ    . PHE A 1 26  ? -2.410  -10.132 -3.724  1.00 13.53 ? 40  PHE A CZ    1 
ATOM   213  N  N     . VAL A 1 27  ? 0.546   -8.490  -8.380  1.00 12.45 ? 41  VAL A N     1 
ATOM   214  C  CA    . VAL A 1 27  ? -0.336  -8.925  -9.461  1.00 14.45 ? 41  VAL A CA    1 
ATOM   215  C  C     . VAL A 1 27  ? 0.316   -9.721  -10.589 1.00 16.43 ? 41  VAL A C     1 
ATOM   216  O  O     . VAL A 1 27  ? -0.213  -10.756 -11.017 1.00 19.45 ? 41  VAL A O     1 
ATOM   217  C  CB    . VAL A 1 27  ? -1.057  -7.713  -10.083 1.00 15.77 ? 41  VAL A CB    1 
ATOM   218  C  CG1   . VAL A 1 27  ? -1.982  -8.183  -11.224 1.00 19.15 ? 41  VAL A CG1   1 
ATOM   219  C  CG2   . VAL A 1 27  ? -1.847  -6.977  -9.007  1.00 18.90 ? 41  VAL A CG2   1 
ATOM   220  N  N     . LYS A 1 28  ? 1.480   -9.274  -11.039 1.00 15.76 ? 42  LYS A N     1 
ATOM   221  C  CA    . LYS A 1 28  ? 2.140   -9.914  -12.176 1.00 15.32 ? 42  LYS A CA    1 
ATOM   222  C  C     . LYS A 1 28  ? 3.464   -10.575 -11.838 1.00 16.44 ? 42  LYS A C     1 
ATOM   223  O  O     . LYS A 1 28  ? 4.126   -11.156 -12.709 1.00 14.37 ? 42  LYS A O     1 
ATOM   224  C  CB    . LYS A 1 28  ? 2.353   -8.869  -13.277 1.00 15.91 ? 42  LYS A CB    1 
ATOM   225  C  CG    . LYS A 1 28  ? 1.098   -8.099  -13.703 1.00 22.33 ? 42  LYS A CG    1 
ATOM   226  C  CD    . LYS A 1 28  ? 1.313   -7.390  -15.032 1.00 33.28 ? 42  LYS A CD    1 
ATOM   227  C  CE    . LYS A 1 28  ? 0.058   -6.659  -15.507 1.00 31.60 ? 42  LYS A CE    1 
ATOM   228  N  NZ    . LYS A 1 28  ? -0.116  -5.365  -14.771 1.00 37.14 ? 42  LYS A NZ    1 
ATOM   229  N  N     . GLY A 1 29  ? 3.869   -10.477 -10.579 1.00 12.99 ? 43  GLY A N     1 
ATOM   230  C  CA    . GLY A 1 29  ? 5.141   -11.052 -10.179 1.00 15.22 ? 43  GLY A CA    1 
ATOM   231  C  C     . GLY A 1 29  ? 6.288   -10.426 -10.954 1.00 18.40 ? 43  GLY A C     1 
ATOM   232  O  O     . GLY A 1 29  ? 7.298   -11.080 -11.248 1.00 19.66 ? 43  GLY A O     1 
ATOM   233  N  N     . GLN A 1 30  ? 6.142   -9.151  -11.300 1.00 16.84 ? 44  GLN A N     1 
ATOM   234  C  CA    . GLN A 1 30  ? 7.201   -8.466  -12.037 1.00 19.11 ? 44  GLN A CA    1 
ATOM   235  C  C     . GLN A 1 30  ? 7.678   -7.225  -11.294 1.00 16.98 ? 44  GLN A C     1 
ATOM   236  O  O     . GLN A 1 30  ? 7.020   -6.747  -10.370 1.00 14.59 ? 44  GLN A O     1 
ATOM   237  C  CB    A GLN A 1 30  ? 6.720   -8.088  -13.438 0.50 22.79 ? 44  GLN A CB    1 
ATOM   238  C  CB    B GLN A 1 30  ? 6.692   -8.008  -13.403 0.50 22.59 ? 44  GLN A CB    1 
ATOM   239  C  CG    A GLN A 1 30  ? 6.582   -9.284  -14.384 0.50 22.47 ? 44  GLN A CG    1 
ATOM   240  C  CG    B GLN A 1 30  ? 5.685   -8.929  -14.053 0.50 27.20 ? 44  GLN A CG    1 
ATOM   241  C  CD    A GLN A 1 30  ? 7.918   -9.897  -14.776 0.50 28.04 ? 44  GLN A CD    1 
ATOM   242  C  CD    B GLN A 1 30  ? 5.197   -8.404  -15.393 0.50 29.59 ? 44  GLN A CD    1 
ATOM   243  O  OE1   A GLN A 1 30  ? 8.369   -9.755  -15.912 0.50 33.12 ? 44  GLN A OE1   1 
ATOM   244  O  OE1   B GLN A 1 30  ? 4.837   -7.231  -15.529 0.50 27.62 ? 44  GLN A OE1   1 
ATOM   245  N  NE2   A GLN A 1 30  ? 8.552   -10.578 -13.839 0.50 30.37 ? 44  GLN A NE2   1 
ATOM   246  N  NE2   B GLN A 1 30  ? 5.173   -9.278  -16.389 0.50 32.27 ? 44  GLN A NE2   1 
ATOM   247  N  N     . PHE A 1 31  ? 8.856   -6.749  -11.683 1.00 15.54 ? 45  PHE A N     1 
ATOM   248  C  CA    . PHE A 1 31  ? 9.405   -5.516  -11.121 1.00 13.82 ? 45  PHE A CA    1 
ATOM   249  C  C     . PHE A 1 31  ? 10.134  -4.792  -12.242 1.00 11.45 ? 45  PHE A C     1 
ATOM   250  O  O     . PHE A 1 31  ? 10.957  -5.385  -12.953 1.00 13.60 ? 45  PHE A O     1 
ATOM   251  C  CB    . PHE A 1 31  ? 10.394  -5.785  -9.990  1.00 14.99 ? 45  PHE A CB    1 
ATOM   252  C  CG    . PHE A 1 31  ? 11.145  -4.548  -9.554  1.00 11.48 ? 45  PHE A CG    1 
ATOM   253  C  CD1   . PHE A 1 31  ? 10.522  -3.570  -8.787  1.00 15.23 ? 45  PHE A CD1   1 
ATOM   254  C  CD2   . PHE A 1 31  ? 12.450  -4.346  -9.951  1.00 11.70 ? 45  PHE A CD2   1 
ATOM   255  C  CE1   . PHE A 1 31  ? 11.218  -2.389  -8.431  1.00 12.57 ? 45  PHE A CE1   1 
ATOM   256  C  CE2   . PHE A 1 31  ? 13.150  -3.182  -9.606  1.00 11.13 ? 45  PHE A CE2   1 
ATOM   257  C  CZ    . PHE A 1 31  ? 12.532  -2.207  -8.845  1.00 13.56 ? 45  PHE A CZ    1 
ATOM   258  N  N     . HIS A 1 32  ? 9.831   -3.507  -12.410 1.00 11.59 ? 46  HIS A N     1 
ATOM   259  C  CA    . HIS A 1 32  ? 10.473  -2.712  -13.471 1.00 12.26 ? 46  HIS A CA    1 
ATOM   260  C  C     . HIS A 1 32  ? 11.339  -1.621  -12.889 1.00 12.90 ? 46  HIS A C     1 
ATOM   261  O  O     . HIS A 1 32  ? 10.837  -0.707  -12.227 1.00 12.25 ? 46  HIS A O     1 
ATOM   262  C  CB    . HIS A 1 32  ? 9.403   -2.072  -14.361 1.00 13.36 ? 46  HIS A CB    1 
ATOM   263  C  CG    . HIS A 1 32  ? 8.515   -3.062  -15.035 1.00 12.69 ? 46  HIS A CG    1 
ATOM   264  N  ND1   . HIS A 1 32  ? 7.212   -2.772  -15.378 1.00 17.05 ? 46  HIS A ND1   1 
ATOM   265  C  CD2   . HIS A 1 32  ? 8.735   -4.336  -15.425 1.00 15.68 ? 46  HIS A CD2   1 
ATOM   266  C  CE1   . HIS A 1 32  ? 6.664   -3.833  -15.946 1.00 13.77 ? 46  HIS A CE1   1 
ATOM   267  N  NE2   . HIS A 1 32  ? 7.565   -4.795  -15.987 1.00 14.28 ? 46  HIS A NE2   1 
ATOM   268  N  N     . GLU A 1 33  ? 12.643  -1.704  -13.144 1.00 14.46 ? 47  GLU A N     1 
ATOM   269  C  CA    . GLU A 1 33  ? 13.572  -0.689  -12.654 1.00 13.25 ? 47  GLU A CA    1 
ATOM   270  C  C     . GLU A 1 33  ? 13.188  0.684   -13.205 1.00 13.32 ? 47  GLU A C     1 
ATOM   271  O  O     . GLU A 1 33  ? 13.427  1.715   -12.567 1.00 12.88 ? 47  GLU A O     1 
ATOM   272  C  CB    . GLU A 1 33  ? 15.009  -1.017  -13.113 1.00 16.55 ? 47  GLU A CB    1 
ATOM   273  C  CG    . GLU A 1 33  ? 16.081  -0.199  -12.407 1.00 25.03 ? 47  GLU A CG    1 
ATOM   274  C  CD    . GLU A 1 33  ? 16.110  -0.458  -10.912 1.00 23.35 ? 47  GLU A CD    1 
ATOM   275  O  OE1   . GLU A 1 33  ? 15.953  0.512   -10.126 1.00 32.04 ? 47  GLU A OE1   1 
ATOM   276  O  OE2   . GLU A 1 33  ? 16.279  -1.635  -10.527 1.00 25.82 ? 47  GLU A OE2   1 
ATOM   277  N  N     . PHE A 1 34  ? 12.571  0.691   -14.388 1.00 13.47 ? 48  PHE A N     1 
ATOM   278  C  CA    . PHE A 1 34  ? 12.189  1.936   -15.041 1.00 14.80 ? 48  PHE A CA    1 
ATOM   279  C  C     . PHE A 1 34  ? 10.687  1.883   -15.175 1.00 20.18 ? 48  PHE A C     1 
ATOM   280  O  O     . PHE A 1 34  ? 10.169  1.397   -16.167 1.00 28.04 ? 48  PHE A O     1 
ATOM   281  C  CB    . PHE A 1 34  ? 12.862  2.000   -16.420 1.00 15.70 ? 48  PHE A CB    1 
ATOM   282  C  CG    . PHE A 1 34  ? 14.318  1.623   -16.383 1.00 15.47 ? 48  PHE A CG    1 
ATOM   283  C  CD1   . PHE A 1 34  ? 14.748  0.367   -16.823 1.00 16.06 ? 48  PHE A CD1   1 
ATOM   284  C  CD2   . PHE A 1 34  ? 15.261  2.510   -15.881 1.00 18.35 ? 48  PHE A CD2   1 
ATOM   285  C  CE1   . PHE A 1 34  ? 16.101  0.001   -16.757 1.00 17.05 ? 48  PHE A CE1   1 
ATOM   286  C  CE2   . PHE A 1 34  ? 16.614  2.159   -15.818 1.00 16.39 ? 48  PHE A CE2   1 
ATOM   287  C  CZ    . PHE A 1 34  ? 17.033  0.909   -16.255 1.00 21.61 ? 48  PHE A CZ    1 
ATOM   288  N  N     . GLN A 1 35  ? 10.002  2.314   -14.131 1.00 22.37 ? 49  GLN A N     1 
ATOM   289  C  CA    . GLN A 1 35  ? 8.541   2.296   -14.081 1.00 23.80 ? 49  GLN A CA    1 
ATOM   290  C  C     . GLN A 1 35  ? 8.013   3.692   -14.420 1.00 26.29 ? 49  GLN A C     1 
ATOM   291  O  O     . GLN A 1 35  ? 8.447   4.678   -13.831 1.00 32.52 ? 49  GLN A O     1 
ATOM   292  C  CB    . GLN A 1 35  ? 8.094   1.856   -12.668 1.00 22.21 ? 49  GLN A CB    1 
ATOM   293  C  CG    . GLN A 1 35  ? 6.586   1.727   -12.459 1.00 28.44 ? 49  GLN A CG    1 
ATOM   294  C  CD    . GLN A 1 35  ? 5.986   0.533   -13.152 1.00 33.63 ? 49  GLN A CD    1 
ATOM   295  O  OE1   . GLN A 1 35  ? 6.413   -0.604  -12.944 1.00 26.83 ? 49  GLN A OE1   1 
ATOM   296  N  NE2   . GLN A 1 35  ? 4.976   0.778   -13.978 1.00 35.78 ? 49  GLN A NE2   1 
ATOM   297  N  N     . GLU A 1 36  ? 7.084   3.771   -15.376 1.00 24.21 ? 50  GLU A N     1 
ATOM   298  C  CA    . GLU A 1 36  ? 6.499   5.048   -15.789 1.00 24.85 ? 50  GLU A CA    1 
ATOM   299  C  C     . GLU A 1 36  ? 5.642   5.644   -14.659 1.00 21.61 ? 50  GLU A C     1 
ATOM   300  O  O     . GLU A 1 36  ? 4.924   4.913   -13.975 1.00 20.94 ? 50  GLU A O     1 
ATOM   301  C  CB    . GLU A 1 36  ? 5.623   4.833   -17.028 1.00 29.64 ? 50  GLU A CB    1 
ATOM   302  C  CG    . GLU A 1 36  ? 5.056   6.116   -17.628 1.00 39.29 ? 50  GLU A CG    1 
ATOM   303  C  CD    . GLU A 1 36  ? 6.146   7.106   -18.040 1.00 43.42 ? 50  GLU A CD    1 
ATOM   304  O  OE1   . GLU A 1 36  ? 6.950   6.776   -18.944 1.00 51.39 ? 50  GLU A OE1   1 
ATOM   305  O  OE2   . GLU A 1 36  ? 6.202   8.214   -17.455 1.00 48.48 ? 50  GLU A OE2   1 
ATOM   306  N  N     . SER A 1 37  ? 5.720   6.957   -14.467 1.00 22.66 ? 51  SER A N     1 
ATOM   307  C  CA    . SER A 1 37  ? 4.936   7.610   -13.419 1.00 20.92 ? 51  SER A CA    1 
ATOM   308  C  C     . SER A 1 37  ? 3.444   7.437   -13.709 1.00 17.67 ? 51  SER A C     1 
ATOM   309  O  O     . SER A 1 37  ? 3.004   7.563   -14.854 1.00 19.78 ? 51  SER A O     1 
ATOM   310  C  CB    A SER A 1 37  ? 5.257   9.109   -13.319 0.60 21.57 ? 51  SER A CB    1 
ATOM   311  C  CB    B SER A 1 37  ? 5.297   9.096   -13.377 0.40 22.01 ? 51  SER A CB    1 
ATOM   312  O  OG    A SER A 1 37  ? 6.508   9.323   -12.693 0.60 31.16 ? 51  SER A OG    1 
ATOM   313  O  OG    B SER A 1 37  ? 4.673   9.741   -12.290 0.40 25.59 ? 51  SER A OG    1 
ATOM   314  N  N     . THR A 1 38  ? 2.671   7.147   -12.663 1.00 12.94 ? 52  THR A N     1 
ATOM   315  C  CA    . THR A 1 38  ? 1.232   6.958   -12.803 1.00 10.42 ? 52  THR A CA    1 
ATOM   316  C  C     . THR A 1 38  ? 0.573   8.338   -12.956 1.00 11.55 ? 52  THR A C     1 
ATOM   317  O  O     . THR A 1 38  ? 0.978   9.314   -12.318 1.00 13.99 ? 52  THR A O     1 
ATOM   318  C  CB    . THR A 1 38  ? 0.681   6.205   -11.559 1.00 10.45 ? 52  THR A CB    1 
ATOM   319  O  OG1   . THR A 1 38  ? 1.464   5.011   -11.376 1.00 8.99  ? 52  THR A OG1   1 
ATOM   320  C  CG2   . THR A 1 38  ? -0.780  5.814   -11.732 1.00 13.57 ? 52  THR A CG2   1 
ATOM   321  N  N     . ILE A 1 39  ? -0.434  8.392   -13.830 1.00 14.97 ? 53  ILE A N     1 
ATOM   322  C  CA    . ILE A 1 39  ? -1.194  9.616   -14.094 1.00 17.86 ? 53  ILE A CA    1 
ATOM   323  C  C     . ILE A 1 39  ? -2.613  9.385   -13.585 1.00 13.21 ? 53  ILE A C     1 
ATOM   324  O  O     . ILE A 1 39  ? -3.344  8.593   -14.155 1.00 15.78 ? 53  ILE A O     1 
ATOM   325  C  CB    . ILE A 1 39  ? -1.251  9.920   -15.594 1.00 20.96 ? 53  ILE A CB    1 
ATOM   326  C  CG1   . ILE A 1 39  ? 0.158   10.197  -16.116 1.00 21.29 ? 53  ILE A CG1   1 
ATOM   327  C  CG2   . ILE A 1 39  ? -2.116  11.158  -15.837 1.00 20.61 ? 53  ILE A CG2   1 
ATOM   328  C  CD1   . ILE A 1 39  ? 0.245   10.206  -17.655 1.00 22.16 ? 53  ILE A CD1   1 
ATOM   329  N  N     . GLY A 1 40  ? -2.992  10.074  -12.508 1.00 14.92 ? 54  GLY A N     1 
ATOM   330  C  CA    . GLY A 1 40  ? -4.327  9.879   -11.949 1.00 16.19 ? 54  GLY A CA    1 
ATOM   331  C  C     . GLY A 1 40  ? -4.355  8.626   -11.092 1.00 15.78 ? 54  GLY A C     1 
ATOM   332  O  O     . GLY A 1 40  ? -4.126  8.685   -9.881  1.00 15.35 ? 54  GLY A O     1 
ATOM   333  N  N     . ALA A 1 41  ? -4.664  7.495   -11.724 1.00 15.88 ? 55  ALA A N     1 
ATOM   334  C  CA    . ALA A 1 41  ? -4.696  6.201   -11.050 1.00 12.52 ? 55  ALA A CA    1 
ATOM   335  C  C     . ALA A 1 41  ? -4.691  5.136   -12.134 1.00 13.00 ? 55  ALA A C     1 
ATOM   336  O  O     . ALA A 1 41  ? -4.954  5.415   -13.314 1.00 15.18 ? 55  ALA A O     1 
ATOM   337  C  CB    . ALA A 1 41  ? -5.950  6.045   -10.157 1.00 12.93 ? 55  ALA A CB    1 
ATOM   338  N  N     . ALA A 1 42  ? -4.355  3.921   -11.719 1.00 13.93 ? 56  ALA A N     1 
ATOM   339  C  CA    . ALA A 1 42  ? -4.299  2.764   -12.591 1.00 13.07 ? 56  ALA A CA    1 
ATOM   340  C  C     . ALA A 1 42  ? -5.039  1.683   -11.813 1.00 13.58 ? 56  ALA A C     1 
ATOM   341  O  O     . ALA A 1 42  ? -5.092  1.746   -10.576 1.00 13.01 ? 56  ALA A O     1 
ATOM   342  C  CB    . ALA A 1 42  ? -2.848  2.367   -12.853 1.00 15.99 ? 56  ALA A CB    1 
ATOM   343  N  N     . PHE A 1 43  ? -5.643  0.729   -12.524 1.00 15.55 ? 57  PHE A N     1 
ATOM   344  C  CA    . PHE A 1 43  ? -6.438  -0.325  -11.898 1.00 16.15 ? 57  PHE A CA    1 
ATOM   345  C  C     . PHE A 1 43  ? -5.958  -1.728  -12.257 1.00 18.02 ? 57  PHE A C     1 
ATOM   346  O  O     . PHE A 1 43  ? -5.660  -2.007  -13.421 1.00 19.15 ? 57  PHE A O     1 
ATOM   347  C  CB    . PHE A 1 43  ? -7.901  -0.192  -12.316 1.00 16.36 ? 57  PHE A CB    1 
ATOM   348  C  CG    . PHE A 1 43  ? -8.800  -1.191  -11.662 1.00 18.40 ? 57  PHE A CG    1 
ATOM   349  C  CD1   . PHE A 1 43  ? -9.298  -0.955  -10.395 1.00 19.55 ? 57  PHE A CD1   1 
ATOM   350  C  CD2   . PHE A 1 43  ? -9.148  -2.379  -12.314 1.00 20.69 ? 57  PHE A CD2   1 
ATOM   351  C  CE1   . PHE A 1 43  ? -10.148 -1.886  -9.768  1.00 22.85 ? 57  PHE A CE1   1 
ATOM   352  C  CE2   . PHE A 1 43  ? -9.995  -3.315  -11.690 1.00 19.97 ? 57  PHE A CE2   1 
ATOM   353  C  CZ    . PHE A 1 43  ? -10.492 -3.064  -10.424 1.00 18.94 ? 57  PHE A CZ    1 
ATOM   354  N  N     . LEU A 1 44  ? -5.863  -2.602  -11.255 1.00 16.20 ? 58  LEU A N     1 
ATOM   355  C  CA    . LEU A 1 44  ? -5.468  -3.983  -11.485 1.00 15.80 ? 58  LEU A CA    1 
ATOM   356  C  C     . LEU A 1 44  ? -6.240  -4.889  -10.556 1.00 16.28 ? 58  LEU A C     1 
ATOM   357  O  O     . LEU A 1 44  ? -6.767  -4.456  -9.541  1.00 15.74 ? 58  LEU A O     1 
ATOM   358  C  CB    . LEU A 1 44  ? -3.963  -4.162  -11.243 1.00 19.67 ? 58  LEU A CB    1 
ATOM   359  C  CG    . LEU A 1 44  ? -3.010  -3.388  -12.159 1.00 23.56 ? 58  LEU A CG    1 
ATOM   360  C  CD1   . LEU A 1 44  ? -1.579  -3.617  -11.708 1.00 27.32 ? 58  LEU A CD1   1 
ATOM   361  C  CD2   . LEU A 1 44  ? -3.176  -3.850  -13.595 1.00 29.21 ? 58  LEU A CD2   1 
ATOM   362  N  N     . THR A 1 45  ? -6.307  -6.167  -10.903 1.00 18.47 ? 59  THR A N     1 
ATOM   363  C  CA    . THR A 1 45  ? -7.002  -7.136  -10.079 1.00 15.55 ? 59  THR A CA    1 
ATOM   364  C  C     . THR A 1 45  ? -6.087  -8.348  -9.883  1.00 16.00 ? 59  THR A C     1 
ATOM   365  O  O     . THR A 1 45  ? -5.186  -8.603  -10.692 1.00 16.77 ? 59  THR A O     1 
ATOM   366  C  CB    A THR A 1 45  ? -8.320  -7.575  -10.756 0.50 19.39 ? 59  THR A CB    1 
ATOM   367  C  CB    B THR A 1 45  ? -8.318  -7.625  -10.751 0.50 18.54 ? 59  THR A CB    1 
ATOM   368  O  OG1   A THR A 1 45  ? -9.122  -8.296  -9.821  0.50 21.18 ? 59  THR A OG1   1 
ATOM   369  O  OG1   B THR A 1 45  ? -8.053  -8.009  -12.107 0.50 25.54 ? 59  THR A OG1   1 
ATOM   370  C  CG2   A THR A 1 45  ? -8.035  -8.466  -11.960 0.50 23.17 ? 59  THR A CG2   1 
ATOM   371  C  CG2   B THR A 1 45  ? -9.369  -6.543  -10.744 0.50 13.99 ? 59  THR A CG2   1 
ATOM   372  N  N     . GLN A 1 46  ? -6.297  -9.061  -8.779  1.00 15.09 ? 60  GLN A N     1 
ATOM   373  C  CA    . GLN A 1 46  ? -5.549  -10.276 -8.490  1.00 13.83 ? 60  GLN A CA    1 
ATOM   374  C  C     . GLN A 1 46  ? -6.459  -11.124 -7.631  1.00 13.99 ? 60  GLN A C     1 
ATOM   375  O  O     . GLN A 1 46  ? -7.207  -10.602 -6.804  1.00 15.49 ? 60  GLN A O     1 
ATOM   376  C  CB    . GLN A 1 46  ? -4.235  -9.960  -7.745  1.00 16.35 ? 60  GLN A CB    1 
ATOM   377  C  CG    . GLN A 1 46  ? -3.419  -11.183 -7.280  1.00 17.14 ? 60  GLN A CG    1 
ATOM   378  C  CD    . GLN A 1 46  ? -3.003  -12.125 -8.422  1.00 19.03 ? 60  GLN A CD    1 
ATOM   379  O  OE1   . GLN A 1 46  ? -3.844  -12.634 -9.170  1.00 20.40 ? 60  GLN A OE1   1 
ATOM   380  N  NE2   . GLN A 1 46  ? -1.706  -12.362 -8.548  1.00 24.83 ? 60  GLN A NE2   1 
ATOM   381  N  N     . THR A 1 47  ? -6.395  -12.435 -7.839  1.00 16.27 ? 61  THR A N     1 
ATOM   382  C  CA    . THR A 1 47  ? -7.226  -13.365 -7.100  1.00 16.53 ? 61  THR A CA    1 
ATOM   383  C  C     . THR A 1 47  ? -6.275  -14.328 -6.424  1.00 17.24 ? 61  THR A C     1 
ATOM   384  O  O     . THR A 1 47  ? -5.334  -14.818 -7.048  1.00 22.44 ? 61  THR A O     1 
ATOM   385  C  CB    . THR A 1 47  ? -8.215  -14.073 -8.080  1.00 15.54 ? 61  THR A CB    1 
ATOM   386  O  OG1   . THR A 1 47  ? -9.067  -13.082 -8.682  1.00 17.73 ? 61  THR A OG1   1 
ATOM   387  C  CG2   . THR A 1 47  ? -9.102  -15.077 -7.337  1.00 17.66 ? 61  THR A CG2   1 
ATOM   388  N  N     . VAL A 1 48  ? -6.487  -14.571 -5.133  1.00 17.71 ? 62  VAL A N     1 
ATOM   389  C  CA    . VAL A 1 48  ? -5.612  -15.469 -4.380  1.00 19.33 ? 62  VAL A CA    1 
ATOM   390  C  C     . VAL A 1 48  ? -6.411  -16.471 -3.565  1.00 17.83 ? 62  VAL A C     1 
ATOM   391  O  O     . VAL A 1 48  ? -7.627  -16.362 -3.441  1.00 19.03 ? 62  VAL A O     1 
ATOM   392  C  CB    . VAL A 1 48  ? -4.723  -14.686 -3.391  1.00 22.25 ? 62  VAL A CB    1 
ATOM   393  C  CG1   . VAL A 1 48  ? -3.974  -13.587 -4.117  1.00 22.16 ? 62  VAL A CG1   1 
ATOM   394  C  CG2   . VAL A 1 48  ? -5.581  -14.095 -2.266  1.00 23.12 ? 62  VAL A CG2   1 
ATOM   395  N  N     . CYS A 1 49  ? -5.704  -17.440 -3.003  1.00 17.97 ? 63  CYS A N     1 
ATOM   396  C  CA    . CYS A 1 49  ? -6.341  -18.451 -2.174  1.00 20.17 ? 63  CYS A CA    1 
ATOM   397  C  C     . CYS A 1 49  ? -6.019  -18.127 -0.719  1.00 21.87 ? 63  CYS A C     1 
ATOM   398  O  O     . CYS A 1 49  ? -4.842  -18.064 -0.334  1.00 21.92 ? 63  CYS A O     1 
ATOM   399  C  CB    . CYS A 1 49  ? -5.795  -19.830 -2.544  1.00 19.82 ? 63  CYS A CB    1 
ATOM   400  S  SG    . CYS A 1 49  ? -6.423  -21.160 -1.471  1.00 24.67 ? 63  CYS A SG    1 
ATOM   401  N  N     . LEU A 1 50  ? -7.059  -17.916 0.082   1.00 23.50 ? 64  LEU A N     1 
ATOM   402  C  CA    . LEU A 1 50  ? -6.885  -17.618 1.499   1.00 26.60 ? 64  LEU A CA    1 
ATOM   403  C  C     . LEU A 1 50  ? -7.670  -18.643 2.315   1.00 26.20 ? 64  LEU A C     1 
ATOM   404  O  O     . LEU A 1 50  ? -8.863  -18.487 2.554   1.00 28.09 ? 64  LEU A O     1 
ATOM   405  C  CB    . LEU A 1 50  ? -7.369  -16.193 1.794   1.00 27.17 ? 64  LEU A CB    1 
ATOM   406  C  CG    . LEU A 1 50  ? -7.042  -15.586 3.168   1.00 31.13 ? 64  LEU A CG    1 
ATOM   407  C  CD1   . LEU A 1 50  ? -8.103  -15.949 4.186   1.00 34.73 ? 64  LEU A CD1   1 
ATOM   408  C  CD2   . LEU A 1 50  ? -5.668  -16.042 3.615   1.00 32.06 ? 64  LEU A CD2   1 
ATOM   409  N  N     . ASP A 1 51  ? -6.979  -19.704 2.719   1.00 30.42 ? 65  ASP A N     1 
ATOM   410  C  CA    . ASP A 1 51  ? -7.588  -20.781 3.485   1.00 33.99 ? 65  ASP A CA    1 
ATOM   411  C  C     . ASP A 1 51  ? -8.641  -21.494 2.645   1.00 32.99 ? 65  ASP A C     1 
ATOM   412  O  O     . ASP A 1 51  ? -8.307  -22.218 1.700   1.00 34.99 ? 65  ASP A O     1 
ATOM   413  C  CB    . ASP A 1 51  ? -8.219  -20.240 4.772   1.00 38.38 ? 65  ASP A CB    1 
ATOM   414  C  CG    . ASP A 1 51  ? -7.190  -19.628 5.713   1.00 41.82 ? 65  ASP A CG    1 
ATOM   415  O  OD1   . ASP A 1 51  ? -6.104  -20.233 5.873   1.00 44.89 ? 65  ASP A OD1   1 
ATOM   416  O  OD2   . ASP A 1 51  ? -7.472  -18.557 6.297   1.00 45.29 ? 65  ASP A OD2   1 
ATOM   417  N  N     . ASP A 1 52  ? -9.909  -21.269 2.967   1.00 32.90 ? 66  ASP A N     1 
ATOM   418  C  CA    . ASP A 1 52  ? -10.989 -21.921 2.247   1.00 34.01 ? 66  ASP A CA    1 
ATOM   419  C  C     . ASP A 1 52  ? -11.745 -20.933 1.377   1.00 30.24 ? 66  ASP A C     1 
ATOM   420  O  O     . ASP A 1 52  ? -12.838 -21.231 0.890   1.00 33.15 ? 66  ASP A O     1 
ATOM   421  C  CB    . ASP A 1 52  ? -11.949 -22.570 3.247   1.00 39.89 ? 66  ASP A CB    1 
ATOM   422  C  CG    . ASP A 1 52  ? -12.688 -21.544 4.078   1.00 44.23 ? 66  ASP A CG    1 
ATOM   423  O  OD1   . ASP A 1 52  ? -12.089 -20.479 4.357   1.00 46.51 ? 66  ASP A OD1   1 
ATOM   424  O  OD2   . ASP A 1 52  ? -13.858 -21.796 4.451   1.00 49.28 ? 66  ASP A OD2   1 
ATOM   425  N  N     . THR A 1 53  ? -11.142 -19.766 1.149   1.00 25.10 ? 67  THR A N     1 
ATOM   426  C  CA    . THR A 1 53  ? -11.785 -18.730 0.357   1.00 22.01 ? 67  THR A CA    1 
ATOM   427  C  C     . THR A 1 53  ? -10.949 -18.199 -0.800  1.00 18.80 ? 67  THR A C     1 
ATOM   428  O  O     . THR A 1 53  ? -9.732  -18.018 -0.673  1.00 19.17 ? 67  THR A O     1 
ATOM   429  C  CB    . THR A 1 53  ? -12.168 -17.516 1.257   1.00 23.88 ? 67  THR A CB    1 
ATOM   430  O  OG1   . THR A 1 53  ? -13.001 -17.967 2.332   1.00 28.15 ? 67  THR A OG1   1 
ATOM   431  C  CG2   . THR A 1 53  ? -12.921 -16.461 0.457   1.00 24.16 ? 67  THR A CG2   1 
ATOM   432  N  N     . THR A 1 54  ? -11.609 -17.976 -1.930  1.00 22.09 ? 68  THR A N     1 
ATOM   433  C  CA    . THR A 1 54  ? -10.957 -17.404 -3.105  1.00 16.54 ? 68  THR A CA    1 
ATOM   434  C  C     . THR A 1 54  ? -11.219 -15.907 -2.975  1.00 21.42 ? 68  THR A C     1 
ATOM   435  O  O     . THR A 1 54  ? -12.358 -15.452 -3.124  1.00 22.79 ? 68  THR A O     1 
ATOM   436  C  CB    . THR A 1 54  ? -11.573 -17.945 -4.409  1.00 22.21 ? 68  THR A CB    1 
ATOM   437  O  OG1   . THR A 1 54  ? -11.199 -19.318 -4.558  1.00 22.30 ? 68  THR A OG1   1 
ATOM   438  C  CG2   . THR A 1 54  ? -11.072 -17.176 -5.619  1.00 18.23 ? 68  THR A CG2   1 
ATOM   439  N  N     . VAL A 1 55  ? -10.158 -15.147 -2.697  1.00 19.15 ? 69  VAL A N     1 
ATOM   440  C  CA    . VAL A 1 55  ? -10.274 -13.700 -2.511  1.00 17.84 ? 69  VAL A CA    1 
ATOM   441  C  C     . VAL A 1 55  ? -9.798  -12.928 -3.737  1.00 14.76 ? 69  VAL A C     1 
ATOM   442  O  O     . VAL A 1 55  ? -8.667  -13.120 -4.196  1.00 16.49 ? 69  VAL A O     1 
ATOM   443  C  CB    . VAL A 1 55  ? -9.441  -13.234 -1.294  1.00 17.98 ? 69  VAL A CB    1 
ATOM   444  C  CG1   . VAL A 1 55  ? -9.605  -11.738 -1.090  1.00 16.96 ? 69  VAL A CG1   1 
ATOM   445  C  CG2   . VAL A 1 55  ? -9.868  -13.991 -0.033  1.00 20.37 ? 69  VAL A CG2   1 
ATOM   446  N  N     . LYS A 1 56  ? -10.672 -12.073 -4.261  1.00 15.78 ? 70  LYS A N     1 
ATOM   447  C  CA    . LYS A 1 56  ? -10.352 -11.232 -5.425  1.00 15.03 ? 70  LYS A CA    1 
ATOM   448  C  C     . LYS A 1 56  ? -10.127 -9.797  -4.966  1.00 17.60 ? 70  LYS A C     1 
ATOM   449  O  O     . LYS A 1 56  ? -10.971 -9.226  -4.278  1.00 17.17 ? 70  LYS A O     1 
ATOM   450  C  CB    . LYS A 1 56  ? -11.502 -11.267 -6.442  1.00 18.64 ? 70  LYS A CB    1 
ATOM   451  C  CG    . LYS A 1 56  ? -11.262 -10.415 -7.671  1.00 17.30 ? 70  LYS A CG    1 
ATOM   452  C  CD    . LYS A 1 56  ? -12.287 -10.713 -8.760  1.00 20.63 ? 70  LYS A CD    1 
ATOM   453  C  CE    . LYS A 1 56  ? -12.097 -9.796  -9.946  1.00 24.74 ? 70  LYS A CE    1 
ATOM   454  N  NZ    . LYS A 1 56  ? -13.134 -10.009 -11.003 1.00 28.48 ? 70  LYS A NZ    1 
ATOM   455  N  N     . PHE A 1 57  ? -8.963  -9.254  -5.314  1.00 13.93 ? 71  PHE A N     1 
ATOM   456  C  CA    . PHE A 1 57  ? -8.581  -7.876  -4.977  1.00 14.31 ? 71  PHE A CA    1 
ATOM   457  C  C     . PHE A 1 57  ? -8.845  -6.938  -6.147  1.00 12.40 ? 71  PHE A C     1 
ATOM   458  O  O     . PHE A 1 57  ? -8.381  -7.202  -7.257  1.00 16.18 ? 71  PHE A O     1 
ATOM   459  C  CB    . PHE A 1 57  ? -7.071  -7.768  -4.732  1.00 15.05 ? 71  PHE A CB    1 
ATOM   460  C  CG    . PHE A 1 57  ? -6.567  -8.452  -3.499  1.00 19.20 ? 71  PHE A CG    1 
ATOM   461  C  CD1   . PHE A 1 57  ? -6.013  -7.705  -2.467  1.00 21.24 ? 71  PHE A CD1   1 
ATOM   462  C  CD2   . PHE A 1 57  ? -6.556  -9.838  -3.400  1.00 19.01 ? 71  PHE A CD2   1 
ATOM   463  C  CE1   . PHE A 1 57  ? -5.446  -8.325  -1.355  1.00 21.42 ? 71  PHE A CE1   1 
ATOM   464  C  CE2   . PHE A 1 57  ? -5.991  -10.466 -2.290  1.00 17.38 ? 71  PHE A CE2   1 
ATOM   465  C  CZ    . PHE A 1 57  ? -5.437  -9.708  -1.267  1.00 15.99 ? 71  PHE A CZ    1 
ATOM   466  N  N     . GLU A 1 58  ? -9.568  -5.841  -5.902  1.00 11.01 ? 72  GLU A N     1 
ATOM   467  C  CA    . GLU A 1 58  ? -9.780  -4.799  -6.908  1.00 14.76 ? 72  GLU A CA    1 
ATOM   468  C  C     . GLU A 1 58  ? -8.872  -3.689  -6.401  1.00 14.93 ? 72  GLU A C     1 
ATOM   469  O  O     . GLU A 1 58  ? -9.176  -3.048  -5.406  1.00 15.45 ? 72  GLU A O     1 
ATOM   470  C  CB    . GLU A 1 58  ? -11.213 -4.324  -6.903  1.00 15.36 ? 72  GLU A CB    1 
ATOM   471  C  CG    . GLU A 1 58  ? -12.160 -5.344  -7.487  1.00 22.93 ? 72  GLU A CG    1 
ATOM   472  C  CD    . GLU A 1 58  ? -13.336 -4.681  -8.193  1.00 34.45 ? 72  GLU A CD    1 
ATOM   473  O  OE1   . GLU A 1 58  ? -13.640 -5.096  -9.334  1.00 36.03 ? 72  GLU A OE1   1 
ATOM   474  O  OE2   . GLU A 1 58  ? -13.949 -3.745  -7.609  1.00 35.84 ? 72  GLU A OE2   1 
ATOM   475  N  N     . ILE A 1 59  ? -7.797  -3.426  -7.135  1.00 11.58 ? 73  ILE A N     1 
ATOM   476  C  CA    . ILE A 1 59  ? -6.768  -2.499  -6.685  1.00 12.47 ? 73  ILE A CA    1 
ATOM   477  C  C     . ILE A 1 59  ? -6.619  -1.202  -7.419  1.00 11.08 ? 73  ILE A C     1 
ATOM   478  O  O     . ILE A 1 59  ? -6.371  -1.172  -8.625  1.00 12.39 ? 73  ILE A O     1 
ATOM   479  C  CB    . ILE A 1 59  ? -5.426  -3.206  -6.743  1.00 12.05 ? 73  ILE A CB    1 
ATOM   480  C  CG1   . ILE A 1 59  ? -5.534  -4.563  -6.053  1.00 12.30 ? 73  ILE A CG1   1 
ATOM   481  C  CG2   . ILE A 1 59  ? -4.367  -2.370  -6.052  1.00 14.23 ? 73  ILE A CG2   1 
ATOM   482  C  CD1   . ILE A 1 59  ? -4.285  -5.400  -6.136  1.00 15.63 ? 73  ILE A CD1   1 
ATOM   483  N  N     . TRP A 1 60  ? -6.773  -0.111  -6.674  1.00 11.20 ? 74  TRP A N     1 
ATOM   484  C  CA    . TRP A 1 60  ? -6.573  1.213   -7.249  1.00 12.03 ? 74  TRP A CA    1 
ATOM   485  C  C     . TRP A 1 60  ? -5.209  1.718   -6.842  1.00 11.58 ? 74  TRP A C     1 
ATOM   486  O  O     . TRP A 1 60  ? -4.941  1.922   -5.658  1.00 13.13 ? 74  TRP A O     1 
ATOM   487  C  CB    . TRP A 1 60  ? -7.642  2.194   -6.768  1.00 13.70 ? 74  TRP A CB    1 
ATOM   488  C  CG    . TRP A 1 60  ? -8.951  2.009   -7.477  1.00 13.91 ? 74  TRP A CG    1 
ATOM   489  C  CD1   . TRP A 1 60  ? -10.055 1.362   -7.005  1.00 25.53 ? 74  TRP A CD1   1 
ATOM   490  C  CD2   . TRP A 1 60  ? -9.306  2.535   -8.750  1.00 14.48 ? 74  TRP A CD2   1 
ATOM   491  N  NE1   . TRP A 1 60  ? -11.090 1.469   -7.906  1.00 28.27 ? 74  TRP A NE1   1 
ATOM   492  C  CE2   . TRP A 1 60  ? -10.659 2.194   -8.983  1.00 20.33 ? 74  TRP A CE2   1 
ATOM   493  C  CE3   . TRP A 1 60  ? -8.623  3.287   -9.714  1.00 18.59 ? 74  TRP A CE3   1 
ATOM   494  C  CZ2   . TRP A 1 60  ? -11.331 2.563   -10.154 1.00 16.35 ? 74  TRP A CZ2   1 
ATOM   495  C  CZ3   . TRP A 1 60  ? -9.293  3.653   -10.874 1.00 25.85 ? 74  TRP A CZ3   1 
ATOM   496  C  CH2   . TRP A 1 60  ? -10.643 3.298   -11.073 1.00 20.12 ? 74  TRP A CH2   1 
ATOM   497  N  N     . ASP A 1 61  ? -4.359  1.912   -7.841  1.00 9.80  ? 75  ASP A N     1 
ATOM   498  C  CA    . ASP A 1 61  ? -2.986  2.387   -7.676  1.00 10.21 ? 75  ASP A CA    1 
ATOM   499  C  C     . ASP A 1 61  ? -2.989  3.889   -8.005  1.00 11.65 ? 75  ASP A C     1 
ATOM   500  O  O     . ASP A 1 61  ? -2.986  4.259   -9.170  1.00 12.46 ? 75  ASP A O     1 
ATOM   501  C  CB    . ASP A 1 61  ? -2.096  1.619   -8.660  1.00 10.04 ? 75  ASP A CB    1 
ATOM   502  C  CG    . ASP A 1 61  ? -0.679  2.114   -8.678  1.00 9.76  ? 75  ASP A CG    1 
ATOM   503  O  OD1   . ASP A 1 61  ? -0.269  2.801   -7.711  1.00 11.77 ? 75  ASP A OD1   1 
ATOM   504  O  OD2   . ASP A 1 61  ? 0.023   1.798   -9.668  1.00 11.69 ? 75  ASP A OD2   1 
ATOM   505  N  N     . THR A 1 62  ? -2.969  4.739   -6.984  1.00 9.45  ? 76  THR A N     1 
ATOM   506  C  CA    . THR A 1 62  ? -3.042  6.175   -7.221  1.00 11.58 ? 76  THR A CA    1 
ATOM   507  C  C     . THR A 1 62  ? -1.717  6.850   -7.532  1.00 11.91 ? 76  THR A C     1 
ATOM   508  O  O     . THR A 1 62  ? -0.655  6.393   -7.107  1.00 11.47 ? 76  THR A O     1 
ATOM   509  C  CB    . THR A 1 62  ? -3.672  6.903   -6.023  1.00 11.88 ? 76  THR A CB    1 
ATOM   510  O  OG1   . THR A 1 62  ? -2.780  6.844   -4.891  1.00 9.36  ? 76  THR A OG1   1 
ATOM   511  C  CG2   . THR A 1 62  ? -4.989  6.229   -5.647  1.00 11.14 ? 76  THR A CG2   1 
ATOM   512  N  N     . ALA A 1 63  ? -1.792  7.939   -8.299  1.00 11.15 ? 77  ALA A N     1 
ATOM   513  C  CA    . ALA A 1 63  ? -0.620  8.748   -8.582  1.00 11.46 ? 77  ALA A CA    1 
ATOM   514  C  C     . ALA A 1 63  ? -0.436  9.582   -7.313  1.00 10.16 ? 77  ALA A C     1 
ATOM   515  O  O     . ALA A 1 63  ? -1.401  10.216  -6.831  1.00 11.08 ? 77  ALA A O     1 
ATOM   516  C  CB    . ALA A 1 63  ? -0.862  9.660   -9.790  1.00 9.57  ? 77  ALA A CB    1 
ATOM   517  N  N     . GLY A 1 64  ? 0.795   9.644   -6.798  1.00 9.84  ? 78  GLY A N     1 
ATOM   518  C  CA    . GLY A 1 64  ? 1.035   10.357  -5.551  1.00 10.48 ? 78  GLY A CA    1 
ATOM   519  C  C     . GLY A 1 64  ? 1.353   11.843  -5.538  1.00 12.27 ? 78  GLY A C     1 
ATOM   520  O  O     . GLY A 1 64  ? 1.411   12.438  -4.451  1.00 13.91 ? 78  GLY A O     1 
ATOM   521  N  N     . GLN A 1 65  ? 1.547   12.461  -6.705  1.00 15.48 ? 79  GLN A N     1 
ATOM   522  C  CA    . GLN A 1 65  ? 1.877   13.895  -6.699  1.00 15.17 ? 79  GLN A CA    1 
ATOM   523  C  C     . GLN A 1 65  ? 0.750   14.715  -6.127  1.00 14.36 ? 79  GLN A C     1 
ATOM   524  O  O     . GLN A 1 65  ? -0.424  14.389  -6.332  1.00 14.33 ? 79  GLN A O     1 
ATOM   525  C  CB    . GLN A 1 65  ? 2.192   14.427  -8.094  1.00 17.39 ? 79  GLN A CB    1 
ATOM   526  C  CG    . GLN A 1 65  ? 3.449   13.884  -8.633  1.00 15.19 ? 79  GLN A CG    1 
ATOM   527  C  CD    . GLN A 1 65  ? 3.187   12.731  -9.523  1.00 18.22 ? 79  GLN A CD    1 
ATOM   528  O  OE1   . GLN A 1 65  ? 2.326   11.885  -9.218  1.00 16.88 ? 79  GLN A OE1   1 
ATOM   529  N  NE2   . GLN A 1 65  ? 3.923   12.659  -10.638 1.00 20.35 ? 79  GLN A NE2   1 
ATOM   530  N  N     . GLU A 1 66  ? 1.113   15.790  -5.428  1.00 15.01 ? 80  GLU A N     1 
ATOM   531  C  CA    . GLU A 1 66  ? 0.128   16.652  -4.788  1.00 15.41 ? 80  GLU A CA    1 
ATOM   532  C  C     . GLU A 1 66  ? -0.934  17.148  -5.750  1.00 12.29 ? 80  GLU A C     1 
ATOM   533  O  O     . GLU A 1 66  ? -2.075  17.362  -5.339  1.00 15.33 ? 80  GLU A O     1 
ATOM   534  C  CB    . GLU A 1 66  ? 0.809   17.846  -4.096  1.00 20.33 ? 80  GLU A CB    1 
ATOM   535  C  CG    . GLU A 1 66  ? -0.158  18.726  -3.268  1.00 20.13 ? 80  GLU A CG    1 
ATOM   536  C  CD    . GLU A 1 66  ? -0.837  17.958  -2.116  1.00 27.17 ? 80  GLU A CD    1 
ATOM   537  O  OE1   . GLU A 1 66  ? -1.943  18.367  -1.679  1.00 28.36 ? 80  GLU A OE1   1 
ATOM   538  O  OE2   . GLU A 1 66  ? -0.259  16.952  -1.635  1.00 29.69 ? 80  GLU A OE2   1 
ATOM   539  N  N     . ARG A 1 67  ? -0.585  17.336  -7.032  1.00 14.02 ? 81  ARG A N     1 
ATOM   540  C  CA    . ARG A 1 67  ? -1.614  17.815  -7.962  1.00 15.69 ? 81  ARG A CA    1 
ATOM   541  C  C     . ARG A 1 67  ? -2.787  16.843  -8.128  1.00 18.51 ? 81  ARG A C     1 
ATOM   542  O  O     . ARG A 1 67  ? -3.841  17.209  -8.656  1.00 18.32 ? 81  ARG A O     1 
ATOM   543  C  CB    . ARG A 1 67  ? -1.016  18.149  -9.331  1.00 17.39 ? 81  ARG A CB    1 
ATOM   544  C  CG    . ARG A 1 67  ? -0.350  16.996  -10.037 1.00 15.83 ? 81  ARG A CG    1 
ATOM   545  C  CD    . ARG A 1 67  ? -0.036  17.398  -11.472 1.00 19.60 ? 81  ARG A CD    1 
ATOM   546  N  NE    . ARG A 1 67  ? 0.552   16.294  -12.229 1.00 23.96 ? 81  ARG A NE    1 
ATOM   547  C  CZ    . ARG A 1 67  ? 1.828   15.913  -12.168 1.00 21.07 ? 81  ARG A CZ    1 
ATOM   548  N  NH1   . ARG A 1 67  ? 2.691   16.541  -11.380 1.00 24.22 ? 81  ARG A NH1   1 
ATOM   549  N  NH2   . ARG A 1 67  ? 2.247   14.893  -12.923 1.00 30.64 ? 81  ARG A NH2   1 
ATOM   550  N  N     . TYR A 1 68  ? -2.616  15.597  -7.688  1.00 11.83 ? 82  TYR A N     1 
ATOM   551  C  CA    . TYR A 1 68  ? -3.694  14.618  -7.793  1.00 13.74 ? 82  TYR A CA    1 
ATOM   552  C  C     . TYR A 1 68  ? -4.410  14.425  -6.458  1.00 13.14 ? 82  TYR A C     1 
ATOM   553  O  O     . TYR A 1 68  ? -5.331  13.609  -6.366  1.00 13.25 ? 82  TYR A O     1 
ATOM   554  C  CB    . TYR A 1 68  ? -3.166  13.245  -8.232  1.00 13.44 ? 82  TYR A CB    1 
ATOM   555  C  CG    . TYR A 1 68  ? -2.483  13.249  -9.583  1.00 13.33 ? 82  TYR A CG    1 
ATOM   556  C  CD1   . TYR A 1 68  ? -1.118  13.005  -9.685  1.00 13.69 ? 82  TYR A CD1   1 
ATOM   557  C  CD2   . TYR A 1 68  ? -3.205  13.495  -10.750 1.00 17.28 ? 82  TYR A CD2   1 
ATOM   558  C  CE1   . TYR A 1 68  ? -0.487  13.012  -10.920 1.00 16.10 ? 82  TYR A CE1   1 
ATOM   559  C  CE2   . TYR A 1 68  ? -2.580  13.507  -12.002 1.00 17.68 ? 82  TYR A CE2   1 
ATOM   560  C  CZ    . TYR A 1 68  ? -1.217  13.264  -12.073 1.00 19.07 ? 82  TYR A CZ    1 
ATOM   561  O  OH    . TYR A 1 68  ? -0.575  13.290  -13.301 1.00 20.34 ? 82  TYR A OH    1 
ATOM   562  N  N     . HIS A 1 69  ? -3.998  15.155  -5.428  1.00 13.15 ? 83  HIS A N     1 
ATOM   563  C  CA    . HIS A 1 69  ? -4.615  14.971  -4.113  1.00 11.71 ? 83  HIS A CA    1 
ATOM   564  C  C     . HIS A 1 69  ? -6.135  15.077  -4.138  1.00 10.48 ? 83  HIS A C     1 
ATOM   565  O  O     . HIS A 1 69  ? -6.841  14.313  -3.456  1.00 13.31 ? 83  HIS A O     1 
ATOM   566  C  CB    . HIS A 1 69  ? -4.057  16.015  -3.145  1.00 10.90 ? 83  HIS A CB    1 
ATOM   567  C  CG    . HIS A 1 69  ? -4.316  15.731  -1.696  1.00 13.83 ? 83  HIS A CG    1 
ATOM   568  N  ND1   . HIS A 1 69  ? -3.762  16.496  -0.691  1.00 20.39 ? 83  HIS A ND1   1 
ATOM   569  C  CD2   . HIS A 1 69  ? -5.047  14.773  -1.078  1.00 14.29 ? 83  HIS A CD2   1 
ATOM   570  C  CE1   . HIS A 1 69  ? -4.140  16.017  0.482   1.00 22.49 ? 83  HIS A CE1   1 
ATOM   571  N  NE2   . HIS A 1 69  ? -4.922  14.971  0.274   1.00 14.93 ? 83  HIS A NE2   1 
ATOM   572  N  N     . SER A 1 70  ? -6.656  16.033  -4.900  1.00 13.08 ? 84  SER A N     1 
ATOM   573  C  CA    . SER A 1 70  ? -8.112  16.192  -4.900  1.00 11.84 ? 84  SER A CA    1 
ATOM   574  C  C     . SER A 1 70  ? -8.896  15.021  -5.493  1.00 13.34 ? 84  SER A C     1 
ATOM   575  O  O     . SER A 1 70  ? -10.110 14.929  -5.289  1.00 13.79 ? 84  SER A O     1 
ATOM   576  C  CB    . SER A 1 70  ? -8.503  17.492  -5.600  1.00 14.34 ? 84  SER A CB    1 
ATOM   577  O  OG    . SER A 1 70  ? -8.175  17.440  -6.973  1.00 19.02 ? 84  SER A OG    1 
ATOM   578  N  N     . LEU A 1 71  ? -8.225  14.131  -6.223  1.00 10.62 ? 85  LEU A N     1 
ATOM   579  C  CA    . LEU A 1 71  ? -8.878  12.952  -6.785  1.00 11.10 ? 85  LEU A CA    1 
ATOM   580  C  C     . LEU A 1 71  ? -8.924  11.779  -5.796  1.00 12.52 ? 85  LEU A C     1 
ATOM   581  O  O     . LEU A 1 71  ? -9.696  10.861  -5.971  1.00 12.77 ? 85  LEU A O     1 
ATOM   582  C  CB    . LEU A 1 71  ? -8.109  12.463  -8.026  1.00 13.27 ? 85  LEU A CB    1 
ATOM   583  C  CG    . LEU A 1 71  ? -7.988  13.494  -9.144  1.00 17.91 ? 85  LEU A CG    1 
ATOM   584  C  CD1   . LEU A 1 71  ? -7.038  12.985  -10.224 1.00 20.60 ? 85  LEU A CD1   1 
ATOM   585  C  CD2   . LEU A 1 71  ? -9.362  13.783  -9.715  1.00 23.84 ? 85  LEU A CD2   1 
ATOM   586  N  N     . ALA A 1 72  ? -8.103  11.833  -4.755  1.00 11.61 ? 86  ALA A N     1 
ATOM   587  C  CA    . ALA A 1 72  ? -7.978  10.719  -3.826  1.00 12.48 ? 86  ALA A CA    1 
ATOM   588  C  C     . ALA A 1 72  ? -9.284  10.146  -3.290  1.00 11.66 ? 86  ALA A C     1 
ATOM   589  O  O     . ALA A 1 72  ? -9.445  8.922   -3.245  1.00 11.54 ? 86  ALA A O     1 
ATOM   590  C  CB    . ALA A 1 72  ? -7.030  11.108  -2.676  1.00 12.59 ? 86  ALA A CB    1 
ATOM   591  N  N     . PRO A 1 73  ? -10.235 10.999  -2.878  1.00 11.29 ? 87  PRO A N     1 
ATOM   592  C  CA    . PRO A 1 73  ? -11.473 10.394  -2.373  1.00 11.56 ? 87  PRO A CA    1 
ATOM   593  C  C     . PRO A 1 73  ? -12.226 9.519   -3.387  1.00 8.06  ? 87  PRO A C     1 
ATOM   594  O  O     . PRO A 1 73  ? -12.999 8.637   -2.999  1.00 12.76 ? 87  PRO A O     1 
ATOM   595  C  CB    . PRO A 1 73  ? -12.309 11.596  -1.936  1.00 11.06 ? 87  PRO A CB    1 
ATOM   596  C  CG    . PRO A 1 73  ? -11.261 12.617  -1.570  1.00 11.95 ? 87  PRO A CG    1 
ATOM   597  C  CD    . PRO A 1 73  ? -10.217 12.460  -2.663  1.00 13.32 ? 87  PRO A CD    1 
ATOM   598  N  N     . MET A 1 74  ? -12.035 9.786   -4.682  1.00 11.45 ? 88  MET A N     1 
ATOM   599  C  CA    . MET A 1 74  ? -12.705 8.980   -5.708  1.00 11.14 ? 88  MET A CA    1 
ATOM   600  C  C     . MET A 1 74  ? -12.223 7.550   -5.630  1.00 14.50 ? 88  MET A C     1 
ATOM   601  O  O     . MET A 1 74  ? -12.948 6.617   -5.998  1.00 17.70 ? 88  MET A O     1 
ATOM   602  C  CB    . MET A 1 74  ? -12.441 9.516   -7.130  1.00 15.27 ? 88  MET A CB    1 
ATOM   603  C  CG    . MET A 1 74  ? -12.960 10.901  -7.355  1.00 21.37 ? 88  MET A CG    1 
ATOM   604  S  SD    . MET A 1 74  ? -14.773 10.900  -7.258  1.00 27.11 ? 88  MET A SD    1 
ATOM   605  C  CE    . MET A 1 74  ? -15.174 9.801   -8.693  1.00 22.80 ? 88  MET A CE    1 
ATOM   606  N  N     . TYR A 1 75  ? -11.006 7.376   -5.118  1.00 15.06 ? 89  TYR A N     1 
ATOM   607  C  CA    . TYR A 1 75  ? -10.420 6.040   -5.010  1.00 16.20 ? 89  TYR A CA    1 
ATOM   608  C  C     . TYR A 1 75  ? -10.522 5.389   -3.660  1.00 14.49 ? 89  TYR A C     1 
ATOM   609  O  O     . TYR A 1 75  ? -10.606 4.162   -3.570  1.00 19.27 ? 89  TYR A O     1 
ATOM   610  C  CB    . TYR A 1 75  ? -8.956  6.082   -5.441  1.00 18.27 ? 89  TYR A CB    1 
ATOM   611  C  CG    . TYR A 1 75  ? -8.843  6.668   -6.805  1.00 19.31 ? 89  TYR A CG    1 
ATOM   612  C  CD1   . TYR A 1 75  ? -8.153  7.842   -7.016  1.00 15.12 ? 89  TYR A CD1   1 
ATOM   613  C  CD2   . TYR A 1 75  ? -9.518  6.080   -7.879  1.00 18.61 ? 89  TYR A CD2   1 
ATOM   614  C  CE1   . TYR A 1 75  ? -8.132  8.437   -8.266  1.00 22.07 ? 89  TYR A CE1   1 
ATOM   615  C  CE2   . TYR A 1 75  ? -9.509  6.660   -9.116  1.00 19.31 ? 89  TYR A CE2   1 
ATOM   616  C  CZ    . TYR A 1 75  ? -8.819  7.831   -9.299  1.00 14.71 ? 89  TYR A CZ    1 
ATOM   617  O  OH    . TYR A 1 75  ? -8.844  8.385   -10.549 1.00 27.06 ? 89  TYR A OH    1 
ATOM   618  N  N     . TYR A 1 76  ? -10.507 6.178   -2.588  1.00 11.69 ? 90  TYR A N     1 
ATOM   619  C  CA    . TYR A 1 76  ? -10.616 5.574   -1.271  1.00 11.44 ? 90  TYR A CA    1 
ATOM   620  C  C     . TYR A 1 76  ? -12.015 5.511   -0.678  1.00 14.55 ? 90  TYR A C     1 
ATOM   621  O  O     . TYR A 1 76  ? -12.253 4.735   0.252   1.00 15.71 ? 90  TYR A O     1 
ATOM   622  C  CB    . TYR A 1 76  ? -9.638  6.219   -0.252  1.00 11.84 ? 90  TYR A CB    1 
ATOM   623  C  CG    . TYR A 1 76  ? -9.831  7.664   0.161   1.00 10.44 ? 90  TYR A CG    1 
ATOM   624  C  CD1   . TYR A 1 76  ? -10.972 8.078   0.846   1.00 11.10 ? 90  TYR A CD1   1 
ATOM   625  C  CD2   . TYR A 1 76  ? -8.812  8.602   -0.058  1.00 9.04  ? 90  TYR A CD2   1 
ATOM   626  C  CE1   . TYR A 1 76  ? -11.091 9.398   1.321   1.00 10.22 ? 90  TYR A CE1   1 
ATOM   627  C  CE2   . TYR A 1 76  ? -8.911  9.922   0.403   1.00 9.54  ? 90  TYR A CE2   1 
ATOM   628  C  CZ    . TYR A 1 76  ? -10.059 10.307  1.097   1.00 10.18 ? 90  TYR A CZ    1 
ATOM   629  O  OH    . TYR A 1 76  ? -10.182 11.611  1.571   1.00 11.00 ? 90  TYR A OH    1 
ATOM   630  N  N     . ARG A 1 77  ? -12.957 6.288   -1.223  1.00 15.85 ? 91  ARG A N     1 
ATOM   631  C  CA    . ARG A 1 77  ? -14.319 6.311   -0.671  1.00 18.64 ? 91  ARG A CA    1 
ATOM   632  C  C     . ARG A 1 77  ? -14.954 4.950   -0.372  1.00 23.66 ? 91  ARG A C     1 
ATOM   633  O  O     . ARG A 1 77  ? -15.403 4.701   0.745   1.00 28.02 ? 91  ARG A O     1 
ATOM   634  C  CB    . ARG A 1 77  ? -15.248 7.125   -1.585  1.00 22.05 ? 91  ARG A CB    1 
ATOM   635  C  CG    . ARG A 1 77  ? -16.657 7.344   -1.031  1.00 29.04 ? 91  ARG A CG    1 
ATOM   636  C  CD    . ARG A 1 77  ? -17.027 8.829   -1.064  1.00 32.42 ? 91  ARG A CD    1 
ATOM   637  N  NE    . ARG A 1 77  ? -16.730 9.435   -2.361  1.00 44.22 ? 91  ARG A NE    1 
ATOM   638  C  CZ    . ARG A 1 77  ? -16.787 10.741  -2.605  1.00 41.77 ? 91  ARG A CZ    1 
ATOM   639  N  NH1   . ARG A 1 77  ? -17.129 11.578  -1.633  1.00 46.10 ? 91  ARG A NH1   1 
ATOM   640  N  NH2   . ARG A 1 77  ? -16.516 11.210  -3.819  1.00 44.21 ? 91  ARG A NH2   1 
ATOM   641  N  N     . GLY A 1 78  ? -14.993 4.066   -1.351  1.00 22.28 ? 92  GLY A N     1 
ATOM   642  C  CA    . GLY A 1 78  ? -15.601 2.770   -1.094  1.00 15.89 ? 92  GLY A CA    1 
ATOM   643  C  C     . GLY A 1 78  ? -14.579 1.678   -0.857  1.00 19.36 ? 92  GLY A C     1 
ATOM   644  O  O     . GLY A 1 78  ? -14.879 0.504   -1.039  1.00 17.26 ? 92  GLY A O     1 
ATOM   645  N  N     . ALA A 1 79  ? -13.367 2.043   -0.460  1.00 15.07 ? 93  ALA A N     1 
ATOM   646  C  CA    . ALA A 1 79  ? -12.364 1.002   -0.243  1.00 13.44 ? 93  ALA A CA    1 
ATOM   647  C  C     . ALA A 1 79  ? -12.527 0.305   1.094   1.00 12.70 ? 93  ALA A C     1 
ATOM   648  O  O     . ALA A 1 79  ? -12.882 0.930   2.088   1.00 16.41 ? 93  ALA A O     1 
ATOM   649  C  CB    . ALA A 1 79  ? -10.958 1.594   -0.357  1.00 12.17 ? 93  ALA A CB    1 
ATOM   650  N  N     . GLN A 1 80  ? -12.284 -1.009  1.101   1.00 13.34 ? 94  GLN A N     1 
ATOM   651  C  CA    . GLN A 1 80  ? -12.357 -1.786  2.338   1.00 12.48 ? 94  GLN A CA    1 
ATOM   652  C  C     . GLN A 1 80  ? -10.974 -1.805  2.994   1.00 12.09 ? 94  GLN A C     1 
ATOM   653  O  O     . GLN A 1 80  ? -10.853 -2.078  4.180   1.00 12.03 ? 94  GLN A O     1 
ATOM   654  C  CB    . GLN A 1 80  ? -12.816 -3.223  2.056   1.00 13.10 ? 94  GLN A CB    1 
ATOM   655  C  CG    . GLN A 1 80  ? -14.325 -3.353  1.896   1.00 17.47 ? 94  GLN A CG    1 
ATOM   656  C  CD    . GLN A 1 80  ? -14.778 -2.940  0.526   1.00 27.56 ? 94  GLN A CD    1 
ATOM   657  O  OE1   . GLN A 1 80  ? -14.249 -3.409  -0.487  1.00 30.48 ? 94  GLN A OE1   1 
ATOM   658  N  NE2   . GLN A 1 80  ? -15.769 -2.045  0.476   1.00 30.81 ? 94  GLN A NE2   1 
ATOM   659  N  N     . ALA A 1 81  ? -9.939  -1.496  2.220   1.00 11.30 ? 95  ALA A N     1 
ATOM   660  C  CA    . ALA A 1 81  ? -8.570  -1.476  2.737   1.00 10.57 ? 95  ALA A CA    1 
ATOM   661  C  C     . ALA A 1 81  ? -7.709  -0.482  1.964   1.00 9.99  ? 95  ALA A C     1 
ATOM   662  O  O     . ALA A 1 81  ? -8.002  -0.120  0.808   1.00 9.78  ? 95  ALA A O     1 
ATOM   663  C  CB    . ALA A 1 81  ? -7.951  -2.872  2.609   1.00 12.99 ? 95  ALA A CB    1 
ATOM   664  N  N     . ALA A 1 82  ? -6.643  -0.033  2.615   1.00 11.05 ? 96  ALA A N     1 
ATOM   665  C  CA    . ALA A 1 82  ? -5.694  0.878   1.972   1.00 9.50  ? 96  ALA A CA    1 
ATOM   666  C  C     . ALA A 1 82  ? -4.304  0.445   2.356   1.00 9.46  ? 96  ALA A C     1 
ATOM   667  O  O     . ALA A 1 82  ? -4.098  -0.122  3.442   1.00 10.99 ? 96  ALA A O     1 
ATOM   668  C  CB    . ALA A 1 82  ? -5.903  2.345   2.473   1.00 8.99  ? 96  ALA A CB    1 
ATOM   669  N  N     . ILE A 1 83  ? -3.357  0.684   1.458   1.00 8.62  ? 97  ILE A N     1 
ATOM   670  C  CA    . ILE A 1 83  ? -1.961  0.494   1.820   1.00 8.55  ? 97  ILE A CA    1 
ATOM   671  C  C     . ILE A 1 83  ? -1.366  1.890   1.596   1.00 7.93  ? 97  ILE A C     1 
ATOM   672  O  O     . ILE A 1 83  ? -1.376  2.409   0.475   1.00 9.13  ? 97  ILE A O     1 
ATOM   673  C  CB    . ILE A 1 83  ? -1.164  -0.494  0.935   1.00 8.21  ? 97  ILE A CB    1 
ATOM   674  C  CG1   . ILE A 1 83  ? -1.777  -1.897  1.005   1.00 9.81  ? 97  ILE A CG1   1 
ATOM   675  C  CG2   . ILE A 1 83  ? 0.283   -0.526  1.427   1.00 10.21 ? 97  ILE A CG2   1 
ATOM   676  C  CD1   . ILE A 1 83  ? -1.073  -2.953  0.103   1.00 11.56 ? 97  ILE A CD1   1 
ATOM   677  N  N     . VAL A 1 84  ? -0.891  2.505   2.675   1.00 8.58  ? 98  VAL A N     1 
ATOM   678  C  CA    . VAL A 1 84  ? -0.217  3.802   2.567   1.00 8.42  ? 98  VAL A CA    1 
ATOM   679  C  C     . VAL A 1 84  ? 1.274   3.425   2.496   1.00 10.08 ? 98  VAL A C     1 
ATOM   680  O  O     . VAL A 1 84  ? 1.801   2.743   3.377   1.00 9.67  ? 98  VAL A O     1 
ATOM   681  C  CB    . VAL A 1 84  ? -0.517  4.667   3.788   1.00 7.14  ? 98  VAL A CB    1 
ATOM   682  C  CG1   . VAL A 1 84  ? 0.267   5.980   3.696   1.00 8.37  ? 98  VAL A CG1   1 
ATOM   683  C  CG2   . VAL A 1 84  ? -2.028  4.934   3.879   1.00 9.50  ? 98  VAL A CG2   1 
ATOM   684  N  N     . VAL A 1 85  ? 1.944   3.867   1.438   1.00 8.59  ? 99  VAL A N     1 
ATOM   685  C  CA    . VAL A 1 85  ? 3.339   3.486   1.214   1.00 7.36  ? 99  VAL A CA    1 
ATOM   686  C  C     . VAL A 1 85  ? 4.299   4.644   1.389   1.00 8.80  ? 99  VAL A C     1 
ATOM   687  O  O     . VAL A 1 85  ? 3.982   5.757   1.008   1.00 8.92  ? 99  VAL A O     1 
ATOM   688  C  CB    . VAL A 1 85  ? 3.497   2.969   -0.267  1.00 8.06  ? 99  VAL A CB    1 
ATOM   689  C  CG1   . VAL A 1 85  ? 4.880   2.418   -0.500  1.00 10.13 ? 99  VAL A CG1   1 
ATOM   690  C  CG2   . VAL A 1 85  ? 2.460   1.889   -0.599  1.00 9.07  ? 99  VAL A CG2   1 
ATOM   691  N  N     . TYR A 1 86  ? 5.437   4.378   2.039   1.00 8.08  ? 100 TYR A N     1 
ATOM   692  C  CA    . TYR A 1 86  ? 6.528   5.371   2.071   1.00 6.46  ? 100 TYR A CA    1 
ATOM   693  C  C     . TYR A 1 86  ? 7.784   4.630   1.615   1.00 5.97  ? 100 TYR A C     1 
ATOM   694  O  O     . TYR A 1 86  ? 7.750   3.432   1.343   1.00 8.93  ? 100 TYR A O     1 
ATOM   695  C  CB    . TYR A 1 86  ? 6.745   6.031   3.447   1.00 8.24  ? 100 TYR A CB    1 
ATOM   696  C  CG    . TYR A 1 86  ? 7.201   5.149   4.581   1.00 9.91  ? 100 TYR A CG    1 
ATOM   697  C  CD1   . TYR A 1 86  ? 8.543   5.079   4.945   1.00 8.71  ? 100 TYR A CD1   1 
ATOM   698  C  CD2   . TYR A 1 86  ? 6.282   4.376   5.288   1.00 10.25 ? 100 TYR A CD2   1 
ATOM   699  C  CE1   . TYR A 1 86  ? 8.958   4.245   5.985   1.00 8.70  ? 100 TYR A CE1   1 
ATOM   700  C  CE2   . TYR A 1 86  ? 6.679   3.556   6.312   1.00 9.11  ? 100 TYR A CE2   1 
ATOM   701  C  CZ    . TYR A 1 86  ? 8.025   3.492   6.652   1.00 9.26  ? 100 TYR A CZ    1 
ATOM   702  O  OH    . TYR A 1 86  ? 8.429   2.626   7.645   1.00 10.75 ? 100 TYR A OH    1 
ATOM   703  N  N     . ASP A 1 87  ? 8.872   5.369   1.439   1.00 7.40  ? 101 ASP A N     1 
ATOM   704  C  CA    . ASP A 1 87  ? 10.180  4.802   1.013   1.00 7.61  ? 101 ASP A CA    1 
ATOM   705  C  C     . ASP A 1 87  ? 11.082  4.886   2.256   1.00 9.83  ? 101 ASP A C     1 
ATOM   706  O  O     . ASP A 1 87  ? 11.270  5.969   2.784   1.00 10.02 ? 101 ASP A O     1 
ATOM   707  C  CB    . ASP A 1 87  ? 10.649  5.650   -0.190  1.00 9.36  ? 101 ASP A CB    1 
ATOM   708  C  CG    . ASP A 1 87  ? 12.122  5.486   -0.556  1.00 9.09  ? 101 ASP A CG    1 
ATOM   709  O  OD1   . ASP A 1 87  ? 12.490  6.116   -1.569  1.00 13.01 ? 101 ASP A OD1   1 
ATOM   710  O  OD2   . ASP A 1 87  ? 12.889  4.781   0.132   1.00 9.17  ? 101 ASP A OD2   1 
ATOM   711  N  N     . ILE A 1 88  ? 11.619  3.754   2.733   1.00 9.29  ? 102 ILE A N     1 
ATOM   712  C  CA    . ILE A 1 88  ? 12.419  3.810   3.967   1.00 8.96  ? 102 ILE A CA    1 
ATOM   713  C  C     . ILE A 1 88  ? 13.662  4.670   3.927   1.00 9.69  ? 102 ILE A C     1 
ATOM   714  O  O     . ILE A 1 88  ? 14.243  4.964   4.975   1.00 10.13 ? 102 ILE A O     1 
ATOM   715  C  CB    . ILE A 1 88  ? 12.837  2.427   4.531   1.00 10.25 ? 102 ILE A CB    1 
ATOM   716  C  CG1   . ILE A 1 88  ? 13.887  1.741   3.649   1.00 10.53 ? 102 ILE A CG1   1 
ATOM   717  C  CG2   . ILE A 1 88  ? 11.616  1.582   4.732   1.00 11.96 ? 102 ILE A CG2   1 
ATOM   718  C  CD1   . ILE A 1 88  ? 14.714  0.668   4.462   1.00 10.54 ? 102 ILE A CD1   1 
ATOM   719  N  N     . THR A 1 89  ? 14.044  5.106   2.729   1.00 8.18  ? 103 THR A N     1 
ATOM   720  C  CA    . THR A 1 89  ? 15.218  5.974   2.585   1.00 9.28  ? 103 THR A CA    1 
ATOM   721  C  C     . THR A 1 89  ? 14.833  7.445   2.511   1.00 10.14 ? 103 THR A C     1 
ATOM   722  O  O     . THR A 1 89  ? 15.702  8.301   2.330   1.00 10.77 ? 103 THR A O     1 
ATOM   723  C  CB    . THR A 1 89  ? 15.998  5.693   1.285   1.00 10.13 ? 103 THR A CB    1 
ATOM   724  O  OG1   . THR A 1 89  ? 15.259  6.156   0.149   1.00 11.46 ? 103 THR A OG1   1 
ATOM   725  C  CG2   . THR A 1 89  ? 16.273  4.195   1.135   1.00 11.27 ? 103 THR A CG2   1 
ATOM   726  N  N     . ASN A 1 90  ? 13.546  7.746   2.675   1.00 8.92  ? 104 ASN A N     1 
ATOM   727  C  CA    . ASN A 1 90  ? 13.067  9.111   2.520   1.00 12.18 ? 104 ASN A CA    1 
ATOM   728  C  C     . ASN A 1 90  ? 12.134  9.492   3.665   1.00 9.99  ? 104 ASN A C     1 
ATOM   729  O  O     . ASN A 1 90  ? 10.960  9.123   3.663   1.00 10.97 ? 104 ASN A O     1 
ATOM   730  C  CB    . ASN A 1 90  ? 12.358  9.170   1.153   1.00 12.57 ? 104 ASN A CB    1 
ATOM   731  C  CG    . ASN A 1 90  ? 11.724  10.511  0.855   1.00 16.94 ? 104 ASN A CG    1 
ATOM   732  O  OD1   . ASN A 1 90  ? 11.677  11.400  1.697   1.00 15.46 ? 104 ASN A OD1   1 
ATOM   733  N  ND2   . ASN A 1 90  ? 11.198  10.644  -0.365  1.00 21.12 ? 104 ASN A ND2   1 
ATOM   734  N  N     . GLU A 1 91  ? 12.676  10.215  4.645   1.00 9.43  ? 105 GLU A N     1 
ATOM   735  C  CA    . GLU A 1 91  ? 11.889  10.609  5.805   1.00 9.73  ? 105 GLU A CA    1 
ATOM   736  C  C     . GLU A 1 91  ? 10.689  11.465  5.446   1.00 12.59 ? 105 GLU A C     1 
ATOM   737  O  O     . GLU A 1 91  ? 9.625   11.318  6.047   1.00 11.01 ? 105 GLU A O     1 
ATOM   738  C  CB    . GLU A 1 91  ? 12.763  11.361  6.821   1.00 11.45 ? 105 GLU A CB    1 
ATOM   739  C  CG    . GLU A 1 91  ? 11.969  11.817  8.022   1.00 13.18 ? 105 GLU A CG    1 
ATOM   740  C  CD    . GLU A 1 91  ? 12.847  12.447  9.061   1.00 17.48 ? 105 GLU A CD    1 
ATOM   741  O  OE1   . GLU A 1 91  ? 13.105  11.781  10.083  1.00 20.02 ? 105 GLU A OE1   1 
ATOM   742  O  OE2   . GLU A 1 91  ? 13.288  13.590  8.848   1.00 20.69 ? 105 GLU A OE2   1 
ATOM   743  N  N     . GLU A 1 92  ? 10.841  12.357  4.471   1.00 11.15 ? 106 GLU A N     1 
ATOM   744  C  CA    . GLU A 1 92  ? 9.711   13.192  4.083   1.00 10.79 ? 106 GLU A CA    1 
ATOM   745  C  C     . GLU A 1 92  ? 8.535   12.340  3.568   1.00 11.33 ? 106 GLU A C     1 
ATOM   746  O  O     . GLU A 1 92  ? 7.360   12.671  3.815   1.00 10.83 ? 106 GLU A O     1 
ATOM   747  C  CB    . GLU A 1 92  ? 10.207  14.229  3.065   1.00 16.67 ? 106 GLU A CB    1 
ATOM   748  C  CG    . GLU A 1 92  ? 9.232   15.306  2.680   1.00 27.94 ? 106 GLU A CG    1 
ATOM   749  C  CD    . GLU A 1 92  ? 8.176   14.777  1.753   1.00 27.07 ? 106 GLU A CD    1 
ATOM   750  O  OE1   . GLU A 1 92  ? 8.492   13.818  1.016   1.00 26.59 ? 106 GLU A OE1   1 
ATOM   751  O  OE2   . GLU A 1 92  ? 7.042   15.313  1.748   1.00 32.56 ? 106 GLU A OE2   1 
ATOM   752  N  N     . SER A 1 93  ? 8.830   11.236  2.877   1.00 10.42 ? 107 SER A N     1 
ATOM   753  C  CA    . SER A 1 93  ? 7.743   10.370  2.401   1.00 9.99  ? 107 SER A CA    1 
ATOM   754  C  C     . SER A 1 93  ? 7.026   9.680   3.565   1.00 11.27 ? 107 SER A C     1 
ATOM   755  O  O     . SER A 1 93  ? 5.837   9.377   3.456   1.00 8.82  ? 107 SER A O     1 
ATOM   756  C  CB    . SER A 1 93  ? 8.242   9.319   1.396   1.00 8.57  ? 107 SER A CB    1 
ATOM   757  O  OG    . SER A 1 93  ? 9.012   8.274   1.978   1.00 9.58  ? 107 SER A OG    1 
ATOM   758  N  N     . PHE A 1 94  ? 7.749   9.429   4.660   1.00 9.41  ? 108 PHE A N     1 
ATOM   759  C  CA    . PHE A 1 94  ? 7.182   8.820   5.880   1.00 9.51  ? 108 PHE A CA    1 
ATOM   760  C  C     . PHE A 1 94  ? 6.233   9.860   6.544   1.00 8.05  ? 108 PHE A C     1 
ATOM   761  O  O     . PHE A 1 94  ? 5.092   9.540   6.924   1.00 9.55  ? 108 PHE A O     1 
ATOM   762  C  CB    . PHE A 1 94  ? 8.343   8.397   6.809   1.00 8.17  ? 108 PHE A CB    1 
ATOM   763  C  CG    . PHE A 1 94  ? 7.910   7.842   8.139   1.00 8.87  ? 108 PHE A CG    1 
ATOM   764  C  CD1   . PHE A 1 94  ? 7.016   6.781   8.223   1.00 9.91  ? 108 PHE A CD1   1 
ATOM   765  C  CD2   . PHE A 1 94  ? 8.484   8.320   9.324   1.00 10.41 ? 108 PHE A CD2   1 
ATOM   766  C  CE1   . PHE A 1 94  ? 6.700   6.203   9.478   1.00 11.50 ? 108 PHE A CE1   1 
ATOM   767  C  CE2   . PHE A 1 94  ? 8.170   7.750   10.566  1.00 11.60 ? 108 PHE A CE2   1 
ATOM   768  C  CZ    . PHE A 1 94  ? 7.287   6.693   10.642  1.00 11.47 ? 108 PHE A CZ    1 
ATOM   769  N  N     . ALA A 1 95  ? 6.664   11.119  6.612   1.00 7.52  ? 109 ALA A N     1 
ATOM   770  C  CA    . ALA A 1 95  ? 5.769   12.149  7.156   1.00 9.39  ? 109 ALA A CA    1 
ATOM   771  C  C     . ALA A 1 95  ? 4.505   12.273  6.267   1.00 9.78  ? 109 ALA A C     1 
ATOM   772  O  O     . ALA A 1 95  ? 3.358   12.414  6.767   1.00 10.50 ? 109 ALA A O     1 
ATOM   773  C  CB    . ALA A 1 95  ? 6.519   13.495  7.225   1.00 10.72 ? 109 ALA A CB    1 
ATOM   774  N  N     . ARG A 1 96  ? 4.707   12.220  4.948   1.00 8.35  ? 110 ARG A N     1 
ATOM   775  C  CA    . ARG A 1 96  ? 3.572   12.311  4.033   1.00 8.41  ? 110 ARG A CA    1 
ATOM   776  C  C     . ARG A 1 96  ? 2.606   11.136  4.290   1.00 8.81  ? 110 ARG A C     1 
ATOM   777  O  O     . ARG A 1 96  ? 1.378   11.297  4.264   1.00 9.61  ? 110 ARG A O     1 
ATOM   778  C  CB    . ARG A 1 96  ? 4.043   12.306  2.570   1.00 9.91  ? 110 ARG A CB    1 
ATOM   779  C  CG    . ARG A 1 96  ? 2.861   12.379  1.564   1.00 11.89 ? 110 ARG A CG    1 
ATOM   780  C  CD    . ARG A 1 96  ? 2.223   13.765  1.635   1.00 18.42 ? 110 ARG A CD    1 
ATOM   781  N  NE    . ARG A 1 96  ? 0.945   13.951  0.933   1.00 20.06 ? 110 ARG A NE    1 
ATOM   782  C  CZ    . ARG A 1 96  ? -0.251  13.625  1.421   1.00 18.41 ? 110 ARG A CZ    1 
ATOM   783  N  NH1   . ARG A 1 96  ? -0.364  13.063  2.616   1.00 17.98 ? 110 ARG A NH1   1 
ATOM   784  N  NH2   . ARG A 1 96  ? -1.354  13.951  0.747   1.00 17.85 ? 110 ARG A NH2   1 
ATOM   785  N  N     . ALA A 1 97  ? 3.166   9.951   4.535   1.00 7.89  ? 111 ALA A N     1 
ATOM   786  C  CA    . ALA A 1 97  ? 2.328   8.765   4.790   1.00 8.78  ? 111 ALA A CA    1 
ATOM   787  C  C     . ALA A 1 97  ? 1.441   8.990   6.019   1.00 9.69  ? 111 ALA A C     1 
ATOM   788  O  O     . ALA A 1 97  ? 0.274   8.601   6.030   1.00 9.60  ? 111 ALA A O     1 
ATOM   789  C  CB    . ALA A 1 97  ? 3.209   7.521   5.021   1.00 8.74  ? 111 ALA A CB    1 
ATOM   790  N  N     . LYS A 1 98  ? 1.997   9.621   7.048   1.00 9.37  ? 112 LYS A N     1 
ATOM   791  C  CA    . LYS A 1 98  ? 1.221   9.869   8.279   1.00 7.89  ? 112 LYS A CA    1 
ATOM   792  C  C     . LYS A 1 98  ? 0.026   10.789  7.975   1.00 9.26  ? 112 LYS A C     1 
ATOM   793  O  O     . LYS A 1 98  ? -1.050  10.636  8.541   1.00 10.99 ? 112 LYS A O     1 
ATOM   794  C  CB    . LYS A 1 98  ? 2.110   10.500  9.357   1.00 7.97  ? 112 LYS A CB    1 
ATOM   795  C  CG    . LYS A 1 98  ? 3.200   9.578   9.857   1.00 7.47  ? 112 LYS A CG    1 
ATOM   796  C  CD    . LYS A 1 98  ? 3.936   10.197  11.025  1.00 8.11  ? 112 LYS A CD    1 
ATOM   797  C  CE    . LYS A 1 98  ? 5.170   9.375   11.377  1.00 11.05 ? 112 LYS A CE    1 
ATOM   798  N  NZ    . LYS A 1 98  ? 5.950   10.053  12.490  1.00 11.81 ? 112 LYS A NZ    1 
ATOM   799  N  N     . ASN A 1 99  ? 0.221   11.731  7.059   1.00 9.48  ? 113 ASN A N     1 
ATOM   800  C  CA    . ASN A 1 99  ? -0.876  12.607  6.694   1.00 9.96  ? 113 ASN A CA    1 
ATOM   801  C  C     . ASN A 1 99  ? -1.935  11.858  5.867   1.00 11.35 ? 113 ASN A C     1 
ATOM   802  O  O     . ASN A 1 99  ? -3.122  12.148  6.004   1.00 10.75 ? 113 ASN A O     1 
ATOM   803  C  CB    . ASN A 1 99  ? -0.319  13.843  6.004   1.00 10.26 ? 113 ASN A CB    1 
ATOM   804  C  CG    . ASN A 1 99  ? 0.437   14.719  6.995   1.00 14.46 ? 113 ASN A CG    1 
ATOM   805  O  OD1   . ASN A 1 99  ? 0.011   14.846  8.142   1.00 16.36 ? 113 ASN A OD1   1 
ATOM   806  N  ND2   . ASN A 1 99  ? 1.539   15.313  6.568   1.00 15.73 ? 113 ASN A ND2   1 
ATOM   807  N  N     . TRP A 1 100 ? -1.522  10.884  5.044   1.00 10.39 ? 114 TRP A N     1 
ATOM   808  C  CA    . TRP A 1 100 ? -2.493  10.080  4.327   1.00 10.81 ? 114 TRP A CA    1 
ATOM   809  C  C     . TRP A 1 100 ? -3.298  9.266   5.349   1.00 10.13 ? 114 TRP A C     1 
ATOM   810  O  O     . TRP A 1 100 ? -4.502  9.150   5.217   1.00 10.78 ? 114 TRP A O     1 
ATOM   811  C  CB    . TRP A 1 100 ? -1.814  9.121   3.349   1.00 8.05  ? 114 TRP A CB    1 
ATOM   812  C  CG    . TRP A 1 100 ? -1.523  9.758   2.011   1.00 9.19  ? 114 TRP A CG    1 
ATOM   813  C  CD1   . TRP A 1 100 ? -0.302  9.907   1.427   1.00 10.12 ? 114 TRP A CD1   1 
ATOM   814  C  CD2   . TRP A 1 100 ? -2.478  10.300  1.086   1.00 9.62  ? 114 TRP A CD2   1 
ATOM   815  N  NE1   . TRP A 1 100 ? -0.435  10.512  0.195   1.00 10.12 ? 114 TRP A NE1   1 
ATOM   816  C  CE2   . TRP A 1 100 ? -1.762  10.752  -0.040  1.00 9.62  ? 114 TRP A CE2   1 
ATOM   817  C  CE3   . TRP A 1 100 ? -3.872  10.439  1.094   1.00 11.51 ? 114 TRP A CE3   1 
ATOM   818  C  CZ2   . TRP A 1 100 ? -2.380  11.348  -1.146  1.00 11.85 ? 114 TRP A CZ2   1 
ATOM   819  C  CZ3   . TRP A 1 100 ? -4.493  11.037  -0.018  1.00 10.63 ? 114 TRP A CZ3   1 
ATOM   820  C  CH2   . TRP A 1 100 ? -3.744  11.474  -1.119  1.00 11.79 ? 114 TRP A CH2   1 
ATOM   821  N  N     . VAL A 1 101 ? -2.636  8.707   6.357   1.00 10.12 ? 115 VAL A N     1 
ATOM   822  C  CA    . VAL A 1 101 ? -3.350  7.950   7.380   1.00 9.85  ? 115 VAL A CA    1 
ATOM   823  C  C     . VAL A 1 101 ? -4.375  8.826   8.082   1.00 12.55 ? 115 VAL A C     1 
ATOM   824  O  O     . VAL A 1 101 ? -5.492  8.382   8.314   1.00 12.30 ? 115 VAL A O     1 
ATOM   825  C  CB    . VAL A 1 101 ? -2.379  7.354   8.425   1.00 8.93  ? 115 VAL A CB    1 
ATOM   826  C  CG1   . VAL A 1 101 ? -3.160  6.807   9.615   1.00 10.33 ? 115 VAL A CG1   1 
ATOM   827  C  CG2   . VAL A 1 101 ? -1.549  6.226   7.789   1.00 11.37 ? 115 VAL A CG2   1 
ATOM   828  N  N     . LYS A 1 102 ? -4.007  10.062  8.409   1.00 10.56 ? 116 LYS A N     1 
ATOM   829  C  CA    . LYS A 1 102 ? -4.940  10.970  9.081   1.00 10.25 ? 116 LYS A CA    1 
ATOM   830  C  C     . LYS A 1 102 ? -6.144  11.223  8.197   1.00 12.69 ? 116 LYS A C     1 
ATOM   831  O  O     . LYS A 1 102 ? -7.304  11.195  8.650   1.00 12.35 ? 116 LYS A O     1 
ATOM   832  C  CB    . LYS A 1 102 ? -4.255  12.304  9.390   1.00 15.42 ? 116 LYS A CB    1 
ATOM   833  C  CG    . LYS A 1 102 ? -3.343  12.308  10.593  1.00 22.53 ? 116 LYS A CG    1 
ATOM   834  C  CD    . LYS A 1 102 ? -2.871  13.744  10.864  1.00 29.34 ? 116 LYS A CD    1 
ATOM   835  C  CE    . LYS A 1 102 ? -2.432  13.948  12.319  1.00 35.00 ? 116 LYS A CE    1 
ATOM   836  N  NZ    . LYS A 1 102 ? -2.090  15.389  12.602  1.00 38.01 ? 116 LYS A NZ    1 
ATOM   837  N  N     . GLU A 1 103 ? -5.892  11.470  6.917   1.00 11.06 ? 117 GLU A N     1 
ATOM   838  C  CA    . GLU A 1 103 ? -7.001  11.716  6.001   1.00 10.48 ? 117 GLU A CA    1 
ATOM   839  C  C     . GLU A 1 103 ? -7.922  10.492  5.887   1.00 10.29 ? 117 GLU A C     1 
ATOM   840  O  O     . GLU A 1 103 ? -9.151  10.639  5.844   1.00 11.51 ? 117 GLU A O     1 
ATOM   841  C  CB    . GLU A 1 103 ? -6.459  12.122  4.612   1.00 9.90  ? 117 GLU A CB    1 
ATOM   842  C  CG    . GLU A 1 103 ? -7.575  12.280  3.575   1.00 10.71 ? 117 GLU A CG    1 
ATOM   843  C  CD    . GLU A 1 103 ? -7.110  12.929  2.296   1.00 12.56 ? 117 GLU A CD    1 
ATOM   844  O  OE1   . GLU A 1 103 ? -7.885  12.857  1.313   1.00 12.12 ? 117 GLU A OE1   1 
ATOM   845  O  OE2   . GLU A 1 103 ? -5.994  13.509  2.275   1.00 14.25 ? 117 GLU A OE2   1 
ATOM   846  N  N     . LEU A 1 104 ? -7.359  9.281   5.832   1.00 7.76  ? 118 LEU A N     1 
ATOM   847  C  CA    . LEU A 1 104 ? -8.211  8.096   5.755   1.00 7.33  ? 118 LEU A CA    1 
ATOM   848  C  C     . LEU A 1 104 ? -9.021  7.908   7.027   1.00 12.38 ? 118 LEU A C     1 
ATOM   849  O  O     . LEU A 1 104 ? -10.208 7.584   6.967   1.00 12.61 ? 118 LEU A O     1 
ATOM   850  C  CB    . LEU A 1 104 ? -7.375  6.845   5.531   1.00 9.91  ? 118 LEU A CB    1 
ATOM   851  C  CG    . LEU A 1 104 ? -6.699  6.715   4.161   1.00 9.02  ? 118 LEU A CG    1 
ATOM   852  C  CD1   . LEU A 1 104 ? -5.717  5.529   4.195   1.00 13.00 ? 118 LEU A CD1   1 
ATOM   853  C  CD2   . LEU A 1 104 ? -7.728  6.465   3.075   1.00 9.98  ? 118 LEU A CD2   1 
ATOM   854  N  N     . GLN A 1 105 ? -8.390  8.098   8.174   1.00 11.87 ? 119 GLN A N     1 
ATOM   855  C  CA    . GLN A 1 105 ? -9.116  7.915   9.435   1.00 13.41 ? 119 GLN A CA    1 
ATOM   856  C  C     . GLN A 1 105 ? -10.256 8.923   9.601   1.00 13.80 ? 119 GLN A C     1 
ATOM   857  O  O     . GLN A 1 105 ? -11.228 8.639   10.299  1.00 16.22 ? 119 GLN A O     1 
ATOM   858  C  CB    . GLN A 1 105 ? -8.147  8.007   10.610  1.00 15.27 ? 119 GLN A CB    1 
ATOM   859  C  CG    . GLN A 1 105 ? -7.126  6.899   10.669  1.00 17.52 ? 119 GLN A CG    1 
ATOM   860  C  CD    . GLN A 1 105 ? -6.101  7.145   11.765  1.00 18.12 ? 119 GLN A CD    1 
ATOM   861  O  OE1   . GLN A 1 105 ? -5.814  8.297   12.100  1.00 22.91 ? 119 GLN A OE1   1 
ATOM   862  N  NE2   . GLN A 1 105 ? -5.531  6.074   12.300  1.00 27.81 ? 119 GLN A NE2   1 
ATOM   863  N  N     . ARG A 1 106 ? -10.154 10.079  8.945   1.00 11.55 ? 120 ARG A N     1 
ATOM   864  C  CA    . ARG A 1 106 ? -11.208 11.096  9.057   1.00 13.42 ? 120 ARG A CA    1 
ATOM   865  C  C     . ARG A 1 106 ? -12.237 11.063  7.944   1.00 18.12 ? 120 ARG A C     1 
ATOM   866  O  O     . ARG A 1 106 ? -13.404 11.371  8.186   1.00 19.43 ? 120 ARG A O     1 
ATOM   867  C  CB    . ARG A 1 106 ? -10.604 12.500  9.093   1.00 16.65 ? 120 ARG A CB    1 
ATOM   868  C  CG    . ARG A 1 106 ? -9.742  12.753  10.312  1.00 22.66 ? 120 ARG A CG    1 
ATOM   869  C  CD    . ARG A 1 106 ? -9.034  14.079  10.190  1.00 31.21 ? 120 ARG A CD    1 
ATOM   870  N  NE    . ARG A 1 106 ? -7.973  14.211  11.188  1.00 40.47 ? 120 ARG A NE    1 
ATOM   871  C  CZ    . ARG A 1 106 ? -7.086  15.202  11.193  1.00 43.59 ? 120 ARG A CZ    1 
ATOM   872  N  NH1   . ARG A 1 106 ? -7.146  16.139  10.254  1.00 44.17 ? 120 ARG A NH1   1 
ATOM   873  N  NH2   . ARG A 1 106 ? -6.130  15.250  12.120  1.00 45.43 ? 120 ARG A NH2   1 
ATOM   874  N  N     . GLN A 1 107 ? -11.825 10.673  6.731   1.00 14.67 ? 121 GLN A N     1 
ATOM   875  C  CA    . GLN A 1 107 ? -12.728 10.719  5.582   1.00 13.41 ? 121 GLN A CA    1 
ATOM   876  C  C     . GLN A 1 107 ? -13.084 9.446   4.846   1.00 12.63 ? 121 GLN A C     1 
ATOM   877  O  O     . GLN A 1 107 ? -13.966 9.479   3.980   1.00 16.59 ? 121 GLN A O     1 
ATOM   878  C  CB    . GLN A 1 107 ? -12.207 11.724  4.539   1.00 15.77 ? 121 GLN A CB    1 
ATOM   879  C  CG    . GLN A 1 107 ? -11.997 13.146  5.070   1.00 18.54 ? 121 GLN A CG    1 
ATOM   880  C  CD    . GLN A 1 107 ? -13.281 13.781  5.636   1.00 27.30 ? 121 GLN A CD    1 
ATOM   881  O  OE1   . GLN A 1 107 ? -14.389 13.600  5.104   1.00 34.09 ? 121 GLN A OE1   1 
ATOM   882  N  NE2   . GLN A 1 107 ? -13.125 14.546  6.712   1.00 31.59 ? 121 GLN A NE2   1 
ATOM   883  N  N     . ALA A 1 108 ? -12.398 8.341   5.131   1.00 11.55 ? 122 ALA A N     1 
ATOM   884  C  CA    . ALA A 1 108 ? -12.718 7.085   4.463   1.00 10.85 ? 122 ALA A CA    1 
ATOM   885  C  C     . ALA A 1 108 ? -13.713 6.318   5.323   1.00 10.24 ? 122 ALA A C     1 
ATOM   886  O  O     . ALA A 1 108 ? -14.163 6.828   6.351   1.00 12.88 ? 122 ALA A O     1 
ATOM   887  C  CB    . ALA A 1 108 ? -11.445 6.231   4.264   1.00 8.66  ? 122 ALA A CB    1 
ATOM   888  N  N     . SER A 1 109 ? -14.055 5.104   4.915   1.00 14.59 ? 123 SER A N     1 
ATOM   889  C  CA    . SER A 1 109 ? -14.985 4.306   5.720   1.00 17.43 ? 123 SER A CA    1 
ATOM   890  C  C     . SER A 1 109 ? -14.398 4.122   7.109   1.00 19.15 ? 123 SER A C     1 
ATOM   891  O  O     . SER A 1 109 ? -13.218 3.873   7.266   1.00 15.13 ? 123 SER A O     1 
ATOM   892  C  CB    . SER A 1 109 ? -15.197 2.937   5.107   1.00 17.00 ? 123 SER A CB    1 
ATOM   893  O  OG    . SER A 1 109 ? -15.730 2.073   6.102   1.00 26.09 ? 123 SER A OG    1 
ATOM   894  N  N     . PRO A 1 110 ? -15.237 4.214   8.146   1.00 18.55 ? 124 PRO A N     1 
ATOM   895  C  CA    . PRO A 1 110 ? -14.728 4.048   9.502   1.00 19.59 ? 124 PRO A CA    1 
ATOM   896  C  C     . PRO A 1 110 ? -14.172 2.643   9.772   1.00 16.17 ? 124 PRO A C     1 
ATOM   897  O  O     . PRO A 1 110 ? -13.385 2.449   10.706  1.00 21.77 ? 124 PRO A O     1 
ATOM   898  C  CB    . PRO A 1 110 ? -15.943 4.404   10.369  1.00 23.65 ? 124 PRO A CB    1 
ATOM   899  C  CG    . PRO A 1 110 ? -17.111 3.998   9.506   1.00 27.11 ? 124 PRO A CG    1 
ATOM   900  C  CD    . PRO A 1 110 ? -16.687 4.478   8.131   1.00 23.50 ? 124 PRO A CD    1 
ATOM   901  N  N     . ASN A 1 111 ? -14.579 1.671   8.963   1.00 15.66 ? 125 ASN A N     1 
ATOM   902  C  CA    . ASN A 1 111 ? -14.103 0.295   9.145   1.00 17.01 ? 125 ASN A CA    1 
ATOM   903  C  C     . ASN A 1 111 ? -12.958 -0.115  8.206   1.00 17.49 ? 125 ASN A C     1 
ATOM   904  O  O     . ASN A 1 111 ? -12.601 -1.297  8.116   1.00 15.83 ? 125 ASN A O     1 
ATOM   905  C  CB    . ASN A 1 111 ? -15.270 -0.667  8.974   1.00 20.31 ? 125 ASN A CB    1 
ATOM   906  C  CG    . ASN A 1 111 ? -16.325 -0.498  10.066  1.00 23.16 ? 125 ASN A CG    1 
ATOM   907  O  OD1   . ASN A 1 111 ? -17.526 -0.457  9.785   1.00 32.89 ? 125 ASN A OD1   1 
ATOM   908  N  ND2   . ASN A 1 111 ? -15.878 -0.410  11.315  1.00 22.94 ? 125 ASN A ND2   1 
ATOM   909  N  N     . ILE A 1 112 ? -12.385 0.851   7.497   1.00 14.36 ? 126 ILE A N     1 
ATOM   910  C  CA    . ILE A 1 112 ? -11.295 0.524   6.579   1.00 12.59 ? 126 ILE A CA    1 
ATOM   911  C  C     . ILE A 1 112 ? -10.074 -0.062  7.323   1.00 13.98 ? 126 ILE A C     1 
ATOM   912  O  O     . ILE A 1 112 ? -9.745  0.368   8.443   1.00 15.50 ? 126 ILE A O     1 
ATOM   913  C  CB    . ILE A 1 112 ? -10.878 1.806   5.752   1.00 11.39 ? 126 ILE A CB    1 
ATOM   914  C  CG1   . ILE A 1 112 ? -9.951  1.419   4.585   1.00 10.76 ? 126 ILE A CG1   1 
ATOM   915  C  CG2   . ILE A 1 112 ? -10.187 2.818   6.658   1.00 13.13 ? 126 ILE A CG2   1 
ATOM   916  C  CD1   . ILE A 1 112 ? -9.589  2.650   3.710   1.00 15.54 ? 126 ILE A CD1   1 
ATOM   917  N  N     . VAL A 1 113 ? -9.434  -1.060  6.707   1.00 11.54 ? 127 VAL A N     1 
ATOM   918  C  CA    . VAL A 1 113 ? -8.240  -1.695  7.265   1.00 11.89 ? 127 VAL A CA    1 
ATOM   919  C  C     . VAL A 1 113 ? -7.077  -0.953  6.594   1.00 12.75 ? 127 VAL A C     1 
ATOM   920  O  O     . VAL A 1 113 ? -6.993  -0.940  5.367   1.00 13.29 ? 127 VAL A O     1 
ATOM   921  C  CB    . VAL A 1 113 ? -8.170  -3.185  6.896   1.00 12.93 ? 127 VAL A CB    1 
ATOM   922  C  CG1   . VAL A 1 113 ? -6.803  -3.745  7.280   1.00 14.42 ? 127 VAL A CG1   1 
ATOM   923  C  CG2   . VAL A 1 113 ? -9.262  -3.940  7.638   1.00 16.29 ? 127 VAL A CG2   1 
ATOM   924  N  N     . ILE A 1 114 ? -6.207  -0.341  7.397   1.00 10.09 ? 128 ILE A N     1 
ATOM   925  C  CA    . ILE A 1 114 ? -5.092  0.444   6.849   1.00 9.62  ? 128 ILE A CA    1 
ATOM   926  C  C     . ILE A 1 114 ? -3.765  -0.227  7.130   1.00 10.42 ? 128 ILE A C     1 
ATOM   927  O  O     . ILE A 1 114 ? -3.428  -0.498  8.298   1.00 12.20 ? 128 ILE A O     1 
ATOM   928  C  CB    . ILE A 1 114 ? -5.029  1.833   7.480   1.00 9.72  ? 128 ILE A CB    1 
ATOM   929  C  CG1   . ILE A 1 114 ? -6.346  2.589   7.268   1.00 10.14 ? 128 ILE A CG1   1 
ATOM   930  C  CG2   . ILE A 1 114 ? -3.903  2.646   6.831   1.00 11.29 ? 128 ILE A CG2   1 
ATOM   931  C  CD1   . ILE A 1 114 ? -6.404  3.944   8.010   1.00 13.07 ? 128 ILE A CD1   1 
ATOM   932  N  N     . ALA A 1 115 ? -3.035  -0.507  6.050   1.00 9.96  ? 129 ALA A N     1 
ATOM   933  C  CA    . ALA A 1 115 ? -1.689  -1.088  6.129   1.00 8.61  ? 129 ALA A CA    1 
ATOM   934  C  C     . ALA A 1 115 ? -0.706  0.025   5.794   1.00 9.41  ? 129 ALA A C     1 
ATOM   935  O  O     . ALA A 1 115 ? -1.036  0.969   5.090   1.00 10.61 ? 129 ALA A O     1 
ATOM   936  C  CB    . ALA A 1 115 ? -1.535  -2.228  5.140   1.00 10.92 ? 129 ALA A CB    1 
ATOM   937  N  N     . LEU A 1 116 ? 0.501   -0.106  6.324   1.00 8.56  ? 130 LEU A N     1 
ATOM   938  C  CA    . LEU A 1 116 ? 1.567   0.853   6.121   1.00 8.35  ? 130 LEU A CA    1 
ATOM   939  C  C     . LEU A 1 116 ? 2.737   0.047   5.595   1.00 9.34  ? 130 LEU A C     1 
ATOM   940  O  O     . LEU A 1 116 ? 3.191   -0.888  6.242   1.00 10.00 ? 130 LEU A O     1 
ATOM   941  C  CB    . LEU A 1 116 ? 1.967   1.493   7.452   1.00 8.13  ? 130 LEU A CB    1 
ATOM   942  C  CG    . LEU A 1 116 ? 3.082   2.544   7.380   1.00 8.85  ? 130 LEU A CG    1 
ATOM   943  C  CD1   . LEU A 1 116 ? 2.594   3.828   6.683   1.00 9.66  ? 130 LEU A CD1   1 
ATOM   944  C  CD2   . LEU A 1 116 ? 3.512   2.864   8.762   1.00 10.77 ? 130 LEU A CD2   1 
ATOM   945  N  N     . SER A 1 117 ? 3.209   0.409   4.404   1.00 8.08  ? 131 SER A N     1 
ATOM   946  C  CA    . SER A 1 117 ? 4.356   -0.267  3.789   1.00 6.91  ? 131 SER A CA    1 
ATOM   947  C  C     . SER A 1 117 ? 5.572   0.629   3.830   1.00 7.14  ? 131 SER A C     1 
ATOM   948  O  O     . SER A 1 117 ? 5.517   1.738   3.303   1.00 8.69  ? 131 SER A O     1 
ATOM   949  C  CB    . SER A 1 117 ? 4.037   -0.591  2.322   1.00 7.92  ? 131 SER A CB    1 
ATOM   950  O  OG    . SER A 1 117 ? 5.230   -0.727  1.522   1.00 9.12  ? 131 SER A OG    1 
ATOM   951  N  N     . GLY A 1 118 ? 6.645   0.158   4.479   1.00 8.09  ? 132 GLY A N     1 
ATOM   952  C  CA    . GLY A 1 118 ? 7.930   0.869   4.462   1.00 9.81  ? 132 GLY A CA    1 
ATOM   953  C  C     . GLY A 1 118 ? 8.640   0.200   3.276   1.00 10.06 ? 132 GLY A C     1 
ATOM   954  O  O     . GLY A 1 118 ? 9.304   -0.833  3.423   1.00 9.57  ? 132 GLY A O     1 
ATOM   955  N  N     . ASN A 1 119 ? 8.489   0.769   2.075   1.00 9.08  ? 133 ASN A N     1 
ATOM   956  C  CA    . ASN A 1 119 ? 9.035   0.151   0.872   1.00 9.03  ? 133 ASN A CA    1 
ATOM   957  C  C     . ASN A 1 119 ? 10.494  0.486   0.603   1.00 10.29 ? 133 ASN A C     1 
ATOM   958  O  O     . ASN A 1 119 ? 11.080  1.387   1.218   1.00 8.85  ? 133 ASN A O     1 
ATOM   959  C  CB    . ASN A 1 119 ? 8.111   0.500   -0.317  1.00 10.25 ? 133 ASN A CB    1 
ATOM   960  C  CG    . ASN A 1 119 ? 8.352   -0.387  -1.538  1.00 9.79  ? 133 ASN A CG    1 
ATOM   961  O  OD1   . ASN A 1 119 ? 8.444   -1.614  -1.411  1.00 9.49  ? 133 ASN A OD1   1 
ATOM   962  N  ND2   . ASN A 1 119 ? 8.459   0.218   -2.710  1.00 9.56  ? 133 ASN A ND2   1 
ATOM   963  N  N     . LYS A 1 120 ? 11.062  -0.259  -0.341  1.00 9.97  ? 134 LYS A N     1 
ATOM   964  C  CA    . LYS A 1 120 ? 12.470  -0.162  -0.711  1.00 10.42 ? 134 LYS A CA    1 
ATOM   965  C  C     . LYS A 1 120 ? 13.369  -0.620  0.425   1.00 10.87 ? 134 LYS A C     1 
ATOM   966  O  O     . LYS A 1 120 ? 14.470  -0.099  0.618   1.00 9.95  ? 134 LYS A O     1 
ATOM   967  C  CB    . LYS A 1 120 ? 12.843  1.254   -1.162  1.00 10.99 ? 134 LYS A CB    1 
ATOM   968  C  CG    . LYS A 1 120 ? 11.976  1.795   -2.307  1.00 9.30  ? 134 LYS A CG    1 
ATOM   969  C  CD    . LYS A 1 120 ? 12.760  2.848   -3.097  1.00 11.43 ? 134 LYS A CD    1 
ATOM   970  C  CE    . LYS A 1 120 ? 11.878  3.617   -4.071  1.00 12.22 ? 134 LYS A CE    1 
ATOM   971  N  NZ    . LYS A 1 120 ? 12.735  4.528   -4.900  1.00 15.46 ? 134 LYS A NZ    1 
ATOM   972  N  N     . ALA A 1 121 ? 12.927  -1.649  1.147   1.00 10.97 ? 135 ALA A N     1 
ATOM   973  C  CA    . ALA A 1 121 ? 13.693  -2.162  2.279   1.00 10.56 ? 135 ALA A CA    1 
ATOM   974  C  C     . ALA A 1 121 ? 15.040  -2.742  1.871   1.00 11.41 ? 135 ALA A C     1 
ATOM   975  O  O     . ALA A 1 121 ? 15.944  -2.947  2.721   1.00 13.18 ? 135 ALA A O     1 
ATOM   976  C  CB    . ALA A 1 121 ? 12.866  -3.203  3.010   1.00 14.59 ? 135 ALA A CB    1 
ATOM   977  N  N     . ASP A 1 122 ? 15.176  -3.041  0.585   1.00 10.40 ? 136 ASP A N     1 
ATOM   978  C  CA    . ASP A 1 122 ? 16.426  -3.575  0.055   1.00 9.12  ? 136 ASP A CA    1 
ATOM   979  C  C     . ASP A 1 122 ? 17.517  -2.503  0.062   1.00 11.74 ? 136 ASP A C     1 
ATOM   980  O  O     . ASP A 1 122 ? 18.708  -2.808  -0.119  1.00 13.00 ? 136 ASP A O     1 
ATOM   981  C  CB    . ASP A 1 122 ? 16.211  -4.112  -1.375  1.00 10.96 ? 136 ASP A CB    1 
ATOM   982  C  CG    . ASP A 1 122 ? 15.641  -3.059  -2.315  1.00 11.32 ? 136 ASP A CG    1 
ATOM   983  O  OD1   . ASP A 1 122 ? 14.450  -2.720  -2.169  1.00 10.14 ? 136 ASP A OD1   1 
ATOM   984  O  OD2   . ASP A 1 122 ? 16.399  -2.574  -3.199  1.00 12.83 ? 136 ASP A OD2   1 
ATOM   985  N  N     . LEU A 1 123 ? 17.109  -1.247  0.243   1.00 10.57 ? 137 LEU A N     1 
ATOM   986  C  CA    . LEU A 1 123 ? 18.037  -0.110  0.301   1.00 10.98 ? 137 LEU A CA    1 
ATOM   987  C  C     . LEU A 1 123 ? 18.281  0.279   1.759   1.00 8.68  ? 137 LEU A C     1 
ATOM   988  O  O     . LEU A 1 123 ? 18.427  1.468   2.075   1.00 9.97  ? 137 LEU A O     1 
ATOM   989  C  CB    . LEU A 1 123 ? 17.449  1.102   -0.444  1.00 11.64 ? 137 LEU A CB    1 
ATOM   990  C  CG    . LEU A 1 123 ? 17.120  0.875   -1.927  1.00 10.49 ? 137 LEU A CG    1 
ATOM   991  C  CD1   . LEU A 1 123 ? 16.630  2.173   -2.576  1.00 11.95 ? 137 LEU A CD1   1 
ATOM   992  C  CD2   . LEU A 1 123 ? 18.377  0.382   -2.637  1.00 11.66 ? 137 LEU A CD2   1 
ATOM   993  N  N     . ALA A 1 124 ? 18.342  -0.711  2.648   1.00 11.01 ? 138 ALA A N     1 
ATOM   994  C  CA    . ALA A 1 124 ? 18.568  -0.420  4.063   1.00 10.69 ? 138 ALA A CA    1 
ATOM   995  C  C     . ALA A 1 124 ? 19.912  0.284   4.336   1.00 10.66 ? 138 ALA A C     1 
ATOM   996  O  O     . ALA A 1 124 ? 20.065  0.948   5.375   1.00 11.88 ? 138 ALA A O     1 
ATOM   997  C  CB    . ALA A 1 124 ? 18.424  -1.676  4.906   1.00 14.33 ? 138 ALA A CB    1 
ATOM   998  N  N     . ASN A 1 125 ? 20.863  0.193   3.404   1.00 11.19 ? 139 ASN A N     1 
ATOM   999  C  CA    . ASN A 1 125 ? 22.142  0.884   3.607   1.00 12.84 ? 139 ASN A CA    1 
ATOM   1000 C  C     . ASN A 1 125 ? 21.965  2.413   3.483   1.00 14.44 ? 139 ASN A C     1 
ATOM   1001 O  O     . ASN A 1 125 ? 22.903  3.187   3.718   1.00 12.38 ? 139 ASN A O     1 
ATOM   1002 C  CB    . ASN A 1 125 ? 23.175  0.451   2.549   1.00 15.63 ? 139 ASN A CB    1 
ATOM   1003 C  CG    . ASN A 1 125 ? 22.806  0.946   1.169   1.00 22.20 ? 139 ASN A CG    1 
ATOM   1004 O  OD1   . ASN A 1 125 ? 21.864  0.447   0.560   1.00 36.27 ? 139 ASN A OD1   1 
ATOM   1005 N  ND2   . ASN A 1 125 ? 23.523  1.940   0.675   1.00 34.60 ? 139 ASN A ND2   1 
ATOM   1006 N  N     . LYS A 1 126 ? 20.764  2.841   3.079   1.00 11.63 ? 140 LYS A N     1 
ATOM   1007 C  CA    . LYS A 1 126 ? 20.449  4.274   2.936   1.00 12.01 ? 140 LYS A CA    1 
ATOM   1008 C  C     . LYS A 1 126 ? 19.221  4.619   3.765   1.00 7.88  ? 140 LYS A C     1 
ATOM   1009 O  O     . LYS A 1 126 ? 18.539  5.616   3.470   1.00 11.39 ? 140 LYS A O     1 
ATOM   1010 C  CB    . LYS A 1 126 ? 20.149  4.653   1.469   1.00 13.50 ? 140 LYS A CB    1 
ATOM   1011 C  CG    . LYS A 1 126 ? 21.308  4.413   0.514   1.00 22.57 ? 140 LYS A CG    1 
ATOM   1012 C  CD    . LYS A 1 126 ? 20.913  4.653   -0.917  1.00 26.19 ? 140 LYS A CD    1 
ATOM   1013 C  CE    . LYS A 1 126 ? 21.954  4.038   -1.849  1.00 32.78 ? 140 LYS A CE    1 
ATOM   1014 N  NZ    . LYS A 1 126 ? 21.643  4.391   -3.249  1.00 35.35 ? 140 LYS A NZ    1 
ATOM   1015 N  N     . ARG A 1 127 ? 18.931  3.792   4.768   1.00 7.43  ? 141 ARG A N     1 
ATOM   1016 C  CA    . ARG A 1 127 ? 17.772  3.993   5.649   1.00 11.23 ? 141 ARG A CA    1 
ATOM   1017 C  C     . ARG A 1 127 ? 17.698  5.378   6.248   1.00 9.85  ? 141 ARG A C     1 
ATOM   1018 O  O     . ARG A 1 127 ? 18.708  5.911   6.706   1.00 10.34 ? 141 ARG A O     1 
ATOM   1019 C  CB    . ARG A 1 127 ? 17.795  2.969   6.795   1.00 9.78  ? 141 ARG A CB    1 
ATOM   1020 C  CG    . ARG A 1 127 ? 16.626  3.067   7.794   1.00 8.28  ? 141 ARG A CG    1 
ATOM   1021 C  CD    . ARG A 1 127 ? 16.736  2.011   8.858   1.00 10.53 ? 141 ARG A CD    1 
ATOM   1022 N  NE    . ARG A 1 127 ? 16.578  0.662   8.320   1.00 11.24 ? 141 ARG A NE    1 
ATOM   1023 C  CZ    . ARG A 1 127 ? 15.402  0.084   8.058   1.00 10.56 ? 141 ARG A CZ    1 
ATOM   1024 N  NH1   . ARG A 1 127 ? 14.263  0.752   8.267   1.00 8.03  ? 141 ARG A NH1   1 
ATOM   1025 N  NH2   . ARG A 1 127 ? 15.358  -1.190  7.648   1.00 11.91 ? 141 ARG A NH2   1 
ATOM   1026 N  N     . ALA A 1 128 ? 16.496  5.951   6.249   1.00 11.85 ? 142 ALA A N     1 
ATOM   1027 C  CA    . ALA A 1 128 ? 16.260  7.258   6.872   1.00 9.77  ? 142 ALA A CA    1 
ATOM   1028 C  C     . ALA A 1 128 ? 15.120  7.160   7.900   1.00 12.37 ? 142 ALA A C     1 
ATOM   1029 O  O     . ALA A 1 128 ? 14.896  8.103   8.658   1.00 13.15 ? 142 ALA A O     1 
ATOM   1030 C  CB    . ALA A 1 128 ? 15.929  8.305   5.828   1.00 11.70 ? 142 ALA A CB    1 
ATOM   1031 N  N     . VAL A 1 129 ? 14.398  6.037   7.904   1.00 10.00 ? 143 VAL A N     1 
ATOM   1032 C  CA    . VAL A 1 129 ? 13.285  5.835   8.850   1.00 10.40 ? 143 VAL A CA    1 
ATOM   1033 C  C     . VAL A 1 129 ? 13.532  4.545   9.619   1.00 10.27 ? 143 VAL A C     1 
ATOM   1034 O  O     . VAL A 1 129 ? 13.574  3.466   9.040   1.00 11.22 ? 143 VAL A O     1 
ATOM   1035 C  CB    . VAL A 1 129 ? 11.932  5.722   8.107   1.00 9.42  ? 143 VAL A CB    1 
ATOM   1036 C  CG1   . VAL A 1 129 ? 10.800  5.547   9.105   1.00 11.00 ? 143 VAL A CG1   1 
ATOM   1037 C  CG2   . VAL A 1 129 ? 11.695  6.963   7.247   1.00 12.26 ? 143 VAL A CG2   1 
ATOM   1038 N  N     . ASP A 1 130 ? 13.727  4.686   10.918  1.00 10.77 ? 144 ASP A N     1 
ATOM   1039 C  CA    . ASP A 1 130 ? 13.981  3.581   11.826  1.00 10.33 ? 144 ASP A CA    1 
ATOM   1040 C  C     . ASP A 1 130 ? 12.794  2.606   11.810  1.00 10.53 ? 144 ASP A C     1 
ATOM   1041 O  O     . ASP A 1 130 ? 11.647  3.030   11.884  1.00 11.91 ? 144 ASP A O     1 
ATOM   1042 C  CB    . ASP A 1 130 ? 14.171  4.217   13.220  1.00 14.37 ? 144 ASP A CB    1 
ATOM   1043 C  CG    . ASP A 1 130 ? 14.499  3.225   14.308  1.00 23.61 ? 144 ASP A CG    1 
ATOM   1044 O  OD1   . ASP A 1 130 ? 13.556  2.781   15.007  1.00 22.66 ? 144 ASP A OD1   1 
ATOM   1045 O  OD2   . ASP A 1 130 ? 15.706  2.902   14.482  1.00 25.12 ? 144 ASP A OD2   1 
ATOM   1046 N  N     . PHE A 1 131 ? 13.091  1.314   11.712  1.00 11.09 ? 145 PHE A N     1 
ATOM   1047 C  CA    . PHE A 1 131 ? 12.045  0.291   11.693  1.00 10.45 ? 145 PHE A CA    1 
ATOM   1048 C  C     . PHE A 1 131 ? 11.182  0.368   12.963  1.00 12.38 ? 145 PHE A C     1 
ATOM   1049 O  O     . PHE A 1 131 ? 9.952   0.375   12.879  1.00 13.05 ? 145 PHE A O     1 
ATOM   1050 C  CB    . PHE A 1 131 ? 12.663  -1.109  11.603  1.00 9.85  ? 145 PHE A CB    1 
ATOM   1051 C  CG    . PHE A 1 131 ? 11.641  -2.207  11.657  1.00 14.70 ? 145 PHE A CG    1 
ATOM   1052 C  CD1   . PHE A 1 131 ? 10.991  -2.630  10.503  1.00 16.65 ? 145 PHE A CD1   1 
ATOM   1053 C  CD2   . PHE A 1 131 ? 11.298  -2.788  12.866  1.00 16.42 ? 145 PHE A CD2   1 
ATOM   1054 C  CE1   . PHE A 1 131 ? 10.003  -3.611  10.553  1.00 19.26 ? 145 PHE A CE1   1 
ATOM   1055 C  CE2   . PHE A 1 131 ? 10.312  -3.766  12.931  1.00 18.91 ? 145 PHE A CE2   1 
ATOM   1056 C  CZ    . PHE A 1 131 ? 9.665   -4.179  11.770  1.00 13.88 ? 145 PHE A CZ    1 
ATOM   1057 N  N     . GLN A 1 132 ? 11.818  0.418   14.134  1.00 11.55 ? 146 GLN A N     1 
ATOM   1058 C  CA    . GLN A 1 132 ? 11.050  0.457   15.381  1.00 12.24 ? 146 GLN A CA    1 
ATOM   1059 C  C     . GLN A 1 132 ? 10.187  1.691   15.527  1.00 13.31 ? 146 GLN A C     1 
ATOM   1060 O  O     . GLN A 1 132 ? 9.087   1.634   16.101  1.00 14.37 ? 146 GLN A O     1 
ATOM   1061 C  CB    . GLN A 1 132 ? 11.985  0.346   16.589  1.00 15.84 ? 146 GLN A CB    1 
ATOM   1062 C  CG    . GLN A 1 132 ? 12.677  -0.993  16.735  1.00 25.29 ? 146 GLN A CG    1 
ATOM   1063 C  CD    . GLN A 1 132 ? 11.710  -2.182  16.809  1.00 35.43 ? 146 GLN A CD    1 
ATOM   1064 O  OE1   . GLN A 1 132 ? 10.587  -2.078  17.351  1.00 31.71 ? 146 GLN A OE1   1 
ATOM   1065 N  NE2   . GLN A 1 132 ? 12.154  -3.332  16.285  1.00 32.83 ? 146 GLN A NE2   1 
ATOM   1066 N  N     . GLU A 1 133 ? 10.663  2.821   15.021  1.00 11.93 ? 147 GLU A N     1 
ATOM   1067 C  CA    . GLU A 1 133 ? 9.877   4.045   15.117  1.00 14.27 ? 147 GLU A CA    1 
ATOM   1068 C  C     . GLU A 1 133 ? 8.620   3.904   14.270  1.00 13.02 ? 147 GLU A C     1 
ATOM   1069 O  O     . GLU A 1 133 ? 7.523   4.262   14.697  1.00 12.80 ? 147 GLU A O     1 
ATOM   1070 C  CB    . GLU A 1 133 ? 10.719  5.216   14.636  1.00 15.32 ? 147 GLU A CB    1 
ATOM   1071 C  CG    . GLU A 1 133 ? 10.010  6.546   14.626  1.00 21.87 ? 147 GLU A CG    1 
ATOM   1072 C  CD    . GLU A 1 133 ? 10.914  7.637   14.094  1.00 29.03 ? 147 GLU A CD    1 
ATOM   1073 O  OE1   . GLU A 1 133 ? 12.123  7.610   14.449  1.00 23.29 ? 147 GLU A OE1   1 
ATOM   1074 O  OE2   . GLU A 1 133 ? 10.428  8.513   13.328  1.00 28.45 ? 147 GLU A OE2   1 
ATOM   1075 N  N     . ALA A 1 134 ? 8.769   3.358   13.070  1.00 11.19 ? 148 ALA A N     1 
ATOM   1076 C  CA    . ALA A 1 134 ? 7.618   3.159   12.205  1.00 10.45 ? 148 ALA A CA    1 
ATOM   1077 C  C     . ALA A 1 134 ? 6.666   2.121   12.816  1.00 9.59  ? 148 ALA A C     1 
ATOM   1078 O  O     . ALA A 1 134 ? 5.443   2.271   12.754  1.00 10.22 ? 148 ALA A O     1 
ATOM   1079 C  CB    . ALA A 1 134 ? 8.097   2.701   10.808  1.00 11.13 ? 148 ALA A CB    1 
ATOM   1080 N  N     . GLN A 1 135 ? 7.222   1.069   13.401  1.00 12.04 ? 149 GLN A N     1 
ATOM   1081 C  CA    . GLN A 1 135 ? 6.382   0.051   14.017  1.00 11.77 ? 149 GLN A CA    1 
ATOM   1082 C  C     . GLN A 1 135 ? 5.560   0.639   15.167  1.00 11.44 ? 149 GLN A C     1 
ATOM   1083 O  O     . GLN A 1 135 ? 4.372   0.328   15.310  1.00 11.26 ? 149 GLN A O     1 
ATOM   1084 C  CB    . GLN A 1 135 ? 7.250   -1.088  14.531  1.00 9.78  ? 149 GLN A CB    1 
ATOM   1085 C  CG    . GLN A 1 135 ? 6.435   -2.209  15.199  1.00 10.64 ? 149 GLN A CG    1 
ATOM   1086 C  CD    . GLN A 1 135 ? 5.629   -3.017  14.185  1.00 12.75 ? 149 GLN A CD    1 
ATOM   1087 O  OE1   . GLN A 1 135 ? 6.192   -3.804  13.421  1.00 13.45 ? 149 GLN A OE1   1 
ATOM   1088 N  NE2   . GLN A 1 135 ? 4.303   -2.819  14.164  1.00 14.12 ? 149 GLN A NE2   1 
ATOM   1089 N  N     . SER A 1 136 ? 6.201   1.466   15.991  1.00 11.17 ? 150 SER A N     1 
ATOM   1090 C  CA    . SER A 1 136 ? 5.508   2.106   17.124  1.00 11.19 ? 150 SER A CA    1 
ATOM   1091 C  C     . SER A 1 136 ? 4.413   3.032   16.610  1.00 12.59 ? 150 SER A C     1 
ATOM   1092 O  O     . SER A 1 136 ? 3.316   3.076   17.163  1.00 10.59 ? 150 SER A O     1 
ATOM   1093 C  CB    A SER A 1 136 ? 6.497   2.916   17.977  0.50 15.49 ? 150 SER A CB    1 
ATOM   1094 C  CB    B SER A 1 136 ? 6.507   2.887   17.985  0.50 15.94 ? 150 SER A CB    1 
ATOM   1095 O  OG    A SER A 1 136 ? 5.818   3.646   18.992  0.50 14.51 ? 150 SER A OG    1 
ATOM   1096 O  OG    B SER A 1 136 ? 7.439   2.003   18.582  0.50 17.71 ? 150 SER A OG    1 
ATOM   1097 N  N     . TYR A 1 137 ? 4.709   3.775   15.546  1.00 12.24 ? 151 TYR A N     1 
ATOM   1098 C  CA    . TYR A 1 137 ? 3.722   4.675   14.958  1.00 9.86  ? 151 TYR A CA    1 
ATOM   1099 C  C     . TYR A 1 137 ? 2.524   3.858   14.472  1.00 12.15 ? 151 TYR A C     1 
ATOM   1100 O  O     . TYR A 1 137 ? 1.365   4.210   14.709  1.00 10.76 ? 151 TYR A O     1 
ATOM   1101 C  CB    . TYR A 1 137 ? 4.351   5.435   13.771  1.00 10.95 ? 151 TYR A CB    1 
ATOM   1102 C  CG    . TYR A 1 137 ? 3.329   6.081   12.881  1.00 9.73  ? 151 TYR A CG    1 
ATOM   1103 C  CD1   . TYR A 1 137 ? 2.643   7.229   13.292  1.00 11.14 ? 151 TYR A CD1   1 
ATOM   1104 C  CD2   . TYR A 1 137 ? 2.968   5.493   11.671  1.00 11.65 ? 151 TYR A CD2   1 
ATOM   1105 C  CE1   . TYR A 1 137 ? 1.613   7.762   12.527  1.00 13.11 ? 151 TYR A CE1   1 
ATOM   1106 C  CE2   . TYR A 1 137 ? 1.939   6.020   10.894  1.00 13.40 ? 151 TYR A CE2   1 
ATOM   1107 C  CZ    . TYR A 1 137 ? 1.261   7.151   11.337  1.00 12.49 ? 151 TYR A CZ    1 
ATOM   1108 O  OH    . TYR A 1 137 ? 0.201   7.642   10.617  1.00 14.92 ? 151 TYR A OH    1 
ATOM   1109 N  N     . ALA A 1 138 ? 2.810   2.762   13.782  1.00 10.21 ? 152 ALA A N     1 
ATOM   1110 C  CA    . ALA A 1 138 ? 1.747   1.902   13.283  1.00 8.51  ? 152 ALA A CA    1 
ATOM   1111 C  C     . ALA A 1 138 ? 0.936   1.302   14.435  1.00 10.06 ? 152 ALA A C     1 
ATOM   1112 O  O     . ALA A 1 138 ? -0.301  1.280   14.377  1.00 11.17 ? 152 ALA A O     1 
ATOM   1113 C  CB    . ALA A 1 138 ? 2.350   0.791   12.404  1.00 11.49 ? 152 ALA A CB    1 
ATOM   1114 N  N     . ASP A 1 139 ? 1.618   0.825   15.472  1.00 11.15 ? 153 ASP A N     1 
ATOM   1115 C  CA    . ASP A 1 139 ? 0.896   0.234   16.615  1.00 11.19 ? 153 ASP A CA    1 
ATOM   1116 C  C     . ASP A 1 139 ? -0.012  1.266   17.276  1.00 13.16 ? 153 ASP A C     1 
ATOM   1117 O  O     . ASP A 1 139 ? -1.168  0.979   17.615  1.00 14.73 ? 153 ASP A O     1 
ATOM   1118 C  CB    . ASP A 1 139 ? 1.853   -0.290  17.683  1.00 11.65 ? 153 ASP A CB    1 
ATOM   1119 C  CG    . ASP A 1 139 ? 2.659   -1.476  17.233  1.00 14.06 ? 153 ASP A CG    1 
ATOM   1120 O  OD1   . ASP A 1 139 ? 2.324   -2.110  16.201  1.00 14.72 ? 153 ASP A OD1   1 
ATOM   1121 O  OD2   . ASP A 1 139 ? 3.641   -1.787  17.950  1.00 15.02 ? 153 ASP A OD2   1 
ATOM   1122 N  N     . ASP A 1 140 ? 0.503   2.478   17.465  1.00 13.20 ? 154 ASP A N     1 
ATOM   1123 C  CA    . ASP A 1 140 ? -0.312  3.503   18.112  1.00 14.18 ? 154 ASP A CA    1 
ATOM   1124 C  C     . ASP A 1 140 ? -1.518  3.921   17.282  1.00 15.08 ? 154 ASP A C     1 
ATOM   1125 O  O     . ASP A 1 140 ? -2.514  4.383   17.836  1.00 16.92 ? 154 ASP A O     1 
ATOM   1126 C  CB    . ASP A 1 140 ? 0.529   4.745   18.433  1.00 17.64 ? 154 ASP A CB    1 
ATOM   1127 C  CG    . ASP A 1 140 ? 1.593   4.482   19.493  1.00 21.29 ? 154 ASP A CG    1 
ATOM   1128 O  OD1   . ASP A 1 140 ? 1.598   3.398   20.106  1.00 25.76 ? 154 ASP A OD1   1 
ATOM   1129 O  OD2   . ASP A 1 140 ? 2.432   5.381   19.712  1.00 27.12 ? 154 ASP A OD2   1 
ATOM   1130 N  N     . ASN A 1 141 ? -1.448  3.732   15.963  1.00 12.80 ? 155 ASN A N     1 
ATOM   1131 C  CA    . ASN A 1 141 ? -2.549  4.130   15.089  1.00 12.23 ? 155 ASN A CA    1 
ATOM   1132 C  C     . ASN A 1 141 ? -3.335  2.976   14.478  1.00 13.32 ? 155 ASN A C     1 
ATOM   1133 O  O     . ASN A 1 141 ? -4.135  3.173   13.547  1.00 15.78 ? 155 ASN A O     1 
ATOM   1134 C  CB    . ASN A 1 141 ? -2.005  5.062   13.992  1.00 16.35 ? 155 ASN A CB    1 
ATOM   1135 C  CG    . ASN A 1 141 ? -1.648  6.437   14.544  1.00 19.26 ? 155 ASN A CG    1 
ATOM   1136 O  OD1   . ASN A 1 141 ? -2.525  7.296   14.688  1.00 23.31 ? 155 ASN A OD1   1 
ATOM   1137 N  ND2   . ASN A 1 141 ? -0.381  6.642   14.897  1.00 17.98 ? 155 ASN A ND2   1 
ATOM   1138 N  N     . SER A 1 142 ? -3.147  1.781   15.035  1.00 11.87 ? 156 SER A N     1 
ATOM   1139 C  CA    . SER A 1 142 ? -3.802  0.562   14.549  1.00 12.78 ? 156 SER A CA    1 
ATOM   1140 C  C     . SER A 1 142 ? -3.621  0.340   13.039  1.00 10.63 ? 156 SER A C     1 
ATOM   1141 O  O     . SER A 1 142 ? -4.591  0.157   12.288  1.00 14.93 ? 156 SER A O     1 
ATOM   1142 C  CB    A SER A 1 142 ? -5.310  0.607   14.865  0.60 14.49 ? 156 SER A CB    1 
ATOM   1143 C  CB    B SER A 1 142 ? -5.291  0.541   14.909  0.40 13.72 ? 156 SER A CB    1 
ATOM   1144 O  OG    A SER A 1 142 ? -5.564  0.838   16.240  0.60 15.74 ? 156 SER A OG    1 
ATOM   1145 O  OG    B SER A 1 142 ? -5.747  -0.804  14.950  0.40 13.67 ? 156 SER A OG    1 
ATOM   1146 N  N     . LEU A 1 143 ? -2.372  0.364   12.584  1.00 10.66 ? 157 LEU A N     1 
ATOM   1147 C  CA    . LEU A 1 143 ? -2.072  0.105   11.186  1.00 9.49  ? 157 LEU A CA    1 
ATOM   1148 C  C     . LEU A 1 143 ? -1.259  -1.191  11.080  1.00 10.28 ? 157 LEU A C     1 
ATOM   1149 O  O     . LEU A 1 143 ? -0.427  -1.498  11.944  1.00 10.87 ? 157 LEU A O     1 
ATOM   1150 C  CB    . LEU A 1 143 ? -1.225  1.231   10.583  1.00 10.92 ? 157 LEU A CB    1 
ATOM   1151 C  CG    . LEU A 1 143 ? -1.638  2.659   10.922  1.00 10.92 ? 157 LEU A CG    1 
ATOM   1152 C  CD1   . LEU A 1 143 ? -0.568  3.598   10.376  1.00 11.59 ? 157 LEU A CD1   1 
ATOM   1153 C  CD2   . LEU A 1 143 ? -3.016  2.991   10.338  1.00 11.48 ? 157 LEU A CD2   1 
ATOM   1154 N  N     . LEU A 1 144 ? -1.489  -1.923  10.000  1.00 10.80 ? 158 LEU A N     1 
ATOM   1155 C  CA    . LEU A 1 144 ? -0.803  -3.180  9.724   1.00 11.09 ? 158 LEU A CA    1 
ATOM   1156 C  C     . LEU A 1 144 ? 0.501   -2.786  9.013   1.00 15.33 ? 158 LEU A C     1 
ATOM   1157 O  O     . LEU A 1 144 ? 0.499   -2.466  7.823   1.00 14.01 ? 158 LEU A O     1 
ATOM   1158 C  CB    . LEU A 1 144 ? -1.693  -4.047  8.824   1.00 12.27 ? 158 LEU A CB    1 
ATOM   1159 C  CG    . LEU A 1 144 ? -1.385  -5.540  8.639   1.00 15.59 ? 158 LEU A CG    1 
ATOM   1160 C  CD1   . LEU A 1 144 ? -2.546  -6.252  7.936   1.00 19.33 ? 158 LEU A CD1   1 
ATOM   1161 C  CD2   . LEU A 1 144 ? -0.119  -5.683  7.838   1.00 18.44 ? 158 LEU A CD2   1 
ATOM   1162 N  N     . PHE A 1 145 ? 1.616   -2.854  9.730   1.00 12.11 ? 159 PHE A N     1 
ATOM   1163 C  CA    . PHE A 1 145 ? 2.917   -2.440  9.182   1.00 12.27 ? 159 PHE A CA    1 
ATOM   1164 C  C     . PHE A 1 145 ? 3.872   -3.541  8.759   1.00 10.38 ? 159 PHE A C     1 
ATOM   1165 O  O     . PHE A 1 145 ? 4.062   -4.524  9.496   1.00 10.98 ? 159 PHE A O     1 
ATOM   1166 C  CB    . PHE A 1 145 ? 3.650   -1.570  10.237  1.00 12.50 ? 159 PHE A CB    1 
ATOM   1167 C  CG    . PHE A 1 145 ? 5.077   -1.210  9.878   1.00 11.16 ? 159 PHE A CG    1 
ATOM   1168 C  CD1   . PHE A 1 145 ? 5.337   -0.458  8.744   1.00 12.67 ? 159 PHE A CD1   1 
ATOM   1169 C  CD2   . PHE A 1 145 ? 6.162   -1.585  10.702  1.00 11.80 ? 159 PHE A CD2   1 
ATOM   1170 C  CE1   . PHE A 1 145 ? 6.637   -0.071  8.412   1.00 12.53 ? 159 PHE A CE1   1 
ATOM   1171 C  CE2   . PHE A 1 145 ? 7.476   -1.210  10.388  1.00 11.14 ? 159 PHE A CE2   1 
ATOM   1172 C  CZ    . PHE A 1 145 ? 7.720   -0.443  9.233   1.00 11.67 ? 159 PHE A CZ    1 
ATOM   1173 N  N     . MET A 1 146 ? 4.479   -3.371  7.585   1.00 10.65 ? 160 MET A N     1 
ATOM   1174 C  CA    . MET A 1 146 ? 5.551   -4.278  7.149   1.00 9.53  ? 160 MET A CA    1 
ATOM   1175 C  C     . MET A 1 146 ? 6.502   -3.496  6.276   1.00 9.52  ? 160 MET A C     1 
ATOM   1176 O  O     . MET A 1 146 ? 6.072   -2.580  5.563   1.00 10.33 ? 160 MET A O     1 
ATOM   1177 C  CB    . MET A 1 146 ? 5.081   -5.472  6.303   1.00 12.11 ? 160 MET A CB    1 
ATOM   1178 C  CG    . MET A 1 146 ? 4.139   -6.393  6.972   1.00 10.53 ? 160 MET A CG    1 
ATOM   1179 S  SD    . MET A 1 146 ? 3.927   -7.864  5.913   1.00 13.37 ? 160 MET A SD    1 
ATOM   1180 C  CE    . MET A 1 146 ? 2.672   -8.816  6.829   1.00 17.03 ? 160 MET A CE    1 
ATOM   1181 N  N     . GLU A 1 147 ? 7.795   -3.799  6.375   1.00 7.91  ? 161 GLU A N     1 
ATOM   1182 C  CA    . GLU A 1 147 ? 8.767   -3.219  5.443   1.00 8.11  ? 161 GLU A CA    1 
ATOM   1183 C  C     . GLU A 1 147 ? 8.713   -4.182  4.263   1.00 10.62 ? 161 GLU A C     1 
ATOM   1184 O  O     . GLU A 1 147 ? 8.575   -5.407  4.416   1.00 11.64 ? 161 GLU A O     1 
ATOM   1185 C  CB    . GLU A 1 147 ? 10.178  -3.127  6.045   1.00 9.63  ? 161 GLU A CB    1 
ATOM   1186 C  CG    . GLU A 1 147 ? 10.278  -1.856  6.883   1.00 10.60 ? 161 GLU A CG    1 
ATOM   1187 C  CD    . GLU A 1 147 ? 11.682  -1.500  7.345   1.00 9.81  ? 161 GLU A CD    1 
ATOM   1188 O  OE1   . GLU A 1 147 ? 12.642  -2.256  7.059   1.00 12.04 ? 161 GLU A OE1   1 
ATOM   1189 O  OE2   . GLU A 1 147 ? 11.798  -0.432  7.992   1.00 10.44 ? 161 GLU A OE2   1 
ATOM   1190 N  N     . THR A 1 148 ? 8.763   -3.612  3.067   1.00 9.55  ? 162 THR A N     1 
ATOM   1191 C  CA    . THR A 1 148 ? 8.639   -4.394  1.842   1.00 10.62 ? 162 THR A CA    1 
ATOM   1192 C  C     . THR A 1 148 ? 9.679   -4.020  0.810   1.00 8.29  ? 162 THR A C     1 
ATOM   1193 O  O     . THR A 1 148 ? 10.335  -2.970  0.898   1.00 8.87  ? 162 THR A O     1 
ATOM   1194 C  CB    . THR A 1 148 ? 7.245   -4.144  1.184   1.00 9.19  ? 162 THR A CB    1 
ATOM   1195 O  OG1   . THR A 1 148 ? 7.121   -2.749  0.863   1.00 8.63  ? 162 THR A OG1   1 
ATOM   1196 C  CG2   . THR A 1 148 ? 6.135   -4.485  2.121   1.00 10.33 ? 162 THR A CG2   1 
ATOM   1197 N  N     . SER A 1 149 ? 9.852   -4.899  -0.175  1.00 9.58  ? 163 SER A N     1 
ATOM   1198 C  CA    . SER A 1 149 ? 10.723  -4.559  -1.299  1.00 9.03  ? 163 SER A CA    1 
ATOM   1199 C  C     . SER A 1 149 ? 10.063  -5.079  -2.555  1.00 10.08 ? 163 SER A C     1 
ATOM   1200 O  O     . SER A 1 149 ? 10.027  -6.281  -2.790  1.00 9.51  ? 163 SER A O     1 
ATOM   1201 C  CB    . SER A 1 149 ? 12.128  -5.175  -1.222  1.00 8.93  ? 163 SER A CB    1 
ATOM   1202 O  OG    . SER A 1 149 ? 12.783  -4.865  -2.451  1.00 10.03 ? 163 SER A OG    1 
ATOM   1203 N  N     . ALA A 1 150 ? 9.490   -4.184  -3.343  1.00 8.38  ? 164 ALA A N     1 
ATOM   1204 C  CA    . ALA A 1 150 ? 8.936   -4.612  -4.623  1.00 8.43  ? 164 ALA A CA    1 
ATOM   1205 C  C     . ALA A 1 150 ? 10.081  -5.153  -5.506  1.00 9.41  ? 164 ALA A C     1 
ATOM   1206 O  O     . ALA A 1 150 ? 9.884   -6.062  -6.343  1.00 10.72 ? 164 ALA A O     1 
ATOM   1207 C  CB    . ALA A 1 150 ? 8.288   -3.419  -5.330  1.00 8.94  ? 164 ALA A CB    1 
ATOM   1208 N  N     . LYS A 1 151 ? 11.289  -4.634  -5.295  1.00 10.57 ? 165 LYS A N     1 
ATOM   1209 C  CA    . LYS A 1 151 ? 12.415  -5.073  -6.104  1.00 9.71  ? 165 LYS A CA    1 
ATOM   1210 C  C     . LYS A 1 151 ? 12.823  -6.526  -5.852  1.00 12.20 ? 165 LYS A C     1 
ATOM   1211 O  O     . LYS A 1 151 ? 13.142  -7.254  -6.795  1.00 12.24 ? 165 LYS A O     1 
ATOM   1212 C  CB    . LYS A 1 151 ? 13.619  -4.148  -5.880  1.00 9.50  ? 165 LYS A CB    1 
ATOM   1213 C  CG    . LYS A 1 151 ? 14.820  -4.534  -6.717  1.00 9.16  ? 165 LYS A CG    1 
ATOM   1214 C  CD    . LYS A 1 151 ? 15.870  -3.438  -6.775  1.00 12.06 ? 165 LYS A CD    1 
ATOM   1215 C  CE    . LYS A 1 151 ? 17.076  -3.946  -7.572  1.00 18.57 ? 165 LYS A CE    1 
ATOM   1216 N  NZ    . LYS A 1 151 ? 18.017  -2.811  -7.883  1.00 23.33 ? 165 LYS A NZ    1 
ATOM   1217 N  N     . THR A 1 152 ? 12.820  -6.960  -4.595  1.00 11.37 ? 166 THR A N     1 
ATOM   1218 C  CA    . THR A 1 152 ? 13.219  -8.346  -4.320  1.00 10.83 ? 166 THR A CA    1 
ATOM   1219 C  C     . THR A 1 152 ? 12.046  -9.295  -4.095  1.00 11.11 ? 166 THR A C     1 
ATOM   1220 O  O     . THR A 1 152 ? 12.216  -10.524 -4.129  1.00 12.35 ? 166 THR A O     1 
ATOM   1221 C  CB    . THR A 1 152 ? 14.093  -8.457  -3.056  1.00 8.95  ? 166 THR A CB    1 
ATOM   1222 O  OG1   . THR A 1 152 ? 13.266  -8.328  -1.893  1.00 11.97 ? 166 THR A OG1   1 
ATOM   1223 C  CG2   . THR A 1 152 ? 15.161  -7.365  -3.064  1.00 9.76  ? 166 THR A CG2   1 
ATOM   1224 N  N     . SER A 1 153 ? 10.881  -8.696  -3.832  1.00 10.19 ? 167 SER A N     1 
ATOM   1225 C  CA    . SER A 1 153 ? 9.600   -9.335  -3.516  1.00 10.06 ? 167 SER A CA    1 
ATOM   1226 C  C     . SER A 1 153 ? 9.399   -9.485  -2.009  1.00 9.35  ? 167 SER A C     1 
ATOM   1227 O  O     . SER A 1 153 ? 8.350   -9.949  -1.560  1.00 11.63 ? 167 SER A O     1 
ATOM   1228 C  CB    . SER A 1 153 ? 9.435   -10.713 -4.208  1.00 11.15 ? 167 SER A CB    1 
ATOM   1229 O  OG    . SER A 1 153 ? 10.147  -11.762 -3.542  1.00 12.50 ? 167 SER A OG    1 
ATOM   1230 N  N     . MET A 1 154 ? 10.387  -9.078  -1.213  1.00 7.76  ? 168 MET A N     1 
ATOM   1231 C  CA    . MET A 1 154 ? 10.267  -9.218  0.253   1.00 10.09 ? 168 MET A CA    1 
ATOM   1232 C  C     . MET A 1 154 ? 8.960   -8.645  0.825   1.00 11.75 ? 168 MET A C     1 
ATOM   1233 O  O     . MET A 1 154 ? 8.639   -7.467  0.622   1.00 10.73 ? 168 MET A O     1 
ATOM   1234 C  CB    . MET A 1 154 ? 11.432  -8.532  0.961   1.00 12.31 ? 168 MET A CB    1 
ATOM   1235 C  CG    . MET A 1 154 ? 11.414  -8.833  2.456   1.00 17.93 ? 168 MET A CG    1 
ATOM   1236 S  SD    . MET A 1 154 ? 12.671  -7.887  3.326   1.00 25.43 ? 168 MET A SD    1 
ATOM   1237 C  CE    . MET A 1 154 ? 11.838  -6.433  3.433   1.00 19.83 ? 168 MET A CE    1 
ATOM   1238 N  N     . ASN A 1 155 ? 8.211   -9.509  1.517   1.00 11.56 ? 169 ASN A N     1 
ATOM   1239 C  CA    . ASN A 1 155 ? 6.933   -9.178  2.159   1.00 10.05 ? 169 ASN A CA    1 
ATOM   1240 C  C     . ASN A 1 155 ? 5.854   -8.606  1.262   1.00 12.07 ? 169 ASN A C     1 
ATOM   1241 O  O     . ASN A 1 155 ? 4.856   -8.094  1.772   1.00 11.78 ? 169 ASN A O     1 
ATOM   1242 C  CB    . ASN A 1 155 ? 7.152   -8.247  3.368   1.00 12.74 ? 169 ASN A CB    1 
ATOM   1243 C  CG    . ASN A 1 155 ? 7.830   -8.954  4.516   1.00 18.13 ? 169 ASN A CG    1 
ATOM   1244 O  OD1   . ASN A 1 155 ? 7.771   -10.184 4.628   1.00 18.53 ? 169 ASN A OD1   1 
ATOM   1245 N  ND2   . ASN A 1 155 ? 8.477   -8.184  5.387   1.00 14.56 ? 169 ASN A ND2   1 
ATOM   1246 N  N     . VAL A 1 156 ? 5.998   -8.737  -0.058  1.00 9.61  ? 170 VAL A N     1 
ATOM   1247 C  CA    . VAL A 1 156 ? 4.965   -8.184  -0.937  1.00 11.13 ? 170 VAL A CA    1 
ATOM   1248 C  C     . VAL A 1 156 ? 3.705   -9.032  -0.883  1.00 10.93 ? 170 VAL A C     1 
ATOM   1249 O  O     . VAL A 1 156 ? 2.608   -8.523  -0.597  1.00 11.41 ? 170 VAL A O     1 
ATOM   1250 C  CB    . VAL A 1 156 ? 5.461   -8.068  -2.385  1.00 12.43 ? 170 VAL A CB    1 
ATOM   1251 C  CG1   . VAL A 1 156 ? 4.303   -7.652  -3.300  1.00 18.04 ? 170 VAL A CG1   1 
ATOM   1252 C  CG2   . VAL A 1 156 ? 6.561   -7.023  -2.445  1.00 18.13 ? 170 VAL A CG2   1 
ATOM   1253 N  N     . ASN A 1 157 ? 3.816   -10.326 -1.166  1.00 12.85 ? 171 ASN A N     1 
ATOM   1254 C  CA    . ASN A 1 157 ? 2.596   -11.122 -1.056  1.00 13.45 ? 171 ASN A CA    1 
ATOM   1255 C  C     . ASN A 1 157 ? 2.111   -11.117 0.381   1.00 12.99 ? 171 ASN A C     1 
ATOM   1256 O  O     . ASN A 1 157 ? 0.892   -11.089 0.640   1.00 12.33 ? 171 ASN A O     1 
ATOM   1257 C  CB    . ASN A 1 157 ? 2.820   -12.573 -1.474  1.00 17.46 ? 171 ASN A CB    1 
ATOM   1258 C  CG    . ASN A 1 157 ? 2.903   -12.752 -2.984  1.00 23.55 ? 171 ASN A CG    1 
ATOM   1259 O  OD1   . ASN A 1 157 ? 2.599   -11.842 -3.770  1.00 27.54 ? 171 ASN A OD1   1 
ATOM   1260 N  ND2   . ASN A 1 157 ? 3.310   -13.949 -3.400  1.00 27.25 ? 171 ASN A ND2   1 
ATOM   1261 N  N     . GLU A 1 158 ? 3.045   -11.103 1.334   1.00 12.06 ? 172 GLU A N     1 
ATOM   1262 C  CA    . GLU A 1 158 ? 2.649   -11.129 2.747   1.00 9.91  ? 172 GLU A CA    1 
ATOM   1263 C  C     . GLU A 1 158 ? 1.783   -9.958  3.196   1.00 12.99 ? 172 GLU A C     1 
ATOM   1264 O  O     . GLU A 1 158 ? 0.816   -10.175 3.925   1.00 13.55 ? 172 GLU A O     1 
ATOM   1265 C  CB    . GLU A 1 158 ? 3.869   -11.196 3.664   1.00 12.02 ? 172 GLU A CB    1 
ATOM   1266 C  CG    . GLU A 1 158 ? 4.623   -12.563 3.681   1.00 15.01 ? 172 GLU A CG    1 
ATOM   1267 C  CD    . GLU A 1 158 ? 5.431   -12.889 2.421   1.00 19.19 ? 172 GLU A CD    1 
ATOM   1268 O  OE1   . GLU A 1 158 ? 5.639   -12.032 1.549   1.00 14.70 ? 172 GLU A OE1   1 
ATOM   1269 O  OE2   . GLU A 1 158 ? 5.902   -14.045 2.321   1.00 24.66 ? 172 GLU A OE2   1 
ATOM   1270 N  N     . ILE A 1 159 ? 2.112   -8.734  2.782   1.00 10.75 ? 173 ILE A N     1 
ATOM   1271 C  CA    . ILE A 1 159 ? 1.316   -7.604  3.230   1.00 10.63 ? 173 ILE A CA    1 
ATOM   1272 C  C     . ILE A 1 159 ? -0.095  -7.637  2.625   1.00 11.86 ? 173 ILE A C     1 
ATOM   1273 O  O     . ILE A 1 159 ? -1.076  -7.344  3.319   1.00 12.85 ? 173 ILE A O     1 
ATOM   1274 C  CB    . ILE A 1 159 ? 2.050   -6.243  2.970   1.00 8.73  ? 173 ILE A CB    1 
ATOM   1275 C  CG1   . ILE A 1 159 ? 1.403   -5.165  3.848   1.00 10.85 ? 173 ILE A CG1   1 
ATOM   1276 C  CG2   . ILE A 1 159 ? 1.966   -5.824  1.471   1.00 11.69 ? 173 ILE A CG2   1 
ATOM   1277 C  CD1   . ILE A 1 159 ? 2.129   -3.774  3.825   1.00 11.66 ? 173 ILE A CD1   1 
ATOM   1278 N  N     . PHE A 1 160 ? -0.212  -8.028  1.354   1.00 11.69 ? 174 PHE A N     1 
ATOM   1279 C  CA    . PHE A 1 160 ? -1.526  -8.126  0.733   1.00 13.53 ? 174 PHE A CA    1 
ATOM   1280 C  C     . PHE A 1 160 ? -2.336  -9.237  1.403   1.00 13.09 ? 174 PHE A C     1 
ATOM   1281 O  O     . PHE A 1 160 ? -3.524  -9.052  1.685   1.00 15.22 ? 174 PHE A O     1 
ATOM   1282 C  CB    . PHE A 1 160 ? -1.399  -8.398  -0.771  1.00 13.71 ? 174 PHE A CB    1 
ATOM   1283 C  CG    . PHE A 1 160 ? -1.066  -7.163  -1.581  1.00 12.72 ? 174 PHE A CG    1 
ATOM   1284 C  CD1   . PHE A 1 160 ? -2.086  -6.340  -2.069  1.00 15.80 ? 174 PHE A CD1   1 
ATOM   1285 C  CD2   . PHE A 1 160 ? 0.242   -6.808  -1.821  1.00 14.03 ? 174 PHE A CD2   1 
ATOM   1286 C  CE1   . PHE A 1 160 ? -1.780  -5.185  -2.779  1.00 12.92 ? 174 PHE A CE1   1 
ATOM   1287 C  CE2   . PHE A 1 160 ? 0.562   -5.640  -2.539  1.00 14.66 ? 174 PHE A CE2   1 
ATOM   1288 C  CZ    . PHE A 1 160 ? -0.460  -4.830  -3.017  1.00 16.16 ? 174 PHE A CZ    1 
ATOM   1289 N  N     . MET A 1 161 ? -1.713  -10.385 1.671   1.00 11.61 ? 175 MET A N     1 
ATOM   1290 C  CA    . MET A 1 161 ? -2.441  -11.473 2.306   1.00 14.11 ? 175 MET A CA    1 
ATOM   1291 C  C     . MET A 1 161 ? -2.819  -11.145 3.742   1.00 14.87 ? 175 MET A C     1 
ATOM   1292 O  O     . MET A 1 161 ? -3.908  -11.512 4.199   1.00 14.61 ? 175 MET A O     1 
ATOM   1293 C  CB    . MET A 1 161 ? -1.647  -12.782 2.228   1.00 15.13 ? 175 MET A CB    1 
ATOM   1294 C  CG    . MET A 1 161 ? -1.355  -13.223 0.789   1.00 17.78 ? 175 MET A CG    1 
ATOM   1295 S  SD    . MET A 1 161 ? -2.900  -13.573 -0.109  1.00 22.88 ? 175 MET A SD    1 
ATOM   1296 C  CE    . MET A 1 161 ? -3.227  -15.204 0.571   1.00 26.76 ? 175 MET A CE    1 
ATOM   1297 N  N     . ALA A 1 162 ? -1.956  -10.428 4.453   1.00 10.90 ? 176 ALA A N     1 
ATOM   1298 C  CA    . ALA A 1 162 ? -2.271  -10.091 5.846   1.00 12.28 ? 176 ALA A CA    1 
ATOM   1299 C  C     . ALA A 1 162 ? -3.505  -9.213  5.924   1.00 15.04 ? 176 ALA A C     1 
ATOM   1300 O  O     . ALA A 1 162 ? -4.309  -9.327  6.862   1.00 14.70 ? 176 ALA A O     1 
ATOM   1301 C  CB    . ALA A 1 162 ? -1.082  -9.407  6.504   1.00 13.90 ? 176 ALA A CB    1 
ATOM   1302 N  N     . ILE A 1 163 ? -3.651  -8.336  4.929   1.00 11.70 ? 177 ILE A N     1 
ATOM   1303 C  CA    . ILE A 1 163 ? -4.817  -7.448  4.842   1.00 12.49 ? 177 ILE A CA    1 
ATOM   1304 C  C     . ILE A 1 163 ? -6.072  -8.275  4.590   1.00 16.75 ? 177 ILE A C     1 
ATOM   1305 O  O     . ILE A 1 163 ? -7.083  -8.130  5.286   1.00 17.40 ? 177 ILE A O     1 
ATOM   1306 C  CB    . ILE A 1 163 ? -4.636  -6.454  3.682   1.00 12.05 ? 177 ILE A CB    1 
ATOM   1307 C  CG1   . ILE A 1 163 ? -3.569  -5.438  4.069   1.00 12.79 ? 177 ILE A CG1   1 
ATOM   1308 C  CG2   . ILE A 1 163 ? -5.954  -5.773  3.354   1.00 14.56 ? 177 ILE A CG2   1 
ATOM   1309 C  CD1   . ILE A 1 163 ? -3.093  -4.576  2.920   1.00 15.23 ? 177 ILE A CD1   1 
ATOM   1310 N  N     . ALA A 1 164 ? -6.007  -9.149  3.593   1.00 13.70 ? 178 ALA A N     1 
ATOM   1311 C  CA    . ALA A 1 164 ? -7.162  -10.004 3.275   1.00 16.36 ? 178 ALA A CA    1 
ATOM   1312 C  C     . ALA A 1 164 ? -7.595  -10.816 4.500   1.00 17.62 ? 178 ALA A C     1 
ATOM   1313 O  O     . ALA A 1 164 ? -8.790  -10.980 4.762   1.00 21.61 ? 178 ALA A O     1 
ATOM   1314 C  CB    . ALA A 1 164 ? -6.824  -10.935 2.118   1.00 19.27 ? 178 ALA A CB    1 
ATOM   1315 N  N     . LYS A 1 165 ? -6.632  -11.301 5.277   1.00 15.17 ? 179 LYS A N     1 
ATOM   1316 C  CA    . LYS A 1 165 ? -6.953  -12.082 6.468   1.00 16.29 ? 179 LYS A CA    1 
ATOM   1317 C  C     . LYS A 1 165 ? -7.671  -11.294 7.545   1.00 17.83 ? 179 LYS A C     1 
ATOM   1318 O  O     . LYS A 1 165 ? -8.427  -11.865 8.323   1.00 20.46 ? 179 LYS A O     1 
ATOM   1319 C  CB    . LYS A 1 165 ? -5.675  -12.691 7.062   1.00 18.98 ? 179 LYS A CB    1 
ATOM   1320 C  CG    . LYS A 1 165 ? -4.944  -13.570 6.075   1.00 27.91 ? 179 LYS A CG    1 
ATOM   1321 C  CD    . LYS A 1 165 ? -3.786  -14.307 6.710   1.00 33.88 ? 179 LYS A CD    1 
ATOM   1322 C  CE    . LYS A 1 165 ? -3.040  -15.109 5.654   1.00 33.92 ? 179 LYS A CE    1 
ATOM   1323 N  NZ    . LYS A 1 165 ? -2.053  -16.047 6.263   1.00 40.70 ? 179 LYS A NZ    1 
ATOM   1324 N  N     . LYS A 1 166 ? -7.449  -9.979  7.578   1.00 17.45 ? 180 LYS A N     1 
ATOM   1325 C  CA    . LYS A 1 166 ? -8.054  -9.101  8.579   1.00 18.49 ? 180 LYS A CA    1 
ATOM   1326 C  C     . LYS A 1 166 ? -9.335  -8.400  8.167   1.00 24.26 ? 180 LYS A C     1 
ATOM   1327 O  O     . LYS A 1 166 ? -9.828  -7.545  8.901   1.00 28.78 ? 180 LYS A O     1 
ATOM   1328 C  CB    . LYS A 1 166 ? -7.032  -8.049  9.016   1.00 19.53 ? 180 LYS A CB    1 
ATOM   1329 C  CG    . LYS A 1 166 ? -6.012  -8.572  10.031  1.00 21.81 ? 180 LYS A CG    1 
ATOM   1330 C  CD    . LYS A 1 166 ? -6.708  -8.887  11.351  1.00 26.12 ? 180 LYS A CD    1 
ATOM   1331 C  CE    . LYS A 1 166 ? -5.819  -9.661  12.308  1.00 25.33 ? 180 LYS A CE    1 
ATOM   1332 N  NZ    . LYS A 1 166 ? -6.662  -10.149 13.453  1.00 35.56 ? 180 LYS A NZ    1 
ATOM   1333 N  N     . LEU A 1 167 ? -9.864  -8.738  6.999   1.00 21.71 ? 181 LEU A N     1 
ATOM   1334 C  CA    . LEU A 1 167 ? -11.113 -8.135  6.534   1.00 25.31 ? 181 LEU A CA    1 
ATOM   1335 C  C     . LEU A 1 167 ? -12.263 -9.023  7.016   1.00 30.51 ? 181 LEU A C     1 
ATOM   1336 O  O     . LEU A 1 167 ? -12.101 -10.263 6.940   1.00 33.28 ? 181 LEU A O     1 
ATOM   1337 C  CB    . LEU A 1 167 ? -11.137 -8.069  5.011   1.00 23.34 ? 181 LEU A CB    1 
ATOM   1338 C  CG    . LEU A 1 167 ? -10.269 -6.977  4.401   1.00 25.59 ? 181 LEU A CG    1 
ATOM   1339 C  CD1   . LEU A 1 167 ? -9.936  -7.314  2.966   1.00 31.47 ? 181 LEU A CD1   1 
ATOM   1340 C  CD2   . LEU A 1 167 ? -11.005 -5.663  4.514   1.00 27.41 ? 181 LEU A CD2   1 
HETATM 1341 MG MG    . MG  B 2 .   ? 2.837   4.815   -9.731  1.00 10.05 ? 201 MG  A MG    1 
HETATM 1342 P  PB    . GDP C 3 .   ? 5.165   5.240   -7.502  1.00 9.93  ? 200 GDP A PB    1 
HETATM 1343 O  O1B   . GDP C 3 .   ? 4.943   5.234   -6.000  1.00 8.67  ? 200 GDP A O1B   1 
HETATM 1344 O  O2B   . GDP C 3 .   ? 5.330   6.625   -8.118  1.00 10.56 ? 200 GDP A O2B   1 
HETATM 1345 O  O3B   . GDP C 3 .   ? 4.159   4.373   -8.245  1.00 9.55  ? 200 GDP A O3B   1 
HETATM 1346 O  O3A   . GDP C 3 .   ? 6.634   4.518   -7.737  1.00 8.77  ? 200 GDP A O3A   1 
HETATM 1347 P  PA    . GDP C 3 .   ? 7.077   3.453   -8.820  1.00 9.28  ? 200 GDP A PA    1 
HETATM 1348 O  O1A   . GDP C 3 .   ? 6.885   4.038   -10.176 1.00 10.89 ? 200 GDP A O1A   1 
HETATM 1349 O  O2A   . GDP C 3 .   ? 6.459   2.092   -8.569  1.00 9.21  ? 200 GDP A O2A   1 
HETATM 1350 O  "O5'" . GDP C 3 .   ? 8.625   3.301   -8.458  1.00 10.52 ? 200 GDP A "O5'" 1 
HETATM 1351 C  "C5'" . GDP C 3 .   ? 9.506   4.410   -8.572  1.00 11.42 ? 200 GDP A "C5'" 1 
HETATM 1352 C  "C4'" . GDP C 3 .   ? 10.918  3.917   -8.789  1.00 10.21 ? 200 GDP A "C4'" 1 
HETATM 1353 O  "O4'" . GDP C 3 .   ? 11.351  3.214   -7.585  1.00 11.37 ? 200 GDP A "O4'" 1 
HETATM 1354 C  "C3'" . GDP C 3 .   ? 11.088  2.950   -9.965  1.00 10.53 ? 200 GDP A "C3'" 1 
HETATM 1355 O  "O3'" . GDP C 3 .   ? 12.370  3.330   -10.545 1.00 13.39 ? 200 GDP A "O3'" 1 
HETATM 1356 C  "C2'" . GDP C 3 .   ? 11.176  1.591   -9.289  1.00 9.91  ? 200 GDP A "C2'" 1 
HETATM 1357 O  "O2'" . GDP C 3 .   ? 11.898  0.652   -10.048 1.00 13.50 ? 200 GDP A "O2'" 1 
HETATM 1358 C  "C1'" . GDP C 3 .   ? 11.788  1.944   -7.940  1.00 9.76  ? 200 GDP A "C1'" 1 
HETATM 1359 N  N9    . GDP C 3 .   ? 11.328  1.000   -6.827  1.00 8.67  ? 200 GDP A N9    1 
HETATM 1360 C  C8    . GDP C 3 .   ? 10.015  0.712   -6.504  1.00 7.30  ? 200 GDP A C8    1 
HETATM 1361 N  N7    . GDP C 3 .   ? 9.972   -0.139  -5.473  1.00 7.69  ? 200 GDP A N7    1 
HETATM 1362 C  C5    . GDP C 3 .   ? 11.319  -0.388  -5.148  1.00 9.70  ? 200 GDP A C5    1 
HETATM 1363 C  C6    . GDP C 3 .   ? 11.890  -1.207  -4.146  1.00 9.21  ? 200 GDP A C6    1 
HETATM 1364 O  O6    . GDP C 3 .   ? 11.280  -1.906  -3.339  1.00 10.46 ? 200 GDP A O6    1 
HETATM 1365 N  N1    . GDP C 3 .   ? 13.296  -1.185  -4.122  1.00 8.32  ? 200 GDP A N1    1 
HETATM 1366 C  C2    . GDP C 3 .   ? 14.060  -0.422  -5.012  1.00 9.58  ? 200 GDP A C2    1 
HETATM 1367 N  N2    . GDP C 3 .   ? 15.385  -0.469  -4.902  1.00 11.01 ? 200 GDP A N2    1 
HETATM 1368 N  N3    . GDP C 3 .   ? 13.514  0.351   -5.976  1.00 10.57 ? 200 GDP A N3    1 
HETATM 1369 C  C4    . GDP C 3 .   ? 12.154  0.315   -5.982  1.00 10.09 ? 200 GDP A C4    1 
HETATM 1370 AL AL    . AF3 D 4 .   ? 4.051   7.918   -8.857  1.00 11.31 ? 202 AF3 A AL    1 
HETATM 1371 F  F1    . AF3 D 4 .   ? 2.929   8.074   -7.373  1.00 12.64 ? 202 AF3 A F1    1 
HETATM 1372 F  F2    . AF3 D 4 .   ? 3.117   6.756   -9.847  1.00 11.38 ? 202 AF3 A F2    1 
HETATM 1373 F  F3    . AF3 D 4 .   ? 5.578   8.417   -10.226 1.00 23.52 ? 202 AF3 A F3    1 
HETATM 1374 C  C1    . BME E 5 .   ? -9.748  -21.348 -1.305  1.00 28.14 ? 210 BME A C1    1 
HETATM 1375 C  C2    . BME E 5 .   ? -9.218  -21.634 -2.698  1.00 24.50 ? 210 BME A C2    1 
HETATM 1376 O  O1    . BME E 5 .   ? -9.970  -22.625 -0.738  1.00 22.71 ? 210 BME A O1    1 
HETATM 1377 S  S2    . BME E 5 .   ? -7.544  -22.370 -2.669  1.00 23.82 ? 210 BME A S2    1 
HETATM 1378 O  O     . HOH F 6 .   ? 1.250   4.874   -8.376  1.00 9.96  ? 301 HOH A O     1 
HETATM 1379 O  O     . HOH F 6 .   ? 4.421   4.518   -11.151 1.00 10.67 ? 302 HOH A O     1 
HETATM 1380 O  O     . HOH F 6 .   ? 2.890   9.361   -9.934  1.00 18.18 ? 303 HOH A O     1 
HETATM 1381 O  O     . HOH F 6 .   ? 7.598   6.355   -11.236 1.00 17.58 ? 304 HOH A O     1 
HETATM 1382 O  O     . HOH F 6 .   ? 6.802   11.403  -9.268  1.00 28.64 ? 305 HOH A O     1 
HETATM 1383 O  O     . HOH F 6 .   ? -1.316  8.731   -3.360  1.00 11.26 ? 306 HOH A O     1 
HETATM 1384 O  O     . HOH F 6 .   ? 4.076   8.504   1.447   1.00 10.38 ? 307 HOH A O     1 
HETATM 1385 O  O     . HOH F 6 .   ? 11.021  2.265   8.078   1.00 11.46 ? 308 HOH A O     1 
HETATM 1386 O  O     . HOH F 6 .   ? 19.363  0.009   8.003   1.00 12.73 ? 309 HOH A O     1 
HETATM 1387 O  O     . HOH F 6 .   ? 1.143   11.866  -1.791  1.00 16.22 ? 310 HOH A O     1 
HETATM 1388 O  O     . HOH F 6 .   ? 15.876  0.399   11.757  1.00 12.71 ? 311 HOH A O     1 
HETATM 1389 O  O     . HOH F 6 .   ? 1.109   3.146   -13.313 1.00 15.14 ? 312 HOH A O     1 
HETATM 1390 O  O     . HOH F 6 .   ? 12.478  14.998  6.543   1.00 17.14 ? 313 HOH A O     1 
HETATM 1391 O  O     . HOH F 6 .   ? 17.619  -2.954  8.199   1.00 16.94 ? 314 HOH A O     1 
HETATM 1392 O  O     . HOH F 6 .   ? 8.512   -6.036  8.090   1.00 17.48 ? 315 HOH A O     1 
HETATM 1393 O  O     . HOH F 6 .   ? 1.985   -4.022  12.501  1.00 12.54 ? 316 HOH A O     1 
HETATM 1394 O  O     . HOH F 6 .   ? 0.361   -2.550  14.272  1.00 13.49 ? 317 HOH A O     1 
HETATM 1395 O  O     . HOH F 6 .   ? 7.847   -2.043  -10.971 1.00 13.99 ? 318 HOH A O     1 
HETATM 1396 O  O     . HOH F 6 .   ? -6.485  -0.361  10.303  1.00 15.45 ? 319 HOH A O     1 
HETATM 1397 O  O     . HOH F 6 .   ? -13.107 3.685   2.537   1.00 17.24 ? 320 HOH A O     1 
HETATM 1398 O  O     . HOH F 6 .   ? 8.621   -12.365 1.280   1.00 15.84 ? 321 HOH A O     1 
HETATM 1399 O  O     . HOH F 6 .   ? -8.129  -11.315 -10.620 1.00 23.74 ? 322 HOH A O     1 
HETATM 1400 O  O     . HOH F 6 .   ? 14.373  6.043   -3.335  1.00 18.91 ? 323 HOH A O     1 
HETATM 1401 O  O     . HOH F 6 .   ? -2.596  11.054  -4.485  1.00 14.22 ? 324 HOH A O     1 
HETATM 1402 O  O     . HOH F 6 .   ? -3.268  13.417  2.901   1.00 17.09 ? 325 HOH A O     1 
HETATM 1403 O  O     . HOH F 6 .   ? 15.252  11.543  4.372   1.00 18.22 ? 326 HOH A O     1 
HETATM 1404 O  O     . HOH F 6 .   ? -1.798  13.673  -3.875  1.00 18.52 ? 327 HOH A O     1 
HETATM 1405 O  O     . HOH F 6 .   ? -8.480  14.832  -0.555  1.00 17.56 ? 328 HOH A O     1 
HETATM 1406 O  O     . HOH F 6 .   ? 14.817  -0.016  14.300  1.00 16.65 ? 329 HOH A O     1 
HETATM 1407 O  O     . HOH F 6 .   ? 13.538  7.284   12.066  1.00 17.46 ? 330 HOH A O     1 
HETATM 1408 O  O     . HOH F 6 .   ? -3.229  -10.513 9.047   1.00 22.10 ? 331 HOH A O     1 
HETATM 1409 O  O     . HOH F 6 .   ? 0.000   0.742   -12.166 1.00 21.32 ? 332 HOH A O     1 
HETATM 1410 O  O     . HOH F 6 .   ? 14.632  3.077   -6.458  1.00 17.27 ? 333 HOH A O     1 
HETATM 1411 O  O     . HOH F 6 .   ? 12.009  9.239   10.744  1.00 19.69 ? 334 HOH A O     1 
HETATM 1412 O  O     . HOH F 6 .   ? 4.268   10.457  14.570  1.00 19.29 ? 335 HOH A O     1 
HETATM 1413 O  O     . HOH F 6 .   ? 13.584  13.678  4.179   1.00 25.24 ? 336 HOH A O     1 
HETATM 1414 O  O     . HOH F 6 .   ? 18.948  -3.269  -3.893  1.00 20.94 ? 337 HOH A O     1 
HETATM 1415 O  O     . HOH F 6 .   ? 10.337  13.915  -0.738  1.00 38.82 ? 338 HOH A O     1 
HETATM 1416 O  O     . HOH F 6 .   ? 11.978  -1.486  -16.264 1.00 17.11 ? 339 HOH A O     1 
HETATM 1417 O  O     . HOH F 6 .   ? -4.036  14.820  6.572   1.00 20.37 ? 340 HOH A O     1 
HETATM 1418 O  O     . HOH F 6 .   ? 11.634  4.795   -12.829 1.00 19.99 ? 341 HOH A O     1 
HETATM 1419 O  O     . HOH F 6 .   ? 11.085  8.229   -2.571  1.00 19.42 ? 342 HOH A O     1 
HETATM 1420 O  O     . HOH F 6 .   ? -1.057  9.791   11.280  1.00 17.88 ? 343 HOH A O     1 
HETATM 1421 O  O     . HOH F 6 .   ? 18.632  8.162   2.482   1.00 19.50 ? 344 HOH A O     1 
HETATM 1422 O  O     . HOH F 6 .   ? 14.772  -9.411  0.034   1.00 18.64 ? 345 HOH A O     1 
HETATM 1423 O  O     . HOH F 6 .   ? -11.509 5.624   8.584   1.00 17.54 ? 346 HOH A O     1 
HETATM 1424 O  O     . HOH F 6 .   ? 4.202   13.144  -3.942  1.00 19.71 ? 347 HOH A O     1 
HETATM 1425 O  O     . HOH F 6 .   ? -2.665  -1.263  17.147  1.00 19.65 ? 348 HOH A O     1 
HETATM 1426 O  O     . HOH F 6 .   ? 6.887   2.220   -17.697 1.00 32.53 ? 349 HOH A O     1 
HETATM 1427 O  O     . HOH F 6 .   ? 4.630   -0.546  19.986  1.00 23.82 ? 350 HOH A O     1 
HETATM 1428 O  O     . HOH F 6 .   ? -5.144  10.956  -5.384  1.00 20.62 ? 351 HOH A O     1 
HETATM 1429 O  O     . HOH F 6 .   ? -5.203  18.358  -5.892  1.00 27.03 ? 352 HOH A O     1 
HETATM 1430 O  O     . HOH F 6 .   ? -0.205  3.855   -15.525 1.00 25.04 ? 353 HOH A O     1 
HETATM 1431 O  O     . HOH F 6 .   ? 0.862   -12.588 5.416   1.00 20.83 ? 354 HOH A O     1 
HETATM 1432 O  O     . HOH F 6 .   ? 5.821   -5.381  11.333  1.00 23.25 ? 355 HOH A O     1 
HETATM 1433 O  O     . HOH F 6 .   ? 2.254   18.076  -7.954  1.00 27.32 ? 356 HOH A O     1 
HETATM 1434 O  O     . HOH F 6 .   ? 7.281   6.254   16.677  1.00 26.44 ? 357 HOH A O     1 
HETATM 1435 O  O     . HOH F 6 .   ? 7.619   8.407   13.981  1.00 22.07 ? 358 HOH A O     1 
HETATM 1436 O  O     . HOH F 6 .   ? -12.955 -2.866  5.815   1.00 23.03 ? 359 HOH A O     1 
HETATM 1437 O  O     . HOH F 6 .   ? 7.917   -5.528  14.833  1.00 25.18 ? 360 HOH A O     1 
HETATM 1438 O  O     . HOH F 6 .   ? -6.452  19.084  -2.995  1.00 30.63 ? 361 HOH A O     1 
HETATM 1439 O  O     . HOH F 6 .   ? 11.321  -6.597  8.095   1.00 23.74 ? 362 HOH A O     1 
HETATM 1440 O  O     . HOH F 6 .   ? -14.466 4.663   -3.676  1.00 39.73 ? 363 HOH A O     1 
HETATM 1441 O  O     . HOH F 6 .   ? -3.256  15.790  4.235   1.00 37.81 ? 364 HOH A O     1 
HETATM 1442 O  O     . HOH F 6 .   ? 6.507   15.298  4.225   1.00 27.87 ? 365 HOH A O     1 
HETATM 1443 O  O     . HOH F 6 .   ? 17.067  5.999   10.217  1.00 23.72 ? 366 HOH A O     1 
HETATM 1444 O  O     . HOH F 6 .   ? 5.086   -3.941  18.357  1.00 24.12 ? 367 HOH A O     1 
HETATM 1445 O  O     . HOH F 6 .   ? 6.892   6.912   -21.904 1.00 27.09 ? 368 HOH A O     1 
HETATM 1446 O  O     . HOH F 6 .   ? 13.246  -4.821  6.854   1.00 28.69 ? 369 HOH A O     1 
HETATM 1447 O  O     . HOH F 6 .   ? 16.085  10.408  9.186   1.00 38.45 ? 370 HOH A O     1 
HETATM 1448 O  O     . HOH F 6 .   ? 14.634  -7.400  -9.043  1.00 21.26 ? 371 HOH A O     1 
HETATM 1449 O  O     . HOH F 6 .   ? -17.220 5.403   -4.101  1.00 24.80 ? 372 HOH A O     1 
HETATM 1450 O  O     . HOH F 6 .   ? 2.725   -6.857  10.484  1.00 24.35 ? 373 HOH A O     1 
HETATM 1451 O  O     . HOH F 6 .   ? -0.621  14.598  -1.792  1.00 26.65 ? 374 HOH A O     1 
HETATM 1452 O  O     . HOH F 6 .   ? -0.849  -0.691  -14.243 1.00 27.80 ? 375 HOH A O     1 
HETATM 1453 O  O     . HOH F 6 .   ? -12.635 13.324  1.430   1.00 23.96 ? 376 HOH A O     1 
HETATM 1454 O  O     . HOH F 6 .   ? -8.941  14.956  6.743   1.00 31.40 ? 377 HOH A O     1 
HETATM 1455 O  O     . HOH F 6 .   ? -3.463  9.419   12.705  1.00 29.15 ? 378 HOH A O     1 
HETATM 1456 O  O     . HOH F 6 .   ? 7.524   -12.515 -7.497  1.00 26.16 ? 379 HOH A O     1 
HETATM 1457 O  O     . HOH F 6 .   ? -5.036  6.954   15.121  1.00 26.52 ? 380 HOH A O     1 
HETATM 1458 O  O     . HOH F 6 .   ? 2.587   3.546   -17.459 1.00 40.68 ? 381 HOH A O     1 
HETATM 1459 O  O     . HOH F 6 .   ? 2.960   -12.345 7.406   1.00 33.09 ? 382 HOH A O     1 
HETATM 1460 O  O     . HOH F 6 .   ? -5.275  3.286   17.600  1.00 25.75 ? 383 HOH A O     1 
HETATM 1461 O  O     . HOH F 6 .   ? -1.039  6.219   -15.653 1.00 21.91 ? 384 HOH A O     1 
HETATM 1462 O  O     . HOH F 6 .   ? 13.783  -3.965  -14.381 1.00 32.73 ? 385 HOH A O     1 
HETATM 1463 O  O     . HOH F 6 .   ? 4.940   15.592  -0.006  1.00 34.48 ? 386 HOH A O     1 
HETATM 1464 O  O     . HOH F 6 .   ? 1.338   -14.835 3.905   1.00 28.74 ? 387 HOH A O     1 
HETATM 1465 O  O     . HOH F 6 .   ? 7.702   -7.305  -17.275 1.00 36.88 ? 388 HOH A O     1 
HETATM 1466 O  O     . HOH F 6 .   ? 7.579   -13.663 -10.228 1.00 31.96 ? 389 HOH A O     1 
HETATM 1467 O  O     . HOH F 6 .   ? -7.461  17.413  0.072   1.00 33.89 ? 390 HOH A O     1 
HETATM 1468 O  O     . HOH F 6 .   ? -3.420  -1.252  -15.145 1.00 31.19 ? 391 HOH A O     1 
HETATM 1469 O  O     . HOH F 6 .   ? 13.398  10.315  14.702  1.00 33.11 ? 392 HOH A O     1 
HETATM 1470 O  O     . HOH F 6 .   ? 19.821  -1.528  -15.559 1.00 27.00 ? 393 HOH A O     1 
HETATM 1471 O  O     . HOH F 6 .   ? 7.306   -15.641 0.684   1.00 38.91 ? 394 HOH A O     1 
HETATM 1472 O  O     . HOH F 6 .   ? -13.839 7.698   9.081   1.00 29.13 ? 395 HOH A O     1 
HETATM 1473 O  O     . HOH F 6 .   ? 3.599   -4.923  -17.078 1.00 28.27 ? 396 HOH A O     1 
HETATM 1474 O  O     . HOH F 6 .   ? -5.406  0.962   -15.430 1.00 22.72 ? 397 HOH A O     1 
HETATM 1475 O  O     . HOH F 6 .   ? 21.182  -2.111  -2.271  1.00 33.44 ? 398 HOH A O     1 
HETATM 1476 O  O     . HOH F 6 .   ? 3.928   2.220   20.479  1.00 29.14 ? 399 HOH A O     1 
HETATM 1477 O  O     . HOH F 6 .   ? 16.878  0.124   -7.322  1.00 24.87 ? 400 HOH A O     1 
HETATM 1478 O  O     . HOH F 6 .   ? -10.410 4.632   10.861  1.00 37.00 ? 401 HOH A O     1 
HETATM 1479 O  O     . HOH F 6 .   ? 7.721   -3.064  18.825  1.00 37.76 ? 402 HOH A O     1 
HETATM 1480 O  O     . HOH F 6 .   ? -1.341  -12.163 9.010   1.00 36.08 ? 403 HOH A O     1 
HETATM 1481 O  O     . HOH F 6 .   ? 16.137  0.984   16.539  1.00 37.03 ? 404 HOH A O     1 
HETATM 1482 O  O     . HOH F 6 .   ? -2.981  -17.699 -3.840  1.00 31.13 ? 405 HOH A O     1 
HETATM 1483 O  O     . HOH F 6 .   ? -6.519  15.357  7.554   1.00 38.08 ? 406 HOH A O     1 
HETATM 1484 O  O     . HOH F 6 .   ? -9.559  2.198   10.361  1.00 37.18 ? 407 HOH A O     1 
HETATM 1485 O  O     . HOH F 6 .   ? 16.753  4.692   -4.928  1.00 42.41 ? 408 HOH A O     1 
HETATM 1486 O  O     . HOH F 6 .   ? -16.445 5.889   2.487   1.00 40.75 ? 409 HOH A O     1 
HETATM 1487 O  O     . HOH F 6 .   ? 10.492  6.625   -11.325 1.00 36.15 ? 410 HOH A O     1 
HETATM 1488 O  O     . HOH F 6 .   ? 3.618   2.907   -14.527 1.00 27.82 ? 411 HOH A O     1 
HETATM 1489 O  O     . HOH F 6 .   ? 6.271   -11.730 -1.687  1.00 18.55 ? 412 HOH A O     1 
HETATM 1490 O  O     . HOH F 6 .   ? 9.106   12.926  -4.009  1.00 29.29 ? 413 HOH A O     1 
HETATM 1491 O  O     . HOH F 6 .   ? 15.544  8.808   -0.888  1.00 22.99 ? 414 HOH A O     1 
HETATM 1492 O  O     . HOH F 6 .   ? 21.016  -1.862  1.177   1.00 29.16 ? 415 HOH A O     1 
HETATM 1493 O  O     . HOH F 6 .   ? 0.293   9.078   16.284  1.00 25.28 ? 416 HOH A O     1 
HETATM 1494 O  O     . HOH F 6 .   ? 4.046   -1.863  -16.030 1.00 29.57 ? 417 HOH A O     1 
HETATM 1495 O  O     . HOH F 6 .   ? -15.529 11.632  3.892   1.00 29.23 ? 418 HOH A O     1 
HETATM 1496 O  O     . HOH F 6 .   ? 16.643  11.695  6.942   1.00 39.99 ? 419 HOH A O     1 
HETATM 1497 O  O     . HOH F 6 .   ? 4.745   8.400   16.399  1.00 24.86 ? 420 HOH A O     1 
HETATM 1498 O  O     . HOH F 6 .   ? 8.803   3.378   -18.467 1.00 29.26 ? 421 HOH A O     1 
HETATM 1499 O  O     . HOH F 6 .   ? 15.207  11.400  11.569  1.00 36.09 ? 422 HOH A O     1 
HETATM 1500 O  O     . HOH F 6 .   ? 4.440   6.634   17.814  1.00 26.33 ? 423 HOH A O     1 
HETATM 1501 O  O     . HOH F 6 .   ? 16.239  11.037  1.346   1.00 40.49 ? 424 HOH A O     1 
HETATM 1502 O  O     . HOH F 6 .   ? 4.077   16.468  -5.366  1.00 27.89 ? 425 HOH A O     1 
HETATM 1503 O  O     . HOH F 6 .   ? 2.646   11.415  -13.041 1.00 27.59 ? 426 HOH A O     1 
HETATM 1504 O  O     . HOH F 6 .   ? -0.480  16.504  3.900   1.00 33.52 ? 427 HOH A O     1 
HETATM 1505 O  O     . HOH F 6 .   ? 11.423  6.318   -6.211  1.00 20.44 ? 428 HOH A O     1 
HETATM 1506 O  O     . HOH F 6 .   ? -7.290  2.390   11.321  1.00 34.95 ? 429 HOH A O     1 
HETATM 1507 O  O     . HOH F 6 .   ? 11.634  5.440   -16.877 1.00 32.18 ? 430 HOH A O     1 
HETATM 1508 O  O     . HOH F 6 .   ? -13.014 -1.195  -7.172  1.00 30.47 ? 431 HOH A O     1 
HETATM 1509 O  O     . HOH F 6 .   ? -2.964  1.064   20.112  1.00 37.42 ? 432 HOH A O     1 
HETATM 1510 O  O     . HOH F 6 .   ? 8.109   0.012   -17.229 1.00 22.86 ? 433 HOH A O     1 
HETATM 1511 O  O     . HOH F 6 .   ? -15.108 -1.086  5.217   1.00 35.82 ? 434 HOH A O     1 
HETATM 1512 O  O     . HOH F 6 .   ? 7.492   9.671   -15.718 1.00 43.38 ? 435 HOH A O     1 
HETATM 1513 O  O     . HOH F 6 .   ? -0.802  -13.746 7.035   1.00 36.77 ? 436 HOH A O     1 
HETATM 1514 O  O     . HOH F 6 .   ? -9.398  -14.897 7.602   1.00 38.93 ? 437 HOH A O     1 
HETATM 1515 O  O     . HOH F 6 .   ? -2.840  -22.158 -0.600  1.00 40.71 ? 438 HOH A O     1 
HETATM 1516 O  O     . HOH F 6 .   ? 2.451   7.976   17.436  1.00 35.10 ? 439 HOH A O     1 
HETATM 1517 O  O     . HOH F 6 .   ? 13.491  3.499   17.442  1.00 38.85 ? 440 HOH A O     1 
HETATM 1518 O  O     . HOH F 6 .   ? -11.255 -2.481  10.618  1.00 43.10 ? 441 HOH A O     1 
HETATM 1519 O  O     . HOH F 6 .   ? 17.314  5.824   -2.139  1.00 31.98 ? 442 HOH A O     1 
HETATM 1520 O  O     . HOH F 6 .   ? -4.663  -8.661  -13.450 1.00 37.58 ? 443 HOH A O     1 
HETATM 1521 O  O     . HOH F 6 .   ? -5.310  -15.492 -9.838  1.00 24.06 ? 444 HOH A O     1 
HETATM 1522 O  O     . HOH F 6 .   ? -3.703  5.030   -15.652 1.00 24.84 ? 445 HOH A O     1 
HETATM 1523 O  O     . HOH F 6 .   ? 3.001   12.351  -15.424 1.00 32.34 ? 446 HOH A O     1 
HETATM 1524 O  O     . HOH F 6 .   ? -15.126 12.258  0.017   1.00 29.96 ? 447 HOH A O     1 
HETATM 1525 O  O     . HOH F 6 .   ? -18.781 4.352   -1.802  1.00 27.84 ? 448 HOH A O     1 
HETATM 1526 O  O     . HOH F 6 .   ? -2.593  15.808  8.641   1.00 32.27 ? 449 HOH A O     1 
HETATM 1527 O  O     . HOH F 6 .   ? -4.543  -6.260  -13.682 1.00 40.62 ? 450 HOH A O     1 
HETATM 1528 O  O     . HOH F 6 .   ? -13.294 -20.722 -3.448  1.00 25.57 ? 451 HOH A O     1 
HETATM 1529 O  O     . HOH F 6 .   ? 4.225   -15.969 -1.527  1.00 32.15 ? 452 HOH A O     1 
HETATM 1530 O  O     . HOH F 6 .   ? -12.142 14.778  -7.405  1.00 24.97 ? 453 HOH A O     1 
HETATM 1531 O  O     . HOH F 6 .   ? -6.865  16.197  3.877   1.00 37.82 ? 454 HOH A O     1 
HETATM 1532 O  O     . HOH F 6 .   ? 7.732   -14.173 5.728   1.00 42.00 ? 455 HOH A O     1 
HETATM 1533 O  O     . HOH F 6 .   ? -15.569 6.918   -6.573  1.00 26.25 ? 456 HOH A O     1 
HETATM 1534 O  O     . HOH F 6 .   ? 24.838  0.972   -3.230  1.00 41.85 ? 457 HOH A O     1 
HETATM 1535 O  O     . HOH F 6 .   ? -2.566  -15.657 -6.813  1.00 35.02 ? 458 HOH A O     1 
HETATM 1536 O  O     . HOH F 6 .   ? 4.170   15.756  4.631   1.00 28.81 ? 459 HOH A O     1 
HETATM 1537 O  O     . HOH F 6 .   ? -13.592 -3.414  -12.595 1.00 35.70 ? 460 HOH A O     1 
HETATM 1538 O  O     . HOH F 6 .   ? -7.210  9.843   -10.868 1.00 36.67 ? 461 HOH A O     1 
HETATM 1539 O  O     . HOH F 6 .   ? 21.453  7.972   3.020   1.00 19.87 ? 462 HOH A O     1 
HETATM 1540 O  O     . HOH F 6 .   ? -18.854 0.696   11.752  1.00 41.09 ? 463 HOH A O     1 
HETATM 1541 O  O     . HOH F 6 .   ? 3.547   13.837  9.190   1.00 11.17 ? 464 HOH A O     1 
HETATM 1542 O  O     . HOH F 6 .   ? 14.329  -4.190  9.958   1.00 28.12 ? 465 HOH A O     1 
HETATM 1543 O  O     . HOH F 6 .   ? 16.658  -2.184  10.870  1.00 20.19 ? 466 HOH A O     1 
HETATM 1544 O  O     . HOH F 6 .   ? 13.314  5.462   -14.913 1.00 22.07 ? 467 HOH A O     1 
HETATM 1545 O  O     . HOH F 6 .   ? 7.332   17.623  2.470   1.00 22.07 ? 468 HOH A O     1 
HETATM 1546 O  O     . HOH F 6 .   ? 12.020  16.908  1.773   1.00 40.18 ? 469 HOH A O     1 
HETATM 1547 O  O     . HOH F 6 .   ? -4.075  10.196  -7.649  1.00 20.71 ? 470 HOH A O     1 
HETATM 1548 O  O     . HOH F 6 .   ? 18.294  -4.937  2.855   1.00 36.44 ? 471 HOH A O     1 
HETATM 1549 O  O     . HOH F 6 .   ? 8.889   -0.472  18.252  1.00 33.54 ? 472 HOH A O     1 
HETATM 1550 O  O     . HOH F 6 .   ? -17.467 -0.310  -0.651  1.00 35.10 ? 473 HOH A O     1 
HETATM 1551 O  O     . HOH F 6 .   ? 13.822  6.576   15.770  1.00 37.77 ? 474 HOH A O     1 
HETATM 1552 O  O     . HOH F 6 .   ? -16.963 8.568   -4.817  1.00 30.25 ? 475 HOH A O     1 
HETATM 1553 O  O     . HOH F 6 .   ? 3.312   -11.740 -15.104 1.00 29.49 ? 476 HOH A O     1 
HETATM 1554 O  O     . HOH F 6 .   ? -15.496 -0.037  3.097   1.00 41.05 ? 477 HOH A O     1 
HETATM 1555 O  O     . HOH F 6 .   ? -6.074  18.504  7.582   1.00 41.97 ? 478 HOH A O     1 
HETATM 1556 O  O     . HOH F 6 .   ? -9.470  5.669   13.219  1.00 29.41 ? 479 HOH A O     1 
HETATM 1557 O  O     . HOH F 6 .   ? -4.686  11.905  14.084  1.00 40.40 ? 480 HOH A O     1 
HETATM 1558 O  O     . HOH F 6 .   ? -9.605  15.274  4.385   1.00 42.12 ? 481 HOH A O     1 
HETATM 1559 O  O     . HOH F 6 .   ? 7.486   -11.846 6.664   1.00 35.61 ? 482 HOH A O     1 
HETATM 1560 O  O     . HOH F 6 .   ? 16.715  4.364   12.644  1.00 36.39 ? 483 HOH A O     1 
HETATM 1561 O  O     . HOH F 6 .   ? -7.833  3.836   14.235  1.00 29.38 ? 484 HOH A O     1 
HETATM 1562 O  O     . HOH F 6 .   ? 1.684   -1.387  -11.627 1.00 25.35 ? 485 HOH A O     1 
HETATM 1563 O  O     . HOH F 6 .   ? -16.788 -23.268 3.546   1.00 38.29 ? 486 HOH A O     1 
HETATM 1564 O  O     . HOH F 6 .   ? -5.203  12.038  -18.129 1.00 27.88 ? 487 HOH A O     1 
HETATM 1565 O  O     . HOH F 6 .   ? -0.593  6.570   -18.283 1.00 31.69 ? 488 HOH A O     1 
HETATM 1566 O  O     . HOH F 6 .   ? 6.075   -12.059 -16.319 1.00 35.80 ? 489 HOH A O     1 
HETATM 1567 O  O     . HOH F 6 .   ? -0.262  15.707  10.566  1.00 33.31 ? 490 HOH A O     1 
HETATM 1568 O  O     . HOH F 6 .   ? 7.268   13.942  -7.894  1.00 37.48 ? 491 HOH A O     1 
HETATM 1569 O  O     . HOH F 6 .   ? -13.009 -10.545 0.809   1.00 25.50 ? 492 HOH A O     1 
HETATM 1570 O  O     . HOH F 6 .   ? -12.081 9.223   12.672  1.00 38.08 ? 493 HOH A O     1 
HETATM 1571 O  O     . HOH F 6 .   ? -10.762 16.420  7.510   1.00 37.63 ? 494 HOH A O     1 
HETATM 1572 O  O     . HOH F 6 .   ? -11.760 -8.954  -13.497 1.00 38.67 ? 495 HOH A O     1 
HETATM 1573 O  O     . HOH F 6 .   ? -13.191 -0.496  12.734  1.00 37.93 ? 496 HOH A O     1 
HETATM 1574 O  O     . HOH F 6 .   ? 12.645  9.856   -3.883  1.00 32.11 ? 497 HOH A O     1 
HETATM 1575 O  O     . HOH F 6 .   ? 10.860  -8.761  -12.906 1.00 34.65 ? 498 HOH A O     1 
HETATM 1576 O  O     . HOH F 6 .   ? 5.994   -0.302  -15.958 1.00 30.81 ? 499 HOH A O     1 
HETATM 1577 O  O     . HOH F 6 .   ? 4.469   1.682   -18.584 1.00 29.67 ? 500 HOH A O     1 
HETATM 1578 O  O     . HOH F 6 .   ? 3.607   8.924   -17.033 1.00 36.40 ? 501 HOH A O     1 
HETATM 1579 O  O     . HOH F 6 .   ? -4.352  2.831   -16.635 1.00 34.40 ? 502 HOH A O     1 
HETATM 1580 O  O     . HOH F 6 .   ? 1.838   15.721  3.949   1.00 43.90 ? 503 HOH A O     1 
HETATM 1581 O  O     . HOH F 6 .   ? 5.657   14.364  -5.593  1.00 33.51 ? 504 HOH A O     1 
HETATM 1582 O  O     . HOH F 6 .   ? 5.616   15.015  -11.307 1.00 39.27 ? 505 HOH A O     1 
HETATM 1583 O  O     . HOH F 6 .   ? 0.108   20.573  -6.314  1.00 37.71 ? 506 HOH A O     1 
HETATM 1584 O  O     . HOH F 6 .   ? -5.450  16.474  -11.771 1.00 41.36 ? 507 HOH A O     1 
HETATM 1585 O  O     . HOH F 6 .   ? -6.603  4.872   15.926  1.00 28.80 ? 508 HOH A O     1 
HETATM 1586 O  O     . HOH F 6 .   ? 19.561  -5.413  -0.012  1.00 40.40 ? 509 HOH A O     1 
HETATM 1587 O  O     . HOH F 6 .   ? 17.463  4.892   15.642  1.00 41.90 ? 510 HOH A O     1 
HETATM 1588 O  O     . HOH F 6 .   ? -17.831 7.328   5.230   1.00 40.80 ? 511 HOH A O     1 
HETATM 1589 O  O     . HOH F 6 .   ? -7.295  10.132  13.273  1.00 39.39 ? 512 HOH A O     1 
HETATM 1590 O  O     . HOH F 6 .   ? -14.589 11.540  10.905  1.00 36.40 ? 513 HOH A O     1 
HETATM 1591 O  O     . HOH F 6 .   ? -1.596  11.525  -20.520 1.00 38.04 ? 514 HOH A O     1 
HETATM 1592 O  O     . HOH F 6 .   ? 1.548   10.606  -21.308 1.00 37.33 ? 515 HOH A O     1 
HETATM 1593 O  O     . HOH F 6 .   ? -11.104 14.171  2.903   1.00 34.39 ? 516 HOH A O     1 
HETATM 1594 O  O     . HOH F 6 .   ? 6.318   -15.763 4.265   1.00 41.04 ? 517 HOH A O     1 
HETATM 1595 O  O     . HOH F 6 .   ? -11.100 -4.695  11.690  1.00 42.26 ? 518 HOH A O     1 
HETATM 1596 O  O     . HOH F 6 .   ? 24.294  5.088   -5.433  1.00 39.32 ? 519 HOH A O     1 
HETATM 1597 O  O     . HOH F 6 .   ? -19.084 -17.587 -1.710  1.00 35.37 ? 520 HOH A O     1 
HETATM 1598 O  O     . HOH F 6 .   ? -2.725  4.985   20.633  1.00 38.21 ? 521 HOH A O     1 
HETATM 1599 O  O     . HOH F 6 .   ? 19.529  -1.551  -6.088  1.00 39.16 ? 522 HOH A O     1 
HETATM 1600 O  O     . HOH F 6 .   ? -19.554 11.123  0.020   1.00 39.54 ? 523 HOH A O     1 
HETATM 1601 O  O     . HOH F 6 .   ? -6.057  -12.050 -12.126 1.00 32.79 ? 524 HOH A O     1 
HETATM 1602 O  O     . HOH F 6 .   ? -16.045 -4.506  -2.644  1.00 30.74 ? 525 HOH A O     1 
HETATM 1603 O  O     . HOH F 6 .   ? -20.423 -18.124 -6.247  1.00 41.29 ? 526 HOH A O     1 
HETATM 1604 O  O     . HOH F 6 .   ? -18.798 5.107   1.216   1.00 37.06 ? 527 HOH A O     1 
HETATM 1605 O  O     . HOH F 6 .   ? -3.523  19.403  1.345   1.00 36.82 ? 528 HOH A O     1 
HETATM 1606 O  O     . HOH F 6 .   ? -3.241  14.201  -17.676 1.00 33.36 ? 529 HOH A O     1 
HETATM 1607 O  O     . HOH F 6 .   ? -9.505  15.569  -12.936 1.00 40.30 ? 530 HOH A O     1 
HETATM 1608 O  O     . HOH F 6 .   ? 0.157   -13.261 -11.676 1.00 37.41 ? 531 HOH A O     1 
HETATM 1609 O  O     . HOH F 6 .   ? -5.156  20.189  -8.118  1.00 40.74 ? 532 HOH A O     1 
HETATM 1610 O  O     . HOH F 6 .   ? 13.984  -6.182  -13.184 1.00 41.93 ? 533 HOH A O     1 
HETATM 1611 O  O     . HOH F 6 .   ? 3.495   16.628  1.740   1.00 34.98 ? 534 HOH A O     1 
HETATM 1612 O  O     . HOH F 6 .   ? 8.767   15.468  -3.949  1.00 39.77 ? 535 HOH A O     1 
HETATM 1613 O  O     . HOH F 6 .   ? -18.434 0.119   1.831   1.00 39.97 ? 536 HOH A O     1 
HETATM 1614 O  O     . HOH F 6 .   ? 1.776   11.987  14.038  1.00 32.92 ? 537 HOH A O     1 
HETATM 1615 O  O     . HOH F 6 .   ? 22.063  0.348   -3.163  1.00 42.63 ? 538 HOH A O     1 
HETATM 1616 O  O     . HOH F 6 .   ? 20.665  2.429   -4.675  1.00 37.78 ? 539 HOH A O     1 
HETATM 1617 O  O     . HOH F 6 .   ? -3.637  10.211  -19.294 1.00 39.15 ? 540 HOH A O     1 
HETATM 1618 O  O     . HOH F 6 .   ? -4.208  -12.446 10.872  1.00 42.04 ? 541 HOH A O     1 
HETATM 1619 O  O     . HOH F 6 .   ? 7.344   -4.490  -9.260  1.00 34.63 ? 542 HOH A O     1 
HETATM 1620 O  O     . HOH F 6 .   ? -10.535 -13.060 6.047   1.00 39.72 ? 543 HOH A O     1 
HETATM 1621 O  O     . HOH F 6 .   ? -11.783 -13.956 4.224   1.00 41.73 ? 544 HOH A O     1 
HETATM 1622 O  O     . HOH F 6 .   ? -14.912 -10.952 6.308   1.00 42.46 ? 545 HOH A O     1 
HETATM 1623 O  O     . HOH F 6 .   ? -0.667  1.346   -16.009 1.00 40.49 ? 546 HOH A O     1 
HETATM 1624 O  O     . HOH F 6 .   ? -19.986 7.324   1.427   1.00 39.42 ? 547 HOH A O     1 
HETATM 1625 O  O     . HOH F 6 .   ? -1.174  17.303  1.196   1.00 39.13 ? 548 HOH A O     1 
HETATM 1626 O  O     . HOH F 6 .   ? 11.653  -7.550  10.866  1.00 41.66 ? 549 HOH A O     1 
HETATM 1627 O  O     . HOH F 6 .   ? 18.296  2.180   16.916  1.00 41.13 ? 550 HOH A O     1 
# 
loop_
_pdbx_poly_seq_scheme.asym_id 
_pdbx_poly_seq_scheme.entity_id 
_pdbx_poly_seq_scheme.seq_id 
_pdbx_poly_seq_scheme.mon_id 
_pdbx_poly_seq_scheme.ndb_seq_num 
_pdbx_poly_seq_scheme.pdb_seq_num 
_pdbx_poly_seq_scheme.auth_seq_num 
_pdbx_poly_seq_scheme.pdb_mon_id 
_pdbx_poly_seq_scheme.auth_mon_id 
_pdbx_poly_seq_scheme.pdb_strand_id 
_pdbx_poly_seq_scheme.pdb_ins_code 
_pdbx_poly_seq_scheme.hetero 
A 1 1   GLY 1   15  15  GLY GLY A . n 
A 1 2   ASN 2   16  16  ASN ASN A . n 
A 1 3   LYS 3   17  17  LYS LYS A . n 
A 1 4   ILE 4   18  18  ILE ILE A . n 
A 1 5   CYS 5   19  19  CYS CYS A . n 
A 1 6   GLN 6   20  20  GLN GLN A . n 
A 1 7   PHE 7   21  21  PHE PHE A . n 
A 1 8   LYS 8   22  22  LYS LYS A . n 
A 1 9   LEU 9   23  23  LEU LEU A . n 
A 1 10  VAL 10  24  24  VAL VAL A . n 
A 1 11  LEU 11  25  25  LEU LEU A . n 
A 1 12  LEU 12  26  26  LEU LEU A . n 
A 1 13  GLY 13  27  27  GLY GLY A . n 
A 1 14  GLU 14  28  28  GLU GLU A . n 
A 1 15  SER 15  29  29  SER SER A . n 
A 1 16  PRO 16  30  30  PRO PRO A . n 
A 1 17  VAL 17  31  31  VAL VAL A . n 
A 1 18  GLY 18  32  32  GLY GLY A . n 
A 1 19  LYS 19  33  33  LYS LYS A . n 
A 1 20  SER 20  34  34  SER SER A . n 
A 1 21  SER 21  35  35  SER SER A . n 
A 1 22  LEU 22  36  36  LEU LEU A . n 
A 1 23  VAL 23  37  37  VAL VAL A . n 
A 1 24  LEU 24  38  38  LEU LEU A . n 
A 1 25  ARG 25  39  39  ARG ARG A . n 
A 1 26  PHE 26  40  40  PHE PHE A . n 
A 1 27  VAL 27  41  41  VAL VAL A . n 
A 1 28  LYS 28  42  42  LYS LYS A . n 
A 1 29  GLY 29  43  43  GLY GLY A . n 
A 1 30  GLN 30  44  44  GLN GLN A . n 
A 1 31  PHE 31  45  45  PHE PHE A . n 
A 1 32  HIS 32  46  46  HIS HIS A . n 
A 1 33  GLU 33  47  47  GLU GLU A . n 
A 1 34  PHE 34  48  48  PHE PHE A . n 
A 1 35  GLN 35  49  49  GLN GLN A . n 
A 1 36  GLU 36  50  50  GLU GLU A . n 
A 1 37  SER 37  51  51  SER SER A . n 
A 1 38  THR 38  52  52  THR THR A . n 
A 1 39  ILE 39  53  53  ILE ILE A . n 
A 1 40  GLY 40  54  54  GLY GLY A . n 
A 1 41  ALA 41  55  55  ALA ALA A . n 
A 1 42  ALA 42  56  56  ALA ALA A . n 
A 1 43  PHE 43  57  57  PHE PHE A . n 
A 1 44  LEU 44  58  58  LEU LEU A . n 
A 1 45  THR 45  59  59  THR THR A . n 
A 1 46  GLN 46  60  60  GLN GLN A . n 
A 1 47  THR 47  61  61  THR THR A . n 
A 1 48  VAL 48  62  62  VAL VAL A . n 
A 1 49  CYS 49  63  63  CYS CYS A . n 
A 1 50  LEU 50  64  64  LEU LEU A . n 
A 1 51  ASP 51  65  65  ASP ASP A . n 
A 1 52  ASP 52  66  66  ASP ASP A . n 
A 1 53  THR 53  67  67  THR THR A . n 
A 1 54  THR 54  68  68  THR THR A . n 
A 1 55  VAL 55  69  69  VAL VAL A . n 
A 1 56  LYS 56  70  70  LYS LYS A . n 
A 1 57  PHE 57  71  71  PHE PHE A . n 
A 1 58  GLU 58  72  72  GLU GLU A . n 
A 1 59  ILE 59  73  73  ILE ILE A . n 
A 1 60  TRP 60  74  74  TRP TRP A . n 
A 1 61  ASP 61  75  75  ASP ASP A . n 
A 1 62  THR 62  76  76  THR THR A . n 
A 1 63  ALA 63  77  77  ALA ALA A . n 
A 1 64  GLY 64  78  78  GLY GLY A . n 
A 1 65  GLN 65  79  79  GLN GLN A . n 
A 1 66  GLU 66  80  80  GLU GLU A . n 
A 1 67  ARG 67  81  81  ARG ARG A . n 
A 1 68  TYR 68  82  82  TYR TYR A . n 
A 1 69  HIS 69  83  83  HIS HIS A . n 
A 1 70  SER 70  84  84  SER SER A . n 
A 1 71  LEU 71  85  85  LEU LEU A . n 
A 1 72  ALA 72  86  86  ALA ALA A . n 
A 1 73  PRO 73  87  87  PRO PRO A . n 
A 1 74  MET 74  88  88  MET MET A . n 
A 1 75  TYR 75  89  89  TYR TYR A . n 
A 1 76  TYR 76  90  90  TYR TYR A . n 
A 1 77  ARG 77  91  91  ARG ARG A . n 
A 1 78  GLY 78  92  92  GLY GLY A . n 
A 1 79  ALA 79  93  93  ALA ALA A . n 
A 1 80  GLN 80  94  94  GLN GLN A . n 
A 1 81  ALA 81  95  95  ALA ALA A . n 
A 1 82  ALA 82  96  96  ALA ALA A . n 
A 1 83  ILE 83  97  97  ILE ILE A . n 
A 1 84  VAL 84  98  98  VAL VAL A . n 
A 1 85  VAL 85  99  99  VAL VAL A . n 
A 1 86  TYR 86  100 100 TYR TYR A . n 
A 1 87  ASP 87  101 101 ASP ASP A . n 
A 1 88  ILE 88  102 102 ILE ILE A . n 
A 1 89  THR 89  103 103 THR THR A . n 
A 1 90  ASN 90  104 104 ASN ASN A . n 
A 1 91  GLU 91  105 105 GLU GLU A . n 
A 1 92  GLU 92  106 106 GLU GLU A . n 
A 1 93  SER 93  107 107 SER SER A . n 
A 1 94  PHE 94  108 108 PHE PHE A . n 
A 1 95  ALA 95  109 109 ALA ALA A . n 
A 1 96  ARG 96  110 110 ARG ARG A . n 
A 1 97  ALA 97  111 111 ALA ALA A . n 
A 1 98  LYS 98  112 112 LYS LYS A . n 
A 1 99  ASN 99  113 113 ASN ASN A . n 
A 1 100 TRP 100 114 114 TRP TRP A . n 
A 1 101 VAL 101 115 115 VAL VAL A . n 
A 1 102 LYS 102 116 116 LYS LYS A . n 
A 1 103 GLU 103 117 117 GLU GLU A . n 
A 1 104 LEU 104 118 118 LEU LEU A . n 
A 1 105 GLN 105 119 119 GLN GLN A . n 
A 1 106 ARG 106 120 120 ARG ARG A . n 
A 1 107 GLN 107 121 121 GLN GLN A . n 
A 1 108 ALA 108 122 122 ALA ALA A . n 
A 1 109 SER 109 123 123 SER SER A . n 
A 1 110 PRO 110 124 124 PRO PRO A . n 
A 1 111 ASN 111 125 125 ASN ASN A . n 
A 1 112 ILE 112 126 126 ILE ILE A . n 
A 1 113 VAL 113 127 127 VAL VAL A . n 
A 1 114 ILE 114 128 128 ILE ILE A . n 
A 1 115 ALA 115 129 129 ALA ALA A . n 
A 1 116 LEU 116 130 130 LEU LEU A . n 
A 1 117 SER 117 131 131 SER SER A . n 
A 1 118 GLY 118 132 132 GLY GLY A . n 
A 1 119 ASN 119 133 133 ASN ASN A . n 
A 1 120 LYS 120 134 134 LYS LYS A . n 
A 1 121 ALA 121 135 135 ALA ALA A . n 
A 1 122 ASP 122 136 136 ASP ASP A . n 
A 1 123 LEU 123 137 137 LEU LEU A . n 
A 1 124 ALA 124 138 138 ALA ALA A . n 
A 1 125 ASN 125 139 139 ASN ASN A . n 
A 1 126 LYS 126 140 140 LYS LYS A . n 
A 1 127 ARG 127 141 141 ARG ARG A . n 
A 1 128 ALA 128 142 142 ALA ALA A . n 
A 1 129 VAL 129 143 143 VAL VAL A . n 
A 1 130 ASP 130 144 144 ASP ASP A . n 
A 1 131 PHE 131 145 145 PHE PHE A . n 
A 1 132 GLN 132 146 146 GLN GLN A . n 
A 1 133 GLU 133 147 147 GLU GLU A . n 
A 1 134 ALA 134 148 148 ALA ALA A . n 
A 1 135 GLN 135 149 149 GLN GLN A . n 
A 1 136 SER 136 150 150 SER SER A . n 
A 1 137 TYR 137 151 151 TYR TYR A . n 
A 1 138 ALA 138 152 152 ALA ALA A . n 
A 1 139 ASP 139 153 153 ASP ASP A . n 
A 1 140 ASP 140 154 154 ASP ASP A . n 
A 1 141 ASN 141 155 155 ASN ASN A . n 
A 1 142 SER 142 156 156 SER SER A . n 
A 1 143 LEU 143 157 157 LEU LEU A . n 
A 1 144 LEU 144 158 158 LEU LEU A . n 
A 1 145 PHE 145 159 159 PHE PHE A . n 
A 1 146 MET 146 160 160 MET MET A . n 
A 1 147 GLU 147 161 161 GLU GLU A . n 
A 1 148 THR 148 162 162 THR THR A . n 
A 1 149 SER 149 163 163 SER SER A . n 
A 1 150 ALA 150 164 164 ALA ALA A . n 
A 1 151 LYS 151 165 165 LYS LYS A . n 
A 1 152 THR 152 166 166 THR THR A . n 
A 1 153 SER 153 167 167 SER SER A . n 
A 1 154 MET 154 168 168 MET MET A . n 
A 1 155 ASN 155 169 169 ASN ASN A . n 
A 1 156 VAL 156 170 170 VAL VAL A . n 
A 1 157 ASN 157 171 171 ASN ASN A . n 
A 1 158 GLU 158 172 172 GLU GLU A . n 
A 1 159 ILE 159 173 173 ILE ILE A . n 
A 1 160 PHE 160 174 174 PHE PHE A . n 
A 1 161 MET 161 175 175 MET MET A . n 
A 1 162 ALA 162 176 176 ALA ALA A . n 
A 1 163 ILE 163 177 177 ILE ILE A . n 
A 1 164 ALA 164 178 178 ALA ALA A . n 
A 1 165 LYS 165 179 179 LYS LYS A . n 
A 1 166 LYS 166 180 180 LYS LYS A . n 
A 1 167 LEU 167 181 181 LEU LEU A . n 
A 1 168 PRO 168 182 ?   ?   ?   A . n 
A 1 169 LYS 169 183 ?   ?   ?   A . n 
A 1 170 ASN 170 184 ?   ?   ?   A . n 
# 
loop_
_pdbx_nonpoly_scheme.asym_id 
_pdbx_nonpoly_scheme.entity_id 
_pdbx_nonpoly_scheme.mon_id 
_pdbx_nonpoly_scheme.ndb_seq_num 
_pdbx_nonpoly_scheme.pdb_seq_num 
_pdbx_nonpoly_scheme.auth_seq_num 
_pdbx_nonpoly_scheme.pdb_mon_id 
_pdbx_nonpoly_scheme.auth_mon_id 
_pdbx_nonpoly_scheme.pdb_strand_id 
_pdbx_nonpoly_scheme.pdb_ins_code 
B 2 MG  1   201 201 MG  MG2 A . 
C 3 GDP 1   200 200 GDP GDP A . 
D 4 AF3 1   202 202 AF3 AL3 A . 
E 5 BME 1   210 210 BME BME A . 
F 6 HOH 1   301 301 HOH WAT A . 
F 6 HOH 2   302 302 HOH WAT A . 
F 6 HOH 3   303 303 HOH WAT A . 
F 6 HOH 4   304 304 HOH WAT A . 
F 6 HOH 5   305 305 HOH WAT A . 
F 6 HOH 6   306 306 HOH WAT A . 
F 6 HOH 7   307 307 HOH WAT A . 
F 6 HOH 8   308 308 HOH WAT A . 
F 6 HOH 9   309 309 HOH WAT A . 
F 6 HOH 10  310 310 HOH WAT A . 
F 6 HOH 11  311 311 HOH WAT A . 
F 6 HOH 12  312 312 HOH WAT A . 
F 6 HOH 13  313 313 HOH WAT A . 
F 6 HOH 14  314 314 HOH WAT A . 
F 6 HOH 15  315 315 HOH WAT A . 
F 6 HOH 16  316 316 HOH WAT A . 
F 6 HOH 17  317 317 HOH WAT A . 
F 6 HOH 18  318 318 HOH WAT A . 
F 6 HOH 19  319 319 HOH WAT A . 
F 6 HOH 20  320 320 HOH WAT A . 
F 6 HOH 21  321 321 HOH WAT A . 
F 6 HOH 22  322 322 HOH WAT A . 
F 6 HOH 23  323 323 HOH WAT A . 
F 6 HOH 24  324 324 HOH WAT A . 
F 6 HOH 25  325 325 HOH WAT A . 
F 6 HOH 26  326 326 HOH WAT A . 
F 6 HOH 27  327 327 HOH WAT A . 
F 6 HOH 28  328 328 HOH WAT A . 
F 6 HOH 29  329 329 HOH WAT A . 
F 6 HOH 30  330 330 HOH WAT A . 
F 6 HOH 31  331 331 HOH WAT A . 
F 6 HOH 32  332 332 HOH WAT A . 
F 6 HOH 33  333 333 HOH WAT A . 
F 6 HOH 34  334 334 HOH WAT A . 
F 6 HOH 35  335 335 HOH WAT A . 
F 6 HOH 36  336 336 HOH WAT A . 
F 6 HOH 37  337 337 HOH WAT A . 
F 6 HOH 38  338 338 HOH WAT A . 
F 6 HOH 39  339 339 HOH WAT A . 
F 6 HOH 40  340 340 HOH WAT A . 
F 6 HOH 41  341 341 HOH WAT A . 
F 6 HOH 42  342 342 HOH WAT A . 
F 6 HOH 43  343 343 HOH WAT A . 
F 6 HOH 44  344 344 HOH WAT A . 
F 6 HOH 45  345 345 HOH WAT A . 
F 6 HOH 46  346 346 HOH WAT A . 
F 6 HOH 47  347 347 HOH WAT A . 
F 6 HOH 48  348 348 HOH WAT A . 
F 6 HOH 49  349 349 HOH WAT A . 
F 6 HOH 50  350 350 HOH WAT A . 
F 6 HOH 51  351 351 HOH WAT A . 
F 6 HOH 52  352 352 HOH WAT A . 
F 6 HOH 53  353 353 HOH WAT A . 
F 6 HOH 54  354 354 HOH WAT A . 
F 6 HOH 55  355 355 HOH WAT A . 
F 6 HOH 56  356 356 HOH WAT A . 
F 6 HOH 57  357 357 HOH WAT A . 
F 6 HOH 58  358 358 HOH WAT A . 
F 6 HOH 59  359 359 HOH WAT A . 
F 6 HOH 60  360 360 HOH WAT A . 
F 6 HOH 61  361 361 HOH WAT A . 
F 6 HOH 62  362 362 HOH WAT A . 
F 6 HOH 63  363 363 HOH WAT A . 
F 6 HOH 64  364 364 HOH WAT A . 
F 6 HOH 65  365 365 HOH WAT A . 
F 6 HOH 66  366 366 HOH WAT A . 
F 6 HOH 67  367 367 HOH WAT A . 
F 6 HOH 68  368 368 HOH WAT A . 
F 6 HOH 69  369 369 HOH WAT A . 
F 6 HOH 70  370 370 HOH WAT A . 
F 6 HOH 71  371 371 HOH WAT A . 
F 6 HOH 72  372 372 HOH WAT A . 
F 6 HOH 73  373 373 HOH WAT A . 
F 6 HOH 74  374 374 HOH WAT A . 
F 6 HOH 75  375 375 HOH WAT A . 
F 6 HOH 76  376 376 HOH WAT A . 
F 6 HOH 77  377 377 HOH WAT A . 
F 6 HOH 78  378 378 HOH WAT A . 
F 6 HOH 79  379 379 HOH WAT A . 
F 6 HOH 80  380 380 HOH WAT A . 
F 6 HOH 81  381 381 HOH WAT A . 
F 6 HOH 82  382 382 HOH WAT A . 
F 6 HOH 83  383 383 HOH WAT A . 
F 6 HOH 84  384 384 HOH WAT A . 
F 6 HOH 85  385 385 HOH WAT A . 
F 6 HOH 86  386 386 HOH WAT A . 
F 6 HOH 87  387 387 HOH WAT A . 
F 6 HOH 88  388 388 HOH WAT A . 
F 6 HOH 89  389 389 HOH WAT A . 
F 6 HOH 90  390 390 HOH WAT A . 
F 6 HOH 91  391 391 HOH WAT A . 
F 6 HOH 92  392 392 HOH WAT A . 
F 6 HOH 93  393 393 HOH WAT A . 
F 6 HOH 94  394 394 HOH WAT A . 
F 6 HOH 95  395 395 HOH WAT A . 
F 6 HOH 96  396 396 HOH WAT A . 
F 6 HOH 97  397 397 HOH WAT A . 
F 6 HOH 98  398 398 HOH WAT A . 
F 6 HOH 99  399 399 HOH WAT A . 
F 6 HOH 100 400 400 HOH WAT A . 
F 6 HOH 101 401 401 HOH WAT A . 
F 6 HOH 102 402 402 HOH WAT A . 
F 6 HOH 103 403 403 HOH WAT A . 
F 6 HOH 104 404 404 HOH WAT A . 
F 6 HOH 105 405 405 HOH WAT A . 
F 6 HOH 106 406 406 HOH WAT A . 
F 6 HOH 107 407 407 HOH WAT A . 
F 6 HOH 108 408 408 HOH WAT A . 
F 6 HOH 109 409 409 HOH WAT A . 
F 6 HOH 110 410 410 HOH WAT A . 
F 6 HOH 111 411 411 HOH WAT A . 
F 6 HOH 112 412 412 HOH WAT A . 
F 6 HOH 113 413 413 HOH WAT A . 
F 6 HOH 114 414 414 HOH WAT A . 
F 6 HOH 115 415 415 HOH WAT A . 
F 6 HOH 116 416 416 HOH WAT A . 
F 6 HOH 117 417 417 HOH WAT A . 
F 6 HOH 118 418 418 HOH WAT A . 
F 6 HOH 119 419 419 HOH WAT A . 
F 6 HOH 120 420 420 HOH WAT A . 
F 6 HOH 121 421 421 HOH WAT A . 
F 6 HOH 122 422 422 HOH WAT A . 
F 6 HOH 123 423 423 HOH WAT A . 
F 6 HOH 124 424 424 HOH WAT A . 
F 6 HOH 125 425 425 HOH WAT A . 
F 6 HOH 126 426 426 HOH WAT A . 
F 6 HOH 127 427 427 HOH WAT A . 
F 6 HOH 128 428 428 HOH WAT A . 
F 6 HOH 129 429 429 HOH WAT A . 
F 6 HOH 130 430 430 HOH WAT A . 
F 6 HOH 131 431 431 HOH WAT A . 
F 6 HOH 132 432 432 HOH WAT A . 
F 6 HOH 133 433 433 HOH WAT A . 
F 6 HOH 134 434 434 HOH WAT A . 
F 6 HOH 135 435 435 HOH WAT A . 
F 6 HOH 136 436 436 HOH WAT A . 
F 6 HOH 137 437 437 HOH WAT A . 
F 6 HOH 138 438 438 HOH WAT A . 
F 6 HOH 139 439 439 HOH WAT A . 
F 6 HOH 140 440 440 HOH WAT A . 
F 6 HOH 141 441 441 HOH WAT A . 
F 6 HOH 142 442 442 HOH WAT A . 
F 6 HOH 143 443 443 HOH WAT A . 
F 6 HOH 144 444 444 HOH WAT A . 
F 6 HOH 145 445 445 HOH WAT A . 
F 6 HOH 146 446 446 HOH WAT A . 
F 6 HOH 147 447 447 HOH WAT A . 
F 6 HOH 148 448 448 HOH WAT A . 
F 6 HOH 149 449 449 HOH WAT A . 
F 6 HOH 150 450 450 HOH WAT A . 
F 6 HOH 151 451 451 HOH WAT A . 
F 6 HOH 152 452 452 HOH WAT A . 
F 6 HOH 153 453 453 HOH WAT A . 
F 6 HOH 154 454 454 HOH WAT A . 
F 6 HOH 155 455 455 HOH WAT A . 
F 6 HOH 156 456 456 HOH WAT A . 
F 6 HOH 157 457 457 HOH WAT A . 
F 6 HOH 158 458 458 HOH WAT A . 
F 6 HOH 159 459 459 HOH WAT A . 
F 6 HOH 160 460 460 HOH WAT A . 
F 6 HOH 161 461 461 HOH WAT A . 
F 6 HOH 162 462 462 HOH WAT A . 
F 6 HOH 163 463 463 HOH WAT A . 
F 6 HOH 164 464 464 HOH WAT A . 
F 6 HOH 165 465 465 HOH WAT A . 
F 6 HOH 166 466 466 HOH WAT A . 
F 6 HOH 167 467 467 HOH WAT A . 
F 6 HOH 168 468 468 HOH WAT A . 
F 6 HOH 169 469 469 HOH WAT A . 
F 6 HOH 170 470 470 HOH WAT A . 
F 6 HOH 171 471 471 HOH WAT A . 
F 6 HOH 172 472 472 HOH WAT A . 
F 6 HOH 173 473 473 HOH WAT A . 
F 6 HOH 174 474 474 HOH WAT A . 
F 6 HOH 175 475 475 HOH WAT A . 
F 6 HOH 176 476 476 HOH WAT A . 
F 6 HOH 177 477 477 HOH WAT A . 
F 6 HOH 178 478 478 HOH WAT A . 
F 6 HOH 179 479 479 HOH WAT A . 
F 6 HOH 180 480 480 HOH WAT A . 
F 6 HOH 181 481 481 HOH WAT A . 
F 6 HOH 182 482 482 HOH WAT A . 
F 6 HOH 183 483 483 HOH WAT A . 
F 6 HOH 184 484 484 HOH WAT A . 
F 6 HOH 185 485 485 HOH WAT A . 
F 6 HOH 186 486 486 HOH WAT A . 
F 6 HOH 187 487 487 HOH WAT A . 
F 6 HOH 188 488 488 HOH WAT A . 
F 6 HOH 189 489 489 HOH WAT A . 
F 6 HOH 190 490 490 HOH WAT A . 
F 6 HOH 191 491 491 HOH WAT A . 
F 6 HOH 192 492 492 HOH WAT A . 
F 6 HOH 193 493 493 HOH WAT A . 
F 6 HOH 194 494 494 HOH WAT A . 
F 6 HOH 195 495 495 HOH WAT A . 
F 6 HOH 196 496 496 HOH WAT A . 
F 6 HOH 197 497 497 HOH WAT A . 
F 6 HOH 198 498 498 HOH WAT A . 
F 6 HOH 199 499 499 HOH WAT A . 
F 6 HOH 200 500 500 HOH WAT A . 
F 6 HOH 201 501 501 HOH WAT A . 
F 6 HOH 202 502 502 HOH WAT A . 
F 6 HOH 203 503 503 HOH WAT A . 
F 6 HOH 204 504 504 HOH WAT A . 
F 6 HOH 205 505 505 HOH WAT A . 
F 6 HOH 206 506 506 HOH WAT A . 
F 6 HOH 207 507 507 HOH WAT A . 
F 6 HOH 208 508 508 HOH WAT A . 
F 6 HOH 209 509 509 HOH WAT A . 
F 6 HOH 210 510 510 HOH WAT A . 
F 6 HOH 211 511 511 HOH WAT A . 
F 6 HOH 212 512 512 HOH WAT A . 
F 6 HOH 213 513 513 HOH WAT A . 
F 6 HOH 214 514 514 HOH WAT A . 
F 6 HOH 215 515 515 HOH WAT A . 
F 6 HOH 216 516 516 HOH WAT A . 
F 6 HOH 217 517 517 HOH WAT A . 
F 6 HOH 218 518 518 HOH WAT A . 
F 6 HOH 219 519 519 HOH WAT A . 
F 6 HOH 220 520 520 HOH WAT A . 
F 6 HOH 221 521 521 HOH WAT A . 
F 6 HOH 222 522 522 HOH WAT A . 
F 6 HOH 223 523 523 HOH WAT A . 
F 6 HOH 224 524 524 HOH WAT A . 
F 6 HOH 225 525 525 HOH WAT A . 
F 6 HOH 226 526 526 HOH WAT A . 
F 6 HOH 227 527 527 HOH WAT A . 
F 6 HOH 228 528 528 HOH WAT A . 
F 6 HOH 229 529 529 HOH WAT A . 
F 6 HOH 230 530 530 HOH WAT A . 
F 6 HOH 231 531 531 HOH WAT A . 
F 6 HOH 232 532 532 HOH WAT A . 
F 6 HOH 233 533 533 HOH WAT A . 
F 6 HOH 234 534 534 HOH WAT A . 
F 6 HOH 235 535 535 HOH WAT A . 
F 6 HOH 236 536 536 HOH WAT A . 
F 6 HOH 237 537 537 HOH WAT A . 
F 6 HOH 238 538 538 HOH WAT A . 
F 6 HOH 239 539 539 HOH WAT A . 
F 6 HOH 240 540 540 HOH WAT A . 
F 6 HOH 241 541 541 HOH WAT A . 
F 6 HOH 242 542 542 HOH WAT A . 
F 6 HOH 243 543 543 HOH WAT A . 
F 6 HOH 244 544 544 HOH WAT A . 
F 6 HOH 245 545 545 HOH WAT A . 
F 6 HOH 246 546 546 HOH WAT A . 
F 6 HOH 247 547 547 HOH WAT A . 
F 6 HOH 248 548 548 HOH WAT A . 
F 6 HOH 249 549 549 HOH WAT A . 
F 6 HOH 250 550 550 HOH WAT A . 
# 
_pdbx_struct_assembly.id                   1 
_pdbx_struct_assembly.details              author_defined_assembly 
_pdbx_struct_assembly.method_details       ? 
_pdbx_struct_assembly.oligomeric_details   monomeric 
_pdbx_struct_assembly.oligomeric_count     1 
# 
_pdbx_struct_assembly_gen.assembly_id       1 
_pdbx_struct_assembly_gen.oper_expression   1 
_pdbx_struct_assembly_gen.asym_id_list      A,B,C,D,E,F 
# 
_pdbx_struct_oper_list.id                   1 
_pdbx_struct_oper_list.type                 'identity operation' 
_pdbx_struct_oper_list.name                 1_555 
_pdbx_struct_oper_list.symmetry_operation   x,y,z 
_pdbx_struct_oper_list.matrix[1][1]         1.0000000000 
_pdbx_struct_oper_list.matrix[1][2]         0.0000000000 
_pdbx_struct_oper_list.matrix[1][3]         0.0000000000 
_pdbx_struct_oper_list.vector[1]            0.0000000000 
_pdbx_struct_oper_list.matrix[2][1]         0.0000000000 
_pdbx_struct_oper_list.matrix[2][2]         1.0000000000 
_pdbx_struct_oper_list.matrix[2][3]         0.0000000000 
_pdbx_struct_oper_list.vector[2]            0.0000000000 
_pdbx_struct_oper_list.matrix[3][1]         0.0000000000 
_pdbx_struct_oper_list.matrix[3][2]         0.0000000000 
_pdbx_struct_oper_list.matrix[3][3]         1.0000000000 
_pdbx_struct_oper_list.vector[3]            0.0000000000 
# 
loop_
_pdbx_struct_conn_angle.id 
_pdbx_struct_conn_angle.ptnr1_label_atom_id 
_pdbx_struct_conn_angle.ptnr1_label_alt_id 
_pdbx_struct_conn_angle.ptnr1_label_asym_id 
_pdbx_struct_conn_angle.ptnr1_label_comp_id 
_pdbx_struct_conn_angle.ptnr1_label_seq_id 
_pdbx_struct_conn_angle.ptnr1_auth_atom_id 
_pdbx_struct_conn_angle.ptnr1_auth_asym_id 
_pdbx_struct_conn_angle.ptnr1_auth_comp_id 
_pdbx_struct_conn_angle.ptnr1_auth_seq_id 
_pdbx_struct_conn_angle.ptnr1_PDB_ins_code 
_pdbx_struct_conn_angle.ptnr1_symmetry 
_pdbx_struct_conn_angle.ptnr2_label_atom_id 
_pdbx_struct_conn_angle.ptnr2_label_alt_id 
_pdbx_struct_conn_angle.ptnr2_label_asym_id 
_pdbx_struct_conn_angle.ptnr2_label_comp_id 
_pdbx_struct_conn_angle.ptnr2_label_seq_id 
_pdbx_struct_conn_angle.ptnr2_auth_atom_id 
_pdbx_struct_conn_angle.ptnr2_auth_asym_id 
_pdbx_struct_conn_angle.ptnr2_auth_comp_id 
_pdbx_struct_conn_angle.ptnr2_auth_seq_id 
_pdbx_struct_conn_angle.ptnr2_PDB_ins_code 
_pdbx_struct_conn_angle.ptnr2_symmetry 
_pdbx_struct_conn_angle.ptnr3_label_atom_id 
_pdbx_struct_conn_angle.ptnr3_label_alt_id 
_pdbx_struct_conn_angle.ptnr3_label_asym_id 
_pdbx_struct_conn_angle.ptnr3_label_comp_id 
_pdbx_struct_conn_angle.ptnr3_label_seq_id 
_pdbx_struct_conn_angle.ptnr3_auth_atom_id 
_pdbx_struct_conn_angle.ptnr3_auth_asym_id 
_pdbx_struct_conn_angle.ptnr3_auth_comp_id 
_pdbx_struct_conn_angle.ptnr3_auth_seq_id 
_pdbx_struct_conn_angle.ptnr3_PDB_ins_code 
_pdbx_struct_conn_angle.ptnr3_symmetry 
_pdbx_struct_conn_angle.value 
_pdbx_struct_conn_angle.value_esd 
1  OG  ? A SER 15 ? A SER 29  ? 1_555 AL ? D AF3 . ? A AF3 202 ? 1_555 F1  ? D AF3 .  ? A AF3 202 ? 1_555 85.9  ? 
2  OG  ? A SER 15 ? A SER 29  ? 1_555 AL ? D AF3 . ? A AF3 202 ? 1_555 F2  ? D AF3 .  ? A AF3 202 ? 1_555 165.6 ? 
3  F1  ? D AF3 .  ? A AF3 202 ? 1_555 AL ? D AF3 . ? A AF3 202 ? 1_555 F2  ? D AF3 .  ? A AF3 202 ? 1_555 100.4 ? 
4  OG  ? A SER 15 ? A SER 29  ? 1_555 AL ? D AF3 . ? A AF3 202 ? 1_555 F3  ? D AF3 .  ? A AF3 202 ? 1_555 72.8  ? 
5  F1  ? D AF3 .  ? A AF3 202 ? 1_555 AL ? D AF3 . ? A AF3 202 ? 1_555 F3  ? D AF3 .  ? A AF3 202 ? 1_555 158.5 ? 
6  F2  ? D AF3 .  ? A AF3 202 ? 1_555 AL ? D AF3 . ? A AF3 202 ? 1_555 F3  ? D AF3 .  ? A AF3 202 ? 1_555 99.9  ? 
7  OG  ? A SER 15 ? A SER 29  ? 1_555 AL ? D AF3 . ? A AF3 202 ? 1_555 O2B ? C GDP .  ? A GDP 200 ? 1_555 95.0  ? 
8  F1  ? D AF3 .  ? A AF3 202 ? 1_555 AL ? D AF3 . ? A AF3 202 ? 1_555 O2B ? C GDP .  ? A GDP 200 ? 1_555 98.5  ? 
9  F2  ? D AF3 .  ? A AF3 202 ? 1_555 AL ? D AF3 . ? A AF3 202 ? 1_555 O2B ? C GDP .  ? A GDP 200 ? 1_555 96.9  ? 
10 F3  ? D AF3 .  ? A AF3 202 ? 1_555 AL ? D AF3 . ? A AF3 202 ? 1_555 O2B ? C GDP .  ? A GDP 200 ? 1_555 85.9  ? 
11 OG  ? A SER 15 ? A SER 29  ? 1_555 AL ? D AF3 . ? A AF3 202 ? 1_555 O3B ? C GDP .  ? A GDP 200 ? 1_555 135.8 ? 
12 F1  ? D AF3 .  ? A AF3 202 ? 1_555 AL ? D AF3 . ? A AF3 202 ? 1_555 O3B ? C GDP .  ? A GDP 200 ? 1_555 88.0  ? 
13 F2  ? D AF3 .  ? A AF3 202 ? 1_555 AL ? D AF3 . ? A AF3 202 ? 1_555 O3B ? C GDP .  ? A GDP 200 ? 1_555 58.0  ? 
14 F3  ? D AF3 .  ? A AF3 202 ? 1_555 AL ? D AF3 . ? A AF3 202 ? 1_555 O3B ? C GDP .  ? A GDP 200 ? 1_555 108.7 ? 
15 O2B ? C GDP .  ? A GDP 200 ? 1_555 AL ? D AF3 . ? A AF3 202 ? 1_555 O3B ? C GDP .  ? A GDP 200 ? 1_555 42.9  ? 
16 OG  ? A SER 15 ? A SER 29  ? 1_555 AL ? D AF3 . ? A AF3 202 ? 1_555 O   ? F HOH .  ? A HOH 303 ? 1_555 84.0  ? 
17 F1  ? D AF3 .  ? A AF3 202 ? 1_555 AL ? D AF3 . ? A AF3 202 ? 1_555 O   ? F HOH .  ? A HOH 303 ? 1_555 91.0  ? 
18 F2  ? D AF3 .  ? A AF3 202 ? 1_555 AL ? D AF3 . ? A AF3 202 ? 1_555 O   ? F HOH .  ? A HOH 303 ? 1_555 82.9  ? 
19 F3  ? D AF3 .  ? A AF3 202 ? 1_555 AL ? D AF3 . ? A AF3 202 ? 1_555 O   ? F HOH .  ? A HOH 303 ? 1_555 84.7  ? 
20 O2B ? C GDP .  ? A GDP 200 ? 1_555 AL ? D AF3 . ? A AF3 202 ? 1_555 O   ? F HOH .  ? A HOH 303 ? 1_555 170.4 ? 
21 O3B ? C GDP .  ? A GDP 200 ? 1_555 AL ? D AF3 . ? A AF3 202 ? 1_555 O   ? F HOH .  ? A HOH 303 ? 1_555 139.9 ? 
22 OG  ? A SER 20 ? A SER 34  ? 1_555 MG ? B MG  . ? A MG  201 ? 1_555 OG1 ? A THR 38 ? A THR 52  ? 1_555 81.4  ? 
23 OG  ? A SER 20 ? A SER 34  ? 1_555 MG ? B MG  . ? A MG  201 ? 1_555 O3B ? C GDP .  ? A GDP 200 ? 1_555 91.5  ? 
24 OG1 ? A THR 38 ? A THR 52  ? 1_555 MG ? B MG  . ? A MG  201 ? 1_555 O3B ? C GDP .  ? A GDP 200 ? 1_555 172.5 ? 
25 OG  ? A SER 20 ? A SER 34  ? 1_555 MG ? B MG  . ? A MG  201 ? 1_555 F2  ? D AF3 .  ? A AF3 202 ? 1_555 168.7 ? 
26 OG1 ? A THR 38 ? A THR 52  ? 1_555 MG ? B MG  . ? A MG  201 ? 1_555 F2  ? D AF3 .  ? A AF3 202 ? 1_555 87.5  ? 
27 O3B ? C GDP .  ? A GDP 200 ? 1_555 MG ? B MG  . ? A MG  201 ? 1_555 F2  ? D AF3 .  ? A AF3 202 ? 1_555 99.5  ? 
28 OG  ? A SER 20 ? A SER 34  ? 1_555 MG ? B MG  . ? A MG  201 ? 1_555 AL  ? D AF3 .  ? A AF3 202 ? 1_555 168.9 ? 
29 OG1 ? A THR 38 ? A THR 52  ? 1_555 MG ? B MG  . ? A MG  201 ? 1_555 AL  ? D AF3 .  ? A AF3 202 ? 1_555 109.7 ? 
30 O3B ? C GDP .  ? A GDP 200 ? 1_555 MG ? B MG  . ? A MG  201 ? 1_555 AL  ? D AF3 .  ? A AF3 202 ? 1_555 77.4  ? 
31 F2  ? D AF3 .  ? A AF3 202 ? 1_555 MG ? B MG  . ? A MG  201 ? 1_555 AL  ? D AF3 .  ? A AF3 202 ? 1_555 22.3  ? 
32 OG  ? A SER 20 ? A SER 34  ? 1_555 MG ? B MG  . ? A MG  201 ? 1_555 O   ? F HOH .  ? A HOH 301 ? 1_555 85.2  ? 
33 OG1 ? A THR 38 ? A THR 52  ? 1_555 MG ? B MG  . ? A MG  201 ? 1_555 O   ? F HOH .  ? A HOH 301 ? 1_555 90.5  ? 
34 O3B ? C GDP .  ? A GDP 200 ? 1_555 MG ? B MG  . ? A MG  201 ? 1_555 O   ? F HOH .  ? A HOH 301 ? 1_555 91.5  ? 
35 F2  ? D AF3 .  ? A AF3 202 ? 1_555 MG ? B MG  . ? A MG  201 ? 1_555 O   ? F HOH .  ? A HOH 301 ? 1_555 96.8  ? 
36 AL  ? D AF3 .  ? A AF3 202 ? 1_555 MG ? B MG  . ? A MG  201 ? 1_555 O   ? F HOH .  ? A HOH 301 ? 1_555 94.5  ? 
37 OG  ? A SER 20 ? A SER 34  ? 1_555 MG ? B MG  . ? A MG  201 ? 1_555 O   ? F HOH .  ? A HOH 302 ? 1_555 88.3  ? 
38 OG1 ? A THR 38 ? A THR 52  ? 1_555 MG ? B MG  . ? A MG  201 ? 1_555 O   ? F HOH .  ? A HOH 302 ? 1_555 88.7  ? 
39 O3B ? C GDP .  ? A GDP 200 ? 1_555 MG ? B MG  . ? A MG  201 ? 1_555 O   ? F HOH .  ? A HOH 302 ? 1_555 88.5  ? 
40 F2  ? D AF3 .  ? A AF3 202 ? 1_555 MG ? B MG  . ? A MG  201 ? 1_555 O   ? F HOH .  ? A HOH 302 ? 1_555 89.6  ? 
41 AL  ? D AF3 .  ? A AF3 202 ? 1_555 MG ? B MG  . ? A MG  201 ? 1_555 O   ? F HOH .  ? A HOH 302 ? 1_555 91.8  ? 
42 O   ? F HOH .  ? A HOH 301 ? 1_555 MG ? B MG  . ? A MG  201 ? 1_555 O   ? F HOH .  ? A HOH 302 ? 1_555 173.5 ? 
# 
loop_
_pdbx_audit_revision_history.ordinal 
_pdbx_audit_revision_history.data_content_type 
_pdbx_audit_revision_history.major_revision 
_pdbx_audit_revision_history.minor_revision 
_pdbx_audit_revision_history.revision_date 
1 'Structure model' 1 0 2002-11-27 
2 'Structure model' 1 1 2008-04-28 
3 'Structure model' 1 2 2011-07-13 
4 'Structure model' 1 3 2021-07-21 
5 'Structure model' 1 4 2021-10-27 
# 
_pdbx_audit_revision_details.ordinal             1 
_pdbx_audit_revision_details.revision_ordinal    1 
_pdbx_audit_revision_details.data_content_type   'Structure model' 
_pdbx_audit_revision_details.provider            repository 
_pdbx_audit_revision_details.type                'Initial release' 
_pdbx_audit_revision_details.description         ? 
_pdbx_audit_revision_details.details             ? 
# 
loop_
_pdbx_audit_revision_group.ordinal 
_pdbx_audit_revision_group.revision_ordinal 
_pdbx_audit_revision_group.data_content_type 
_pdbx_audit_revision_group.group 
1 2 'Structure model' 'Version format compliance' 
2 3 'Structure model' 'Version format compliance' 
3 4 'Structure model' 'Derived calculations'      
4 4 'Structure model' 'Refinement description'    
5 5 'Structure model' 'Database references'       
# 
loop_
_pdbx_audit_revision_category.ordinal 
_pdbx_audit_revision_category.revision_ordinal 
_pdbx_audit_revision_category.data_content_type 
_pdbx_audit_revision_category.category 
1 4 'Structure model' pdbx_struct_conn_angle 
2 4 'Structure model' refine                 
3 4 'Structure model' struct_conn            
4 4 'Structure model' struct_site            
5 5 'Structure model' database_2             
6 5 'Structure model' struct_ref_seq_dif     
# 
loop_
_pdbx_audit_revision_item.ordinal 
_pdbx_audit_revision_item.revision_ordinal 
_pdbx_audit_revision_item.data_content_type 
_pdbx_audit_revision_item.item 
1  4 'Structure model' '_refine.ls_percent_reflns_obs'       
2  4 'Structure model' '_struct_conn.pdbx_dist_value'        
3  4 'Structure model' '_struct_conn.pdbx_leaving_atom_flag' 
4  4 'Structure model' '_struct_conn.ptnr1_auth_comp_id'     
5  4 'Structure model' '_struct_conn.ptnr1_auth_seq_id'      
6  4 'Structure model' '_struct_conn.ptnr1_label_asym_id'    
7  4 'Structure model' '_struct_conn.ptnr1_label_atom_id'    
8  4 'Structure model' '_struct_conn.ptnr1_label_comp_id'    
9  4 'Structure model' '_struct_conn.ptnr1_label_seq_id'     
10 4 'Structure model' '_struct_conn.ptnr2_auth_comp_id'     
11 4 'Structure model' '_struct_conn.ptnr2_auth_seq_id'      
12 4 'Structure model' '_struct_conn.ptnr2_label_asym_id'    
13 4 'Structure model' '_struct_conn.ptnr2_label_atom_id'    
14 4 'Structure model' '_struct_conn.ptnr2_label_comp_id'    
15 4 'Structure model' '_struct_conn.ptnr2_label_seq_id'     
16 4 'Structure model' '_struct_site.pdbx_auth_asym_id'      
17 4 'Structure model' '_struct_site.pdbx_auth_comp_id'      
18 4 'Structure model' '_struct_site.pdbx_auth_seq_id'       
19 5 'Structure model' '_database_2.pdbx_DOI'                
20 5 'Structure model' '_database_2.pdbx_database_accession' 
21 5 'Structure model' '_struct_ref_seq_dif.details'         
# 
loop_
_software.name 
_software.classification 
_software.version 
_software.citation_id 
_software.pdbx_ordinal 
DENZO     'data reduction' . ? 1 
SCALEPACK 'data scaling'   . ? 2 
CNS       refinement       . ? 3 
CNS       phasing          . ? 4 
# 
loop_
_pdbx_validate_torsion.id 
_pdbx_validate_torsion.PDB_model_num 
_pdbx_validate_torsion.auth_comp_id 
_pdbx_validate_torsion.auth_asym_id 
_pdbx_validate_torsion.auth_seq_id 
_pdbx_validate_torsion.PDB_ins_code 
_pdbx_validate_torsion.label_alt_id 
_pdbx_validate_torsion.phi 
_pdbx_validate_torsion.psi 
1 1 ASP A 65  ? ? 64.85 -107.13 
2 1 SER A 167 ? ? 93.07 -2.24   
3 1 ASN A 169 ? ? 56.68 15.83   
# 
loop_
_pdbx_unobs_or_zero_occ_residues.id 
_pdbx_unobs_or_zero_occ_residues.PDB_model_num 
_pdbx_unobs_or_zero_occ_residues.polymer_flag 
_pdbx_unobs_or_zero_occ_residues.occupancy_flag 
_pdbx_unobs_or_zero_occ_residues.auth_asym_id 
_pdbx_unobs_or_zero_occ_residues.auth_comp_id 
_pdbx_unobs_or_zero_occ_residues.auth_seq_id 
_pdbx_unobs_or_zero_occ_residues.PDB_ins_code 
_pdbx_unobs_or_zero_occ_residues.label_asym_id 
_pdbx_unobs_or_zero_occ_residues.label_comp_id 
_pdbx_unobs_or_zero_occ_residues.label_seq_id 
1 1 Y 1 A PRO 182 ? A PRO 168 
2 1 Y 1 A LYS 183 ? A LYS 169 
3 1 Y 1 A ASN 184 ? A ASN 170 
# 
loop_
_pdbx_entity_nonpoly.entity_id 
_pdbx_entity_nonpoly.name 
_pdbx_entity_nonpoly.comp_id 
2 'MAGNESIUM ION'            MG  
3 "GUANOSINE-5'-DIPHOSPHATE" GDP 
4 'ALUMINUM FLUORIDE'        AF3 
5 BETA-MERCAPTOETHANOL       BME 
6 water                      HOH 
# 
